data_1VFI
#
_entry.id   1VFI
#
_entity_poly.entity_id   1
_entity_poly.type   'polypeptide(L)'
_entity_poly.pdbx_seq_one_letter_code
;ISEFAPVDCKGQCTTPCEPLTACKEKCAESCETSADKKTCRRNCKKADCEPQDKVCDACRMKCHKACRAANCASECPKHE
HKSDTCRACMKTNCK
;
_entity_poly.pdbx_strand_id   A
#
# COMPACT_ATOMS: atom_id res chain seq x y z
N ILE A 1 -17.01 13.54 9.68
CA ILE A 1 -15.66 13.07 9.94
C ILE A 1 -14.85 14.20 10.56
N SER A 2 -14.17 13.88 11.66
CA SER A 2 -13.36 14.85 12.35
C SER A 2 -11.92 14.34 12.49
N GLU A 3 -11.04 15.24 12.88
CA GLU A 3 -9.64 14.90 13.05
C GLU A 3 -9.44 14.09 14.33
N PHE A 4 -9.56 12.78 14.20
CA PHE A 4 -9.39 11.89 15.33
C PHE A 4 -9.27 10.43 14.87
N ALA A 5 -8.97 9.57 15.83
CA ALA A 5 -8.83 8.15 15.54
C ALA A 5 -7.59 7.94 14.67
N PRO A 6 -7.16 6.65 14.59
CA PRO A 6 -6.00 6.31 13.79
C PRO A 6 -6.32 6.33 12.30
N VAL A 7 -5.29 6.55 11.50
CA VAL A 7 -5.46 6.61 10.06
C VAL A 7 -4.91 5.32 9.44
N ASP A 8 -5.42 5.01 8.25
CA ASP A 8 -4.99 3.81 7.55
C ASP A 8 -4.12 4.20 6.35
N CYS A 9 -3.75 3.20 5.58
CA CYS A 9 -2.93 3.43 4.40
C CYS A 9 -3.33 2.42 3.33
N LYS A 10 -3.36 1.15 3.74
CA LYS A 10 -3.72 0.08 2.82
C LYS A 10 -4.97 0.50 2.03
N GLY A 11 -6.03 0.80 2.77
CA GLY A 11 -7.27 1.20 2.15
C GLY A 11 -7.10 2.52 1.37
N GLN A 12 -6.30 3.40 1.95
CA GLN A 12 -6.04 4.69 1.32
C GLN A 12 -4.97 4.55 0.24
N CYS A 13 -5.25 3.71 -0.73
CA CYS A 13 -4.32 3.48 -1.82
C CYS A 13 -5.10 2.89 -3.00
N THR A 14 -6.20 3.53 -3.34
CA THR A 14 -7.04 3.08 -4.44
C THR A 14 -6.71 3.84 -5.71
N THR A 15 -6.45 5.13 -5.54
CA THR A 15 -6.12 5.99 -6.67
C THR A 15 -4.79 5.58 -7.29
N PRO A 16 -3.77 5.39 -6.40
CA PRO A 16 -2.46 4.99 -6.84
C PRO A 16 -2.43 3.50 -7.23
N CYS A 17 -3.45 2.80 -6.78
CA CYS A 17 -3.56 1.37 -7.08
C CYS A 17 -4.84 1.14 -7.86
N GLU A 18 -5.25 2.18 -8.59
CA GLU A 18 -6.46 2.09 -9.39
C GLU A 18 -6.21 1.27 -10.66
N PRO A 19 -5.11 1.65 -11.38
CA PRO A 19 -4.76 0.95 -12.60
C PRO A 19 -4.13 -0.41 -12.29
N LEU A 20 -3.45 -0.47 -11.15
CA LEU A 20 -2.80 -1.69 -10.73
C LEU A 20 -3.86 -2.77 -10.48
N THR A 21 -4.71 -2.49 -9.50
CA THR A 21 -5.77 -3.42 -9.15
C THR A 21 -6.49 -3.91 -10.40
N ALA A 22 -6.86 -2.95 -11.25
CA ALA A 22 -7.56 -3.26 -12.48
C ALA A 22 -6.72 -4.25 -13.29
N CYS A 23 -5.41 -4.09 -13.18
CA CYS A 23 -4.48 -4.96 -13.90
C CYS A 23 -4.60 -6.37 -13.33
N LYS A 24 -4.46 -6.45 -12.01
CA LYS A 24 -4.54 -7.74 -11.33
C LYS A 24 -5.90 -8.38 -11.63
N GLU A 25 -6.94 -7.57 -11.49
CA GLU A 25 -8.29 -8.05 -11.75
C GLU A 25 -8.40 -8.61 -13.16
N LYS A 26 -8.31 -7.70 -14.14
CA LYS A 26 -8.39 -8.09 -15.53
C LYS A 26 -7.64 -9.40 -15.73
N CYS A 27 -6.47 -9.49 -15.11
CA CYS A 27 -5.65 -10.68 -15.22
C CYS A 27 -6.36 -11.83 -14.51
N ALA A 28 -6.71 -11.58 -13.26
CA ALA A 28 -7.41 -12.59 -12.48
C ALA A 28 -8.44 -13.30 -13.36
N GLU A 29 -9.17 -12.50 -14.12
CA GLU A 29 -10.18 -13.03 -15.01
C GLU A 29 -9.55 -13.92 -16.08
N SER A 30 -8.59 -13.35 -16.79
CA SER A 30 -7.89 -14.07 -17.84
C SER A 30 -7.18 -15.30 -17.25
N CYS A 31 -6.89 -15.20 -15.96
CA CYS A 31 -6.23 -16.29 -15.27
C CYS A 31 -7.24 -16.97 -14.35
N GLU A 32 -8.37 -17.32 -14.92
CA GLU A 32 -9.43 -17.97 -14.16
C GLU A 32 -9.14 -19.47 -14.04
N THR A 33 -9.10 -19.93 -12.80
CA THR A 33 -8.83 -21.33 -12.53
C THR A 33 -7.66 -21.83 -13.37
N SER A 34 -6.75 -20.91 -13.66
CA SER A 34 -5.58 -21.24 -14.45
C SER A 34 -4.53 -21.93 -13.58
N ALA A 35 -3.73 -22.76 -14.22
CA ALA A 35 -2.68 -23.48 -13.52
C ALA A 35 -1.79 -22.49 -12.76
N ASP A 36 -1.88 -22.55 -11.45
CA ASP A 36 -1.10 -21.66 -10.61
C ASP A 36 -1.55 -20.22 -10.83
N LYS A 37 -2.79 -19.94 -10.44
CA LYS A 37 -3.34 -18.61 -10.59
C LYS A 37 -2.28 -17.57 -10.24
N LYS A 38 -1.78 -17.68 -9.01
CA LYS A 38 -0.76 -16.76 -8.53
C LYS A 38 0.26 -16.51 -9.65
N THR A 39 1.02 -17.55 -9.95
CA THR A 39 2.03 -17.46 -11.00
C THR A 39 1.47 -16.71 -12.21
N CYS A 40 0.37 -17.23 -12.73
CA CYS A 40 -0.26 -16.64 -13.89
C CYS A 40 -0.36 -15.13 -13.67
N ARG A 41 -1.13 -14.75 -12.66
CA ARG A 41 -1.32 -13.35 -12.33
C ARG A 41 0.04 -12.66 -12.21
N ARG A 42 0.93 -13.28 -11.44
CA ARG A 42 2.26 -12.74 -11.23
C ARG A 42 2.87 -12.32 -12.56
N ASN A 43 2.81 -13.23 -13.52
CA ASN A 43 3.36 -12.97 -14.85
C ASN A 43 2.56 -11.84 -15.50
N CYS A 44 1.26 -11.87 -15.28
CA CYS A 44 0.38 -10.86 -15.84
C CYS A 44 0.71 -9.51 -15.19
N LYS A 45 1.32 -9.59 -14.01
CA LYS A 45 1.69 -8.40 -13.28
C LYS A 45 2.90 -7.77 -13.95
N LYS A 46 3.59 -8.56 -14.75
CA LYS A 46 4.77 -8.08 -15.46
C LYS A 46 4.37 -7.62 -16.86
N ALA A 47 3.26 -8.17 -17.34
CA ALA A 47 2.77 -7.82 -18.66
C ALA A 47 2.79 -6.30 -18.83
N ASP A 48 2.03 -5.64 -17.96
CA ASP A 48 1.95 -4.19 -17.99
C ASP A 48 1.41 -3.67 -16.66
N CYS A 49 1.91 -4.29 -15.59
CA CYS A 49 1.49 -3.90 -14.25
C CYS A 49 2.74 -3.65 -13.41
N GLU A 50 3.82 -3.31 -14.10
CA GLU A 50 5.08 -3.03 -13.44
C GLU A 50 5.07 -1.62 -12.84
N PRO A 51 4.68 -0.64 -13.69
CA PRO A 51 4.62 0.74 -13.25
C PRO A 51 3.41 0.99 -12.36
N GLN A 52 2.31 0.34 -12.71
CA GLN A 52 1.08 0.48 -11.96
C GLN A 52 1.30 0.01 -10.51
N ASP A 53 1.92 -1.15 -10.39
CA ASP A 53 2.19 -1.71 -9.09
C ASP A 53 3.09 -0.76 -8.30
N LYS A 54 4.07 -0.22 -8.99
CA LYS A 54 5.01 0.71 -8.37
C LYS A 54 4.23 1.87 -7.75
N VAL A 55 3.40 2.50 -8.57
CA VAL A 55 2.60 3.62 -8.10
C VAL A 55 1.94 3.26 -6.77
N CYS A 56 1.58 1.99 -6.66
CA CYS A 56 0.94 1.49 -5.45
C CYS A 56 1.91 1.68 -4.28
N ASP A 57 3.02 0.97 -4.37
CA ASP A 57 4.04 1.04 -3.33
C ASP A 57 4.22 2.50 -2.91
N ALA A 58 4.48 3.34 -3.89
CA ALA A 58 4.68 4.75 -3.64
C ALA A 58 3.65 5.24 -2.61
N CYS A 59 2.39 4.95 -2.90
CA CYS A 59 1.31 5.33 -2.02
C CYS A 59 1.63 4.82 -0.62
N ARG A 60 1.82 3.50 -0.54
CA ARG A 60 2.12 2.88 0.73
C ARG A 60 3.38 3.50 1.35
N MET A 61 4.26 3.98 0.48
CA MET A 61 5.49 4.60 0.92
C MET A 61 5.23 6.02 1.45
N LYS A 62 4.47 6.76 0.67
CA LYS A 62 4.14 8.13 1.03
C LYS A 62 3.25 8.13 2.28
N CYS A 63 2.13 7.43 2.15
CA CYS A 63 1.18 7.33 3.25
C CYS A 63 1.97 7.09 4.55
N HIS A 64 2.87 6.13 4.48
CA HIS A 64 3.70 5.79 5.63
C HIS A 64 4.23 7.08 6.27
N LYS A 65 4.80 7.93 5.43
CA LYS A 65 5.35 9.19 5.91
C LYS A 65 4.20 10.15 6.22
N ALA A 66 3.32 10.32 5.24
CA ALA A 66 2.18 11.21 5.40
C ALA A 66 1.55 10.96 6.77
N CYS A 67 1.38 9.69 7.09
CA CYS A 67 0.78 9.31 8.36
C CYS A 67 1.64 9.90 9.49
N ARG A 68 2.90 9.47 9.52
CA ARG A 68 3.83 9.93 10.53
C ARG A 68 3.67 11.45 10.73
N ALA A 69 3.89 12.18 9.65
CA ALA A 69 3.80 13.63 9.69
C ALA A 69 2.37 14.02 10.13
N ALA A 70 1.43 13.18 9.75
CA ALA A 70 0.03 13.43 10.08
C ALA A 70 -0.20 13.09 11.56
N ASN A 71 -0.64 11.86 11.79
CA ASN A 71 -0.89 11.40 13.16
C ASN A 71 0.20 11.92 14.07
N CYS A 72 1.37 11.32 13.94
CA CYS A 72 2.52 11.71 14.75
C CYS A 72 2.99 13.09 14.29
N ALA A 73 3.93 13.64 15.05
CA ALA A 73 4.47 14.96 14.73
C ALA A 73 5.57 15.31 15.74
N SER A 74 5.24 15.10 17.01
CA SER A 74 6.19 15.39 18.08
C SER A 74 7.08 14.17 18.33
N GLU A 75 6.51 13.00 18.13
CA GLU A 75 7.23 11.76 18.33
C GLU A 75 8.24 11.55 17.21
N CYS A 76 8.07 12.32 16.15
CA CYS A 76 8.95 12.23 15.00
C CYS A 76 9.21 13.64 14.48
N PRO A 77 10.45 14.13 14.72
CA PRO A 77 10.83 15.46 14.28
C PRO A 77 11.08 15.48 12.77
N LYS A 78 11.60 16.62 12.31
CA LYS A 78 11.90 16.78 10.89
C LYS A 78 12.85 15.67 10.43
N HIS A 79 14.06 15.72 10.97
CA HIS A 79 15.07 14.73 10.63
C HIS A 79 15.31 13.81 11.82
N GLU A 80 15.10 12.52 11.59
CA GLU A 80 15.29 11.53 12.63
C GLU A 80 16.13 10.36 12.10
N HIS A 81 16.10 9.27 12.86
CA HIS A 81 16.85 8.08 12.48
C HIS A 81 16.26 6.86 13.20
N LYS A 82 15.07 6.48 12.77
CA LYS A 82 14.39 5.33 13.35
C LYS A 82 14.24 5.55 14.86
N SER A 83 13.55 6.64 15.20
CA SER A 83 13.32 6.98 16.59
C SER A 83 12.37 5.96 17.22
N ASP A 84 12.68 5.60 18.46
CA ASP A 84 11.87 4.64 19.19
C ASP A 84 10.49 5.24 19.47
N THR A 85 10.51 6.42 20.08
CA THR A 85 9.28 7.11 20.40
C THR A 85 8.43 7.29 19.15
N CYS A 86 9.09 7.21 18.01
CA CYS A 86 8.41 7.38 16.73
C CYS A 86 7.74 6.05 16.38
N ARG A 87 8.57 5.03 16.21
CA ARG A 87 8.06 3.71 15.87
C ARG A 87 6.96 3.29 16.85
N ALA A 88 7.03 3.84 18.05
CA ALA A 88 6.05 3.54 19.07
C ALA A 88 4.79 4.35 18.82
N CYS A 89 4.99 5.58 18.35
CA CYS A 89 3.88 6.46 18.06
C CYS A 89 3.15 5.93 16.83
N MET A 90 3.91 5.76 15.75
CA MET A 90 3.35 5.26 14.52
C MET A 90 2.76 3.86 14.71
N LYS A 91 3.34 3.13 15.63
CA LYS A 91 2.88 1.78 15.92
C LYS A 91 1.44 1.83 16.42
N THR A 92 1.20 2.75 17.35
CA THR A 92 -0.12 2.92 17.91
C THR A 92 -1.00 3.77 16.99
N ASN A 93 -0.52 4.98 16.73
CA ASN A 93 -1.24 5.91 15.87
C ASN A 93 -1.45 5.26 14.50
N CYS A 94 -0.35 5.06 13.80
CA CYS A 94 -0.40 4.44 12.48
C CYS A 94 -0.73 2.96 12.65
N LYS A 95 -1.98 2.70 13.02
CA LYS A 95 -2.43 1.33 13.21
C LYS A 95 -1.87 0.45 12.09
N ILE A 1 -17.04 5.46 14.80
CA ILE A 1 -16.50 6.51 15.64
C ILE A 1 -15.31 5.99 16.42
N SER A 2 -14.32 6.86 16.59
CA SER A 2 -13.12 6.50 17.32
C SER A 2 -12.30 7.75 17.63
N GLU A 3 -11.39 7.60 18.58
CA GLU A 3 -10.55 8.71 19.00
C GLU A 3 -9.11 8.49 18.51
N PHE A 4 -8.53 7.40 18.96
CA PHE A 4 -7.16 7.06 18.57
C PHE A 4 -7.14 5.85 17.65
N ALA A 5 -6.53 6.04 16.49
CA ALA A 5 -6.42 4.96 15.52
C ALA A 5 -5.39 5.34 14.46
N PRO A 6 -5.00 4.32 13.65
CA PRO A 6 -4.02 4.53 12.59
C PRO A 6 -4.63 5.29 11.42
N VAL A 7 -3.94 5.23 10.29
CA VAL A 7 -4.41 5.90 9.08
C VAL A 7 -4.94 4.86 8.10
N ASP A 8 -4.42 3.65 8.22
CA ASP A 8 -4.85 2.56 7.35
C ASP A 8 -5.01 3.09 5.93
N CYS A 9 -3.90 3.12 5.20
CA CYS A 9 -3.90 3.60 3.84
C CYS A 9 -5.15 3.04 3.14
N LYS A 10 -5.09 1.74 2.84
CA LYS A 10 -6.20 1.09 2.18
C LYS A 10 -6.80 2.01 1.12
N GLY A 11 -7.97 2.55 1.44
CA GLY A 11 -8.65 3.45 0.54
C GLY A 11 -7.68 4.48 -0.06
N GLN A 12 -6.99 5.17 0.84
CA GLN A 12 -6.03 6.18 0.42
C GLN A 12 -5.19 5.66 -0.73
N CYS A 13 -5.05 4.34 -0.78
CA CYS A 13 -4.27 3.70 -1.84
C CYS A 13 -5.24 3.08 -2.83
N THR A 14 -6.11 3.92 -3.37
CA THR A 14 -7.10 3.47 -4.34
C THR A 14 -6.80 4.04 -5.72
N THR A 15 -6.48 5.33 -5.73
CA THR A 15 -6.17 6.02 -6.97
C THR A 15 -4.85 5.50 -7.54
N PRO A 16 -3.83 5.41 -6.66
CA PRO A 16 -2.52 4.94 -7.08
C PRO A 16 -2.52 3.42 -7.27
N CYS A 17 -3.61 2.80 -6.83
CA CYS A 17 -3.75 1.36 -6.95
C CYS A 17 -5.02 1.07 -7.74
N GLU A 18 -5.51 2.09 -8.43
CA GLU A 18 -6.72 1.96 -9.23
C GLU A 18 -6.45 1.12 -10.47
N PRO A 19 -5.38 1.53 -11.22
CA PRO A 19 -5.00 0.82 -12.43
C PRO A 19 -4.31 -0.50 -12.11
N LEU A 20 -3.50 -0.46 -11.06
CA LEU A 20 -2.77 -1.64 -10.64
C LEU A 20 -3.77 -2.77 -10.35
N THR A 21 -4.67 -2.50 -9.43
CA THR A 21 -5.68 -3.48 -9.06
C THR A 21 -6.38 -4.02 -10.30
N ALA A 22 -6.86 -3.10 -11.11
CA ALA A 22 -7.55 -3.46 -12.34
C ALA A 22 -6.67 -4.42 -13.15
N CYS A 23 -5.37 -4.21 -13.04
CA CYS A 23 -4.41 -5.04 -13.76
C CYS A 23 -4.52 -6.47 -13.21
N LYS A 24 -4.26 -6.60 -11.93
CA LYS A 24 -4.33 -7.89 -11.27
C LYS A 24 -5.67 -8.56 -11.62
N GLU A 25 -6.73 -7.79 -11.47
CA GLU A 25 -8.06 -8.29 -11.74
C GLU A 25 -8.14 -8.80 -13.19
N LYS A 26 -8.06 -7.87 -14.12
CA LYS A 26 -8.12 -8.21 -15.53
C LYS A 26 -7.34 -9.49 -15.77
N CYS A 27 -6.15 -9.55 -15.17
CA CYS A 27 -5.29 -10.71 -15.32
C CYS A 27 -5.99 -11.91 -14.68
N ALA A 28 -6.44 -11.70 -13.45
CA ALA A 28 -7.13 -12.74 -12.71
C ALA A 28 -8.15 -13.43 -13.64
N GLU A 29 -9.03 -12.62 -14.18
CA GLU A 29 -10.07 -13.13 -15.08
C GLU A 29 -9.42 -13.92 -16.22
N SER A 30 -8.58 -13.23 -16.97
CA SER A 30 -7.90 -13.86 -18.10
C SER A 30 -7.11 -15.08 -17.62
N CYS A 31 -6.88 -15.11 -16.32
CA CYS A 31 -6.13 -16.22 -15.72
C CYS A 31 -7.08 -16.99 -14.81
N GLU A 32 -8.19 -17.43 -15.39
CA GLU A 32 -9.19 -18.18 -14.63
C GLU A 32 -8.86 -19.67 -14.68
N THR A 33 -8.73 -20.24 -13.49
CA THR A 33 -8.42 -21.67 -13.37
C THR A 33 -7.27 -22.03 -14.31
N SER A 34 -6.39 -21.07 -14.52
CA SER A 34 -5.24 -21.28 -15.37
C SER A 34 -4.15 -22.07 -14.63
N ALA A 35 -4.55 -23.21 -14.09
CA ALA A 35 -3.63 -24.06 -13.35
C ALA A 35 -3.18 -23.32 -12.09
N ASP A 36 -2.25 -22.40 -12.29
CA ASP A 36 -1.72 -21.64 -11.18
C ASP A 36 -2.07 -20.15 -11.38
N LYS A 37 -3.34 -19.85 -11.16
CA LYS A 37 -3.83 -18.49 -11.30
C LYS A 37 -2.78 -17.52 -10.74
N LYS A 38 -2.44 -17.74 -9.48
CA LYS A 38 -1.46 -16.89 -8.81
C LYS A 38 -0.30 -16.61 -9.77
N THR A 39 0.45 -17.66 -10.06
CA THR A 39 1.59 -17.54 -10.96
C THR A 39 1.19 -16.74 -12.21
N CYS A 40 0.09 -17.15 -12.80
CA CYS A 40 -0.41 -16.49 -14.00
C CYS A 40 -0.45 -14.99 -13.74
N ARG A 41 -1.20 -14.63 -12.71
CA ARG A 41 -1.34 -13.23 -12.33
C ARG A 41 0.04 -12.62 -12.04
N ARG A 42 0.76 -13.28 -11.14
CA ARG A 42 2.08 -12.83 -10.75
C ARG A 42 2.89 -12.43 -11.99
N ASN A 43 2.82 -13.29 -13.00
CA ASN A 43 3.54 -13.03 -14.24
C ASN A 43 2.88 -11.87 -14.97
N CYS A 44 1.57 -11.76 -14.81
CA CYS A 44 0.82 -10.69 -15.45
C CYS A 44 1.19 -9.38 -14.77
N LYS A 45 1.65 -9.48 -13.54
CA LYS A 45 2.04 -8.30 -12.78
C LYS A 45 3.21 -7.61 -13.48
N LYS A 46 4.10 -8.44 -14.02
CA LYS A 46 5.27 -7.91 -14.72
C LYS A 46 4.94 -7.79 -16.20
N ALA A 47 3.78 -8.32 -16.57
CA ALA A 47 3.35 -8.27 -17.96
C ALA A 47 3.04 -6.81 -18.34
N ASP A 48 2.13 -6.22 -17.58
CA ASP A 48 1.74 -4.85 -17.83
C ASP A 48 1.17 -4.24 -16.55
N CYS A 49 1.90 -4.44 -15.46
CA CYS A 49 1.49 -3.93 -14.17
C CYS A 49 2.75 -3.57 -13.37
N GLU A 50 3.79 -3.21 -14.11
CA GLU A 50 5.05 -2.84 -13.48
C GLU A 50 4.98 -1.41 -12.94
N PRO A 51 4.51 -0.49 -13.83
CA PRO A 51 4.39 0.91 -13.45
C PRO A 51 3.18 1.12 -12.54
N GLN A 52 2.09 0.45 -12.88
CA GLN A 52 0.87 0.56 -12.11
C GLN A 52 1.13 0.17 -10.66
N ASP A 53 1.88 -0.90 -10.48
CA ASP A 53 2.21 -1.39 -9.15
C ASP A 53 3.05 -0.34 -8.42
N LYS A 54 3.92 0.31 -9.19
CA LYS A 54 4.79 1.33 -8.62
C LYS A 54 3.93 2.47 -8.08
N VAL A 55 3.11 3.03 -8.95
CA VAL A 55 2.23 4.13 -8.57
C VAL A 55 1.54 3.77 -7.25
N CYS A 56 1.30 2.49 -7.07
CA CYS A 56 0.65 2.01 -5.86
C CYS A 56 1.64 2.10 -4.70
N ASP A 57 2.73 1.37 -4.84
CA ASP A 57 3.76 1.37 -3.81
C ASP A 57 4.00 2.79 -3.33
N ALA A 58 4.17 3.70 -4.28
CA ALA A 58 4.39 5.09 -3.97
C ALA A 58 3.46 5.51 -2.83
N CYS A 59 2.18 5.20 -3.01
CA CYS A 59 1.18 5.54 -2.02
C CYS A 59 1.62 4.95 -0.67
N ARG A 60 1.58 3.63 -0.62
CA ARG A 60 1.98 2.93 0.61
C ARG A 60 3.28 3.51 1.15
N MET A 61 4.10 4.01 0.24
CA MET A 61 5.38 4.59 0.62
C MET A 61 5.19 6.01 1.17
N LYS A 62 4.21 6.71 0.61
CA LYS A 62 3.93 8.06 1.04
C LYS A 62 3.02 8.03 2.27
N CYS A 63 1.89 7.34 2.11
CA CYS A 63 0.93 7.22 3.20
C CYS A 63 1.70 6.97 4.49
N HIS A 64 2.69 6.09 4.40
CA HIS A 64 3.51 5.75 5.55
C HIS A 64 4.06 7.03 6.18
N LYS A 65 4.90 7.72 5.42
CA LYS A 65 5.49 8.95 5.89
C LYS A 65 4.39 9.97 6.21
N ALA A 66 3.55 10.19 5.21
CA ALA A 66 2.45 11.13 5.38
C ALA A 66 1.74 10.87 6.70
N CYS A 67 1.72 9.59 7.07
CA CYS A 67 1.09 9.19 8.32
C CYS A 67 1.99 9.60 9.48
N ARG A 68 3.27 9.28 9.33
CA ARG A 68 4.25 9.59 10.35
C ARG A 68 4.11 11.06 10.78
N ALA A 69 4.28 11.94 9.81
CA ALA A 69 4.17 13.37 10.07
C ALA A 69 2.77 13.69 10.57
N ALA A 70 1.78 13.06 9.94
CA ALA A 70 0.39 13.26 10.30
C ALA A 70 0.16 12.73 11.71
N ASN A 71 -0.18 11.45 11.79
CA ASN A 71 -0.43 10.81 13.07
C ASN A 71 0.60 11.30 14.09
N CYS A 72 1.85 10.90 13.86
CA CYS A 72 2.93 11.29 14.75
C CYS A 72 3.37 12.71 14.37
N ALA A 73 2.57 13.67 14.80
CA ALA A 73 2.87 15.07 14.52
C ALA A 73 3.78 15.62 15.61
N SER A 74 3.72 14.98 16.77
CA SER A 74 4.53 15.39 17.91
C SER A 74 5.62 14.36 18.18
N GLU A 75 5.21 13.09 18.15
CA GLU A 75 6.13 12.00 18.39
C GLU A 75 7.23 12.00 17.34
N CYS A 76 6.96 12.69 16.24
CA CYS A 76 7.93 12.78 15.15
C CYS A 76 7.96 14.22 14.65
N PRO A 77 8.99 14.98 15.12
CA PRO A 77 9.15 16.36 14.73
C PRO A 77 9.68 16.48 13.30
N LYS A 78 9.83 17.71 12.85
CA LYS A 78 10.32 17.97 11.51
C LYS A 78 11.85 18.07 11.54
N HIS A 79 12.47 17.05 12.12
CA HIS A 79 13.92 17.02 12.22
C HIS A 79 14.38 15.61 12.61
N GLU A 80 13.96 15.20 13.79
CA GLU A 80 14.31 13.88 14.29
C GLU A 80 13.47 12.80 13.60
N HIS A 81 14.16 11.79 13.10
CA HIS A 81 13.49 10.70 12.41
C HIS A 81 14.04 9.36 12.91
N LYS A 82 14.43 9.35 14.18
CA LYS A 82 14.97 8.15 14.79
C LYS A 82 14.75 8.20 16.30
N SER A 83 13.51 8.51 16.68
CA SER A 83 13.16 8.60 18.08
C SER A 83 12.25 7.43 18.46
N ASP A 84 12.54 6.84 19.62
CA ASP A 84 11.76 5.71 20.10
C ASP A 84 10.29 6.10 20.13
N THR A 85 10.02 7.28 20.65
CA THR A 85 8.66 7.78 20.74
C THR A 85 8.01 7.84 19.34
N CYS A 86 8.87 7.87 18.34
CA CYS A 86 8.42 7.92 16.96
C CYS A 86 8.21 6.49 16.47
N ARG A 87 9.31 5.76 16.39
CA ARG A 87 9.27 4.38 15.93
C ARG A 87 8.14 3.62 16.65
N ALA A 88 7.81 4.11 17.84
CA ALA A 88 6.76 3.48 18.63
C ALA A 88 5.40 3.92 18.09
N CYS A 89 5.21 5.23 18.05
CA CYS A 89 3.97 5.79 17.57
C CYS A 89 3.61 5.12 16.23
N MET A 90 4.51 5.28 15.27
CA MET A 90 4.31 4.69 13.97
C MET A 90 3.89 3.23 14.08
N LYS A 91 4.43 2.57 15.09
CA LYS A 91 4.13 1.16 15.32
C LYS A 91 2.63 0.95 15.16
N THR A 92 1.86 1.70 15.94
CA THR A 92 0.42 1.60 15.90
C THR A 92 -0.17 2.66 14.96
N ASN A 93 0.14 3.91 15.26
CA ASN A 93 -0.35 5.01 14.46
C ASN A 93 -0.23 4.65 12.98
N CYS A 94 1.00 4.37 12.57
CA CYS A 94 1.25 4.01 11.18
C CYS A 94 1.26 2.48 11.07
N LYS A 95 0.06 1.91 11.19
CA LYS A 95 -0.09 0.47 11.10
C LYS A 95 0.74 -0.06 9.93
N ILE A 1 -14.87 12.44 8.14
CA ILE A 1 -15.37 11.41 9.05
C ILE A 1 -14.51 10.15 8.90
N SER A 2 -13.50 10.06 9.75
CA SER A 2 -12.61 8.92 9.73
C SER A 2 -12.33 8.44 11.16
N GLU A 3 -13.18 7.53 11.62
CA GLU A 3 -13.03 7.00 12.96
C GLU A 3 -12.83 5.48 12.90
N PHE A 4 -12.05 4.98 13.86
CA PHE A 4 -11.77 3.57 13.93
C PHE A 4 -11.14 3.07 12.63
N ALA A 5 -10.62 1.86 12.69
CA ALA A 5 -9.98 1.25 11.52
C ALA A 5 -8.71 2.02 11.18
N PRO A 6 -7.76 1.29 10.54
CA PRO A 6 -6.49 1.89 10.16
C PRO A 6 -6.66 2.80 8.94
N VAL A 7 -5.57 3.48 8.60
CA VAL A 7 -5.59 4.38 7.47
C VAL A 7 -5.80 3.58 6.17
N ASP A 8 -5.53 2.28 6.28
CA ASP A 8 -5.69 1.39 5.14
C ASP A 8 -5.05 2.04 3.91
N CYS A 9 -3.73 2.09 3.94
CA CYS A 9 -2.98 2.67 2.82
C CYS A 9 -3.40 1.95 1.54
N LYS A 10 -3.52 0.64 1.64
CA LYS A 10 -3.91 -0.16 0.49
C LYS A 10 -5.16 0.44 -0.14
N GLY A 11 -6.22 0.49 0.64
CA GLY A 11 -7.48 1.03 0.16
C GLY A 11 -7.33 2.51 -0.20
N GLN A 12 -6.73 3.25 0.72
CA GLN A 12 -6.53 4.68 0.51
C GLN A 12 -5.85 4.92 -0.83
N CYS A 13 -4.99 3.99 -1.20
CA CYS A 13 -4.26 4.10 -2.46
C CYS A 13 -5.09 3.40 -3.54
N THR A 14 -6.23 4.00 -3.85
CA THR A 14 -7.11 3.46 -4.86
C THR A 14 -6.90 4.17 -6.20
N THR A 15 -6.71 5.47 -6.12
CA THR A 15 -6.49 6.28 -7.31
C THR A 15 -5.13 5.95 -7.93
N PRO A 16 -4.10 5.87 -7.05
CA PRO A 16 -2.76 5.58 -7.49
C PRO A 16 -2.60 4.09 -7.84
N CYS A 17 -3.62 3.33 -7.45
CA CYS A 17 -3.61 1.90 -7.69
C CYS A 17 -4.89 1.54 -8.46
N GLU A 18 -5.48 2.56 -9.07
CA GLU A 18 -6.70 2.37 -9.83
C GLU A 18 -6.43 1.52 -11.08
N PRO A 19 -5.39 1.95 -11.84
CA PRO A 19 -5.01 1.23 -13.05
C PRO A 19 -4.29 -0.07 -12.72
N LEU A 20 -3.39 0.03 -11.74
CA LEU A 20 -2.63 -1.13 -11.32
C LEU A 20 -3.59 -2.28 -10.98
N THR A 21 -4.47 -2.00 -10.03
CA THR A 21 -5.44 -3.00 -9.60
C THR A 21 -6.16 -3.58 -10.81
N ALA A 22 -6.69 -2.69 -11.64
CA ALA A 22 -7.42 -3.09 -12.83
C ALA A 22 -6.56 -4.09 -13.62
N CYS A 23 -5.26 -3.95 -13.46
CA CYS A 23 -4.33 -4.82 -14.15
C CYS A 23 -4.43 -6.22 -13.55
N LYS A 24 -4.05 -6.32 -12.29
CA LYS A 24 -4.10 -7.59 -11.59
C LYS A 24 -5.49 -8.20 -11.75
N GLU A 25 -6.51 -7.38 -11.49
CA GLU A 25 -7.88 -7.83 -11.62
C GLU A 25 -8.11 -8.51 -12.97
N LYS A 26 -8.01 -7.70 -14.02
CA LYS A 26 -8.19 -8.21 -15.36
C LYS A 26 -7.55 -9.59 -15.48
N CYS A 27 -6.35 -9.70 -14.94
CA CYS A 27 -5.62 -10.96 -14.98
C CYS A 27 -6.36 -11.96 -14.08
N ALA A 28 -6.64 -11.52 -12.87
CA ALA A 28 -7.34 -12.37 -11.91
C ALA A 28 -8.54 -13.02 -12.59
N GLU A 29 -9.24 -12.22 -13.39
CA GLU A 29 -10.40 -12.70 -14.10
C GLU A 29 -10.01 -13.80 -15.09
N SER A 30 -9.01 -13.48 -15.90
CA SER A 30 -8.52 -14.44 -16.89
C SER A 30 -7.99 -15.69 -16.20
N CYS A 31 -7.48 -15.49 -14.99
CA CYS A 31 -6.94 -16.59 -14.22
C CYS A 31 -8.01 -17.04 -13.21
N GLU A 32 -9.22 -17.23 -13.72
CA GLU A 32 -10.32 -17.65 -12.88
C GLU A 32 -9.87 -18.76 -11.92
N THR A 33 -8.97 -19.59 -12.41
CA THR A 33 -8.46 -20.69 -11.60
C THR A 33 -6.98 -20.94 -11.94
N SER A 34 -6.73 -21.24 -13.20
CA SER A 34 -5.38 -21.50 -13.66
C SER A 34 -4.71 -22.54 -12.75
N ALA A 35 -3.46 -22.84 -13.07
CA ALA A 35 -2.71 -23.81 -12.31
C ALA A 35 -2.12 -23.13 -11.06
N ASP A 36 -1.59 -21.93 -11.29
CA ASP A 36 -0.99 -21.16 -10.22
C ASP A 36 -1.51 -19.73 -10.26
N LYS A 37 -2.79 -19.60 -9.93
CA LYS A 37 -3.43 -18.29 -9.93
C LYS A 37 -2.51 -17.27 -9.26
N LYS A 38 -2.08 -17.62 -8.05
CA LYS A 38 -1.20 -16.75 -7.29
C LYS A 38 -0.07 -16.25 -8.21
N THR A 39 0.81 -17.17 -8.58
CA THR A 39 1.92 -16.84 -9.44
C THR A 39 1.44 -16.02 -10.64
N CYS A 40 0.36 -16.50 -11.25
CA CYS A 40 -0.21 -15.82 -12.40
C CYS A 40 -0.44 -14.35 -12.03
N ARG A 41 -1.31 -14.15 -11.06
CA ARG A 41 -1.63 -12.80 -10.61
C ARG A 41 -0.34 -11.98 -10.46
N ARG A 42 0.67 -12.63 -9.91
CA ARG A 42 1.95 -11.97 -9.69
C ARG A 42 2.61 -11.65 -11.04
N ASN A 43 2.77 -12.69 -11.84
CA ASN A 43 3.38 -12.53 -13.15
C ASN A 43 2.74 -11.34 -13.87
N CYS A 44 1.43 -11.26 -13.75
CA CYS A 44 0.69 -10.16 -14.38
C CYS A 44 1.39 -8.86 -14.06
N LYS A 45 1.96 -8.79 -12.86
CA LYS A 45 2.67 -7.60 -12.42
C LYS A 45 3.78 -7.28 -13.42
N LYS A 46 4.46 -8.33 -13.87
CA LYS A 46 5.54 -8.16 -14.83
C LYS A 46 4.96 -8.21 -16.24
N ALA A 47 3.83 -8.89 -16.37
CA ALA A 47 3.17 -9.01 -17.65
C ALA A 47 3.12 -7.65 -18.33
N ASP A 48 2.44 -6.72 -17.68
CA ASP A 48 2.30 -5.37 -18.20
C ASP A 48 1.71 -4.46 -17.13
N CYS A 49 2.28 -4.59 -15.93
CA CYS A 49 1.82 -3.78 -14.81
C CYS A 49 3.04 -3.37 -13.98
N GLU A 50 4.11 -3.05 -14.68
CA GLU A 50 5.35 -2.64 -14.03
C GLU A 50 5.25 -1.19 -13.58
N PRO A 51 4.79 -0.32 -14.53
CA PRO A 51 4.65 1.10 -14.23
C PRO A 51 3.43 1.36 -13.35
N GLN A 52 2.30 0.83 -13.80
CA GLN A 52 1.05 0.99 -13.06
C GLN A 52 1.27 0.69 -11.57
N ASP A 53 2.01 -0.38 -11.32
CA ASP A 53 2.30 -0.79 -9.96
C ASP A 53 3.14 0.29 -9.28
N LYS A 54 4.07 0.83 -10.04
CA LYS A 54 4.95 1.88 -9.51
C LYS A 54 4.10 3.10 -9.11
N VAL A 55 3.38 3.62 -10.09
CA VAL A 55 2.53 4.77 -9.84
C VAL A 55 1.76 4.56 -8.54
N CYS A 56 1.52 3.30 -8.22
CA CYS A 56 0.80 2.96 -7.01
C CYS A 56 1.79 2.97 -5.84
N ASP A 57 2.80 2.11 -5.96
CA ASP A 57 3.81 2.00 -4.92
C ASP A 57 4.16 3.41 -4.41
N ALA A 58 4.02 4.38 -5.30
CA ALA A 58 4.31 5.76 -4.95
C ALA A 58 3.41 6.19 -3.79
N CYS A 59 2.11 6.04 -4.00
CA CYS A 59 1.14 6.40 -2.99
C CYS A 59 1.53 5.71 -1.68
N ARG A 60 1.52 4.39 -1.73
CA ARG A 60 1.86 3.59 -0.56
C ARG A 60 3.15 4.11 0.08
N MET A 61 4.15 4.31 -0.77
CA MET A 61 5.44 4.81 -0.30
C MET A 61 5.27 6.07 0.54
N LYS A 62 4.30 6.90 0.13
CA LYS A 62 4.03 8.13 0.84
C LYS A 62 3.07 7.85 2.00
N CYS A 63 1.96 7.23 1.65
CA CYS A 63 0.94 6.90 2.65
C CYS A 63 1.66 6.32 3.88
N HIS A 64 2.51 5.34 3.62
CA HIS A 64 3.26 4.69 4.69
C HIS A 64 3.83 5.76 5.63
N LYS A 65 4.79 6.51 5.11
CA LYS A 65 5.42 7.57 5.88
C LYS A 65 4.35 8.50 6.43
N ALA A 66 3.44 8.90 5.56
CA ALA A 66 2.36 9.79 5.94
C ALA A 66 1.77 9.32 7.28
N CYS A 67 1.28 8.08 7.27
CA CYS A 67 0.70 7.50 8.47
C CYS A 67 1.72 7.59 9.59
N ARG A 68 2.95 7.23 9.26
CA ARG A 68 4.03 7.26 10.23
C ARG A 68 3.98 8.55 11.04
N ALA A 69 3.53 9.62 10.37
CA ALA A 69 3.43 10.91 11.02
C ALA A 69 1.98 11.17 11.42
N ALA A 70 1.08 10.64 10.60
CA ALA A 70 -0.34 10.81 10.84
C ALA A 70 -0.70 10.18 12.19
N ASN A 71 -0.74 8.85 12.19
CA ASN A 71 -1.06 8.12 13.40
C ASN A 71 0.13 8.14 14.35
N CYS A 72 1.22 7.52 13.91
CA CYS A 72 2.43 7.47 14.71
C CYS A 72 3.12 8.83 14.61
N ALA A 73 4.07 9.04 15.52
CA ALA A 73 4.81 10.29 15.55
C ALA A 73 6.00 10.15 16.49
N SER A 74 5.70 9.94 17.76
CA SER A 74 6.74 9.78 18.76
C SER A 74 7.47 8.45 18.56
N GLU A 75 6.70 7.44 18.20
CA GLU A 75 7.26 6.11 17.97
C GLU A 75 8.28 6.16 16.83
N CYS A 76 8.12 7.15 15.96
CA CYS A 76 9.02 7.32 14.84
C CYS A 76 9.34 8.81 14.70
N PRO A 77 10.32 9.26 15.53
CA PRO A 77 10.73 10.66 15.50
C PRO A 77 11.58 10.96 14.27
N LYS A 78 12.22 12.12 14.29
CA LYS A 78 13.06 12.54 13.19
C LYS A 78 14.04 11.41 12.84
N HIS A 79 13.89 10.89 11.64
CA HIS A 79 14.75 9.81 11.18
C HIS A 79 14.19 8.47 11.65
N GLU A 80 14.89 7.40 11.27
CA GLU A 80 14.47 6.07 11.64
C GLU A 80 13.14 5.72 10.97
N HIS A 81 13.12 4.54 10.35
CA HIS A 81 11.92 4.09 9.67
C HIS A 81 11.56 2.67 10.15
N LYS A 82 12.55 1.80 10.10
CA LYS A 82 12.36 0.44 10.53
C LYS A 82 12.79 0.29 11.99
N SER A 83 12.07 0.97 12.86
CA SER A 83 12.36 0.93 14.28
C SER A 83 11.49 -0.12 14.96
N ASP A 84 12.08 -0.79 15.94
CA ASP A 84 11.38 -1.82 16.68
C ASP A 84 9.99 -1.30 17.05
N THR A 85 9.97 -0.27 17.88
CA THR A 85 8.72 0.33 18.31
C THR A 85 7.91 0.80 17.12
N CYS A 86 8.56 1.60 16.28
CA CYS A 86 7.92 2.13 15.09
C CYS A 86 7.17 0.99 14.38
N ARG A 87 7.95 0.02 13.92
CA ARG A 87 7.39 -1.13 13.24
C ARG A 87 6.08 -1.56 13.91
N ALA A 88 6.12 -1.60 15.23
CA ALA A 88 4.95 -1.99 16.01
C ALA A 88 3.86 -0.94 15.84
N CYS A 89 4.21 0.30 16.16
CA CYS A 89 3.26 1.39 16.06
C CYS A 89 2.57 1.30 14.69
N MET A 90 3.36 0.98 13.68
CA MET A 90 2.84 0.85 12.33
C MET A 90 1.90 -0.35 12.22
N LYS A 91 2.46 -1.53 12.47
CA LYS A 91 1.68 -2.75 12.40
C LYS A 91 0.37 -2.57 13.17
N THR A 92 0.43 -1.71 14.18
CA THR A 92 -0.74 -1.43 15.00
C THR A 92 -1.81 -0.71 14.18
N ASN A 93 -1.41 0.41 13.59
CA ASN A 93 -2.32 1.19 12.77
C ASN A 93 -1.81 1.21 11.33
N CYS A 94 -0.66 1.85 11.15
CA CYS A 94 -0.06 1.95 9.83
C CYS A 94 0.44 0.56 9.43
N LYS A 95 -0.50 -0.33 9.17
CA LYS A 95 -0.16 -1.68 8.77
C LYS A 95 1.00 -1.64 7.79
N ILE A 1 -18.48 3.94 20.31
CA ILE A 1 -18.66 3.69 18.89
C ILE A 1 -17.31 3.79 18.18
N SER A 2 -16.65 4.92 18.41
CA SER A 2 -15.35 5.17 17.80
C SER A 2 -14.85 6.56 18.19
N GLU A 3 -13.54 6.74 18.04
CA GLU A 3 -12.92 8.01 18.37
C GLU A 3 -11.58 8.16 17.64
N PHE A 4 -11.55 9.08 16.70
CA PHE A 4 -10.33 9.32 15.93
C PHE A 4 -10.03 8.14 15.01
N ALA A 5 -9.81 6.99 15.63
CA ALA A 5 -9.50 5.78 14.89
C ALA A 5 -8.17 5.96 14.16
N PRO A 6 -7.50 4.81 13.89
CA PRO A 6 -6.22 4.83 13.20
C PRO A 6 -6.39 5.11 11.71
N VAL A 7 -5.35 5.67 11.12
CA VAL A 7 -5.39 6.00 9.70
C VAL A 7 -4.94 4.78 8.89
N ASP A 8 -5.59 4.60 7.76
CA ASP A 8 -5.28 3.47 6.89
C ASP A 8 -5.36 3.93 5.43
N CYS A 9 -4.25 3.77 4.73
CA CYS A 9 -4.18 4.16 3.33
C CYS A 9 -5.42 3.61 2.62
N LYS A 10 -5.40 2.30 2.40
CA LYS A 10 -6.50 1.63 1.74
C LYS A 10 -7.02 2.53 0.61
N GLY A 11 -8.19 3.12 0.86
CA GLY A 11 -8.81 4.00 -0.12
C GLY A 11 -7.78 4.97 -0.71
N GLN A 12 -7.13 5.70 0.19
CA GLN A 12 -6.13 6.66 -0.21
C GLN A 12 -5.24 6.08 -1.31
N CYS A 13 -5.13 4.76 -1.30
CA CYS A 13 -4.32 4.07 -2.29
C CYS A 13 -5.26 3.43 -3.31
N THR A 14 -6.14 4.25 -3.86
CA THR A 14 -7.10 3.77 -4.84
C THR A 14 -6.76 4.34 -6.22
N THR A 15 -6.33 5.60 -6.21
CA THR A 15 -5.97 6.28 -7.44
C THR A 15 -4.67 5.72 -8.01
N PRO A 16 -3.65 5.60 -7.11
CA PRO A 16 -2.36 5.08 -7.50
C PRO A 16 -2.40 3.56 -7.70
N CYS A 17 -3.47 2.97 -7.17
CA CYS A 17 -3.64 1.53 -7.29
C CYS A 17 -4.91 1.27 -8.11
N GLU A 18 -5.40 2.32 -8.74
CA GLU A 18 -6.60 2.22 -9.55
C GLU A 18 -6.33 1.31 -10.76
N PRO A 19 -5.24 1.64 -11.49
CA PRO A 19 -4.87 0.86 -12.67
C PRO A 19 -4.25 -0.47 -12.27
N LEU A 20 -3.41 -0.42 -11.24
CA LEU A 20 -2.75 -1.62 -10.75
C LEU A 20 -3.80 -2.70 -10.48
N THR A 21 -4.77 -2.34 -9.65
CA THR A 21 -5.83 -3.25 -9.29
C THR A 21 -6.50 -3.82 -10.55
N ALA A 22 -7.07 -2.92 -11.33
CA ALA A 22 -7.73 -3.30 -12.57
C ALA A 22 -6.81 -4.22 -13.38
N CYS A 23 -5.52 -3.98 -13.21
CA CYS A 23 -4.52 -4.77 -13.92
C CYS A 23 -4.61 -6.22 -13.43
N LYS A 24 -4.35 -6.39 -12.14
CA LYS A 24 -4.39 -7.71 -11.54
C LYS A 24 -5.76 -8.34 -11.80
N GLU A 25 -6.80 -7.55 -11.56
CA GLU A 25 -8.16 -8.01 -11.78
C GLU A 25 -8.31 -8.57 -13.20
N LYS A 26 -8.18 -7.67 -14.17
CA LYS A 26 -8.31 -8.05 -15.56
C LYS A 26 -7.64 -9.42 -15.77
N CYS A 27 -6.47 -9.57 -15.17
CA CYS A 27 -5.71 -10.81 -15.29
C CYS A 27 -6.46 -11.89 -14.51
N ALA A 28 -6.72 -11.59 -13.24
CA ALA A 28 -7.42 -12.53 -12.39
C ALA A 28 -8.60 -13.13 -13.15
N GLU A 29 -9.30 -12.27 -13.87
CA GLU A 29 -10.45 -12.72 -14.65
C GLU A 29 -10.00 -13.72 -15.73
N SER A 30 -8.99 -13.31 -16.48
CA SER A 30 -8.46 -14.15 -17.54
C SER A 30 -7.91 -15.46 -16.95
N CYS A 31 -7.58 -15.39 -15.67
CA CYS A 31 -7.04 -16.56 -14.98
C CYS A 31 -7.94 -16.85 -13.78
N GLU A 32 -9.16 -17.27 -14.07
CA GLU A 32 -10.12 -17.58 -13.03
C GLU A 32 -10.08 -19.08 -12.70
N THR A 33 -9.66 -19.85 -13.70
CA THR A 33 -9.57 -21.30 -13.53
C THR A 33 -8.30 -21.83 -14.20
N SER A 34 -7.24 -21.04 -14.09
CA SER A 34 -5.97 -21.42 -14.67
C SER A 34 -5.19 -22.29 -13.70
N ALA A 35 -4.33 -23.14 -14.27
CA ALA A 35 -3.52 -24.03 -13.45
C ALA A 35 -2.74 -23.22 -12.43
N ASP A 36 -1.80 -22.44 -12.94
CA ASP A 36 -0.97 -21.60 -12.08
C ASP A 36 -1.58 -20.20 -11.99
N LYS A 37 -2.59 -20.08 -11.15
CA LYS A 37 -3.27 -18.81 -10.97
C LYS A 37 -2.31 -17.81 -10.34
N LYS A 38 -1.81 -18.17 -9.16
CA LYS A 38 -0.87 -17.32 -8.44
C LYS A 38 0.20 -16.81 -9.42
N THR A 39 0.85 -17.75 -10.08
CA THR A 39 1.89 -17.41 -11.03
C THR A 39 1.34 -16.51 -12.12
N CYS A 40 0.30 -17.00 -12.79
CA CYS A 40 -0.34 -16.25 -13.85
C CYS A 40 -0.46 -14.79 -13.40
N ARG A 41 -1.12 -14.62 -12.27
CA ARG A 41 -1.32 -13.28 -11.71
C ARG A 41 0.03 -12.61 -11.45
N ARG A 42 0.85 -13.30 -10.69
CA ARG A 42 2.17 -12.78 -10.35
C ARG A 42 2.88 -12.27 -11.61
N ASN A 43 2.72 -13.03 -12.68
CA ASN A 43 3.33 -12.67 -13.96
C ASN A 43 2.69 -11.38 -14.48
N CYS A 44 1.40 -11.26 -14.23
CA CYS A 44 0.66 -10.08 -14.67
C CYS A 44 1.40 -8.84 -14.17
N LYS A 45 2.06 -9.01 -13.04
CA LYS A 45 2.81 -7.90 -12.44
C LYS A 45 3.90 -7.44 -13.42
N LYS A 46 4.45 -8.39 -14.15
CA LYS A 46 5.48 -8.10 -15.12
C LYS A 46 4.85 -7.94 -16.50
N ALA A 47 3.64 -8.46 -16.62
CA ALA A 47 2.91 -8.38 -17.88
C ALA A 47 2.87 -6.93 -18.36
N ASP A 48 2.27 -6.08 -17.53
CA ASP A 48 2.16 -4.67 -17.86
C ASP A 48 1.61 -3.92 -16.65
N CYS A 49 1.98 -4.40 -15.48
CA CYS A 49 1.52 -3.77 -14.24
C CYS A 49 2.76 -3.35 -13.44
N GLU A 50 3.90 -3.48 -14.07
CA GLU A 50 5.16 -3.11 -13.43
C GLU A 50 5.10 -1.65 -12.95
N PRO A 51 4.68 -0.76 -13.88
CA PRO A 51 4.59 0.66 -13.56
C PRO A 51 3.35 0.94 -12.70
N GLN A 52 2.26 0.26 -13.03
CA GLN A 52 1.02 0.43 -12.29
C GLN A 52 1.23 0.07 -10.82
N ASP A 53 1.93 -1.03 -10.60
CA ASP A 53 2.21 -1.49 -9.25
C ASP A 53 3.08 -0.45 -8.53
N LYS A 54 3.97 0.16 -9.30
CA LYS A 54 4.87 1.16 -8.75
C LYS A 54 4.04 2.35 -8.26
N VAL A 55 3.26 2.91 -9.17
CA VAL A 55 2.43 4.06 -8.84
C VAL A 55 1.70 3.78 -7.52
N CYS A 56 1.44 2.50 -7.27
CA CYS A 56 0.76 2.10 -6.05
C CYS A 56 1.74 2.24 -4.89
N ASP A 57 2.83 1.49 -4.98
CA ASP A 57 3.84 1.51 -3.94
C ASP A 57 4.06 2.95 -3.47
N ALA A 58 4.28 3.83 -4.45
CA ALA A 58 4.49 5.24 -4.17
C ALA A 58 3.52 5.68 -3.08
N CYS A 59 2.26 5.35 -3.28
CA CYS A 59 1.23 5.71 -2.33
C CYS A 59 1.61 5.14 -0.96
N ARG A 60 1.64 3.82 -0.89
CA ARG A 60 1.98 3.13 0.34
C ARG A 60 3.29 3.71 0.91
N MET A 61 4.11 4.23 0.03
CA MET A 61 5.38 4.81 0.42
C MET A 61 5.18 6.21 0.99
N LYS A 62 4.21 6.92 0.43
CA LYS A 62 3.91 8.27 0.87
C LYS A 62 3.00 8.22 2.10
N CYS A 63 1.83 7.62 1.90
CA CYS A 63 0.87 7.49 2.97
C CYS A 63 1.62 7.09 4.25
N HIS A 64 2.66 6.29 4.06
CA HIS A 64 3.47 5.83 5.17
C HIS A 64 4.11 7.03 5.87
N LYS A 65 5.00 7.69 5.14
CA LYS A 65 5.70 8.84 5.68
C LYS A 65 4.66 9.90 6.10
N ALA A 66 3.58 9.96 5.34
CA ALA A 66 2.52 10.91 5.61
C ALA A 66 1.87 10.56 6.96
N CYS A 67 1.43 9.32 7.06
CA CYS A 67 0.79 8.85 8.28
C CYS A 67 1.80 8.99 9.43
N ARG A 68 3.04 8.65 9.12
CA ARG A 68 4.10 8.72 10.12
C ARG A 68 4.15 10.11 10.74
N ALA A 69 3.79 11.09 9.93
CA ALA A 69 3.78 12.48 10.38
C ALA A 69 2.37 12.89 10.74
N ALA A 70 1.41 12.11 10.26
CA ALA A 70 0.00 12.39 10.52
C ALA A 70 -0.35 11.90 11.93
N ASN A 71 -0.37 10.59 12.08
CA ASN A 71 -0.70 9.98 13.36
C ASN A 71 0.53 10.05 14.27
N CYS A 72 1.53 9.26 13.93
CA CYS A 72 2.76 9.22 14.71
C CYS A 72 3.45 10.58 14.59
N ALA A 73 4.40 10.81 15.48
CA ALA A 73 5.13 12.06 15.49
C ALA A 73 6.23 11.99 16.54
N SER A 74 5.89 11.43 17.69
CA SER A 74 6.84 11.29 18.78
C SER A 74 7.60 9.98 18.64
N GLU A 75 6.92 8.99 18.10
CA GLU A 75 7.52 7.68 17.90
C GLU A 75 8.44 7.68 16.69
N CYS A 76 8.51 8.84 16.05
CA CYS A 76 9.34 8.99 14.87
C CYS A 76 9.89 10.43 14.84
N PRO A 77 11.22 10.54 15.11
CA PRO A 77 11.87 11.84 15.13
C PRO A 77 12.07 12.36 13.71
N LYS A 78 12.93 13.37 13.60
CA LYS A 78 13.23 13.96 12.31
C LYS A 78 14.44 13.25 11.69
N HIS A 79 14.32 12.96 10.41
CA HIS A 79 15.39 12.29 9.69
C HIS A 79 15.58 10.88 10.24
N GLU A 80 14.74 9.97 9.76
CA GLU A 80 14.80 8.59 10.20
C GLU A 80 14.19 7.66 9.13
N HIS A 81 14.20 6.38 9.45
CA HIS A 81 13.65 5.38 8.53
C HIS A 81 12.96 4.28 9.33
N LYS A 82 11.65 4.42 9.48
CA LYS A 82 10.87 3.44 10.21
C LYS A 82 11.65 3.01 11.46
N SER A 83 11.62 3.87 12.47
CA SER A 83 12.31 3.58 13.72
C SER A 83 11.62 2.43 14.46
N ASP A 84 12.36 1.81 15.35
CA ASP A 84 11.84 0.70 16.13
C ASP A 84 10.53 1.13 16.79
N THR A 85 10.63 2.16 17.62
CA THR A 85 9.46 2.68 18.33
C THR A 85 8.46 3.26 17.34
N CYS A 86 8.96 3.57 16.14
CA CYS A 86 8.12 4.13 15.10
C CYS A 86 7.24 3.02 14.53
N ARG A 87 7.90 2.02 13.96
CA ARG A 87 7.20 0.89 13.38
C ARG A 87 6.12 0.38 14.33
N ALA A 88 6.46 0.38 15.61
CA ALA A 88 5.54 -0.07 16.64
C ALA A 88 4.36 0.89 16.72
N CYS A 89 4.67 2.16 16.52
CA CYS A 89 3.65 3.19 16.57
C CYS A 89 2.77 3.06 15.33
N MET A 90 3.42 3.16 14.17
CA MET A 90 2.72 3.05 12.91
C MET A 90 1.96 1.72 12.81
N LYS A 91 2.46 0.74 13.55
CA LYS A 91 1.84 -0.58 13.56
C LYS A 91 0.38 -0.45 14.02
N THR A 92 0.19 0.34 15.06
CA THR A 92 -1.13 0.56 15.61
C THR A 92 -1.75 1.83 15.03
N ASN A 93 -0.99 2.91 15.13
CA ASN A 93 -1.46 4.19 14.62
C ASN A 93 -1.98 4.01 13.20
N CYS A 94 -1.13 3.46 12.35
CA CYS A 94 -1.50 3.23 10.96
C CYS A 94 -1.55 1.72 10.73
N LYS A 95 -2.72 1.15 10.99
CA LYS A 95 -2.91 -0.28 10.81
C LYS A 95 -2.23 -0.72 9.52
N ILE A 1 -22.38 11.01 10.23
CA ILE A 1 -21.81 12.32 10.45
C ILE A 1 -20.83 12.24 11.62
N SER A 2 -19.60 11.85 11.31
CA SER A 2 -18.57 11.72 12.32
C SER A 2 -17.25 11.30 11.67
N GLU A 3 -17.30 10.16 11.00
CA GLU A 3 -16.11 9.64 10.33
C GLU A 3 -14.94 9.53 11.32
N PHE A 4 -15.02 8.50 12.14
CA PHE A 4 -13.98 8.27 13.14
C PHE A 4 -13.32 6.91 12.94
N ALA A 5 -12.23 6.91 12.20
CA ALA A 5 -11.50 5.68 11.92
C ALA A 5 -10.05 6.02 11.58
N PRO A 6 -9.15 5.04 11.83
CA PRO A 6 -7.74 5.21 11.56
C PRO A 6 -7.46 5.14 10.05
N VAL A 7 -6.43 5.86 9.64
CA VAL A 7 -6.06 5.88 8.23
C VAL A 7 -6.04 4.45 7.69
N ASP A 8 -6.10 4.35 6.37
CA ASP A 8 -6.09 3.06 5.72
C ASP A 8 -4.98 3.02 4.67
N CYS A 9 -4.90 4.09 3.89
CA CYS A 9 -3.89 4.19 2.86
C CYS A 9 -4.24 3.19 1.75
N LYS A 10 -4.18 1.93 2.10
CA LYS A 10 -4.48 0.87 1.15
C LYS A 10 -5.69 1.28 0.31
N GLY A 11 -6.80 1.53 0.99
CA GLY A 11 -8.02 1.93 0.33
C GLY A 11 -7.88 3.32 -0.29
N GLN A 12 -7.56 4.28 0.57
CA GLN A 12 -7.39 5.65 0.12
C GLN A 12 -6.59 5.70 -1.18
N CYS A 13 -5.64 4.78 -1.29
CA CYS A 13 -4.80 4.71 -2.47
C CYS A 13 -5.59 3.97 -3.57
N THR A 14 -6.68 4.60 -3.97
CA THR A 14 -7.52 4.02 -5.01
C THR A 14 -7.19 4.63 -6.37
N THR A 15 -6.93 5.92 -6.36
CA THR A 15 -6.59 6.64 -7.58
C THR A 15 -5.23 6.19 -8.11
N PRO A 16 -4.25 6.11 -7.15
CA PRO A 16 -2.90 5.69 -7.52
C PRO A 16 -2.84 4.18 -7.75
N CYS A 17 -3.88 3.50 -7.28
CA CYS A 17 -3.95 2.06 -7.43
C CYS A 17 -5.19 1.72 -8.26
N GLU A 18 -5.67 2.74 -8.98
CA GLU A 18 -6.84 2.57 -9.82
C GLU A 18 -6.50 1.71 -11.05
N PRO A 19 -5.48 2.18 -11.81
CA PRO A 19 -5.06 1.48 -13.00
C PRO A 19 -4.25 0.23 -12.64
N LEU A 20 -3.64 0.28 -11.46
CA LEU A 20 -2.83 -0.84 -10.99
C LEU A 20 -3.76 -1.99 -10.62
N THR A 21 -4.67 -1.73 -9.69
CA THR A 21 -5.60 -2.74 -9.25
C THR A 21 -6.33 -3.35 -10.45
N ALA A 22 -6.86 -2.49 -11.29
CA ALA A 22 -7.58 -2.93 -12.47
C ALA A 22 -6.73 -3.96 -13.22
N CYS A 23 -5.46 -3.64 -13.36
CA CYS A 23 -4.53 -4.51 -14.05
C CYS A 23 -4.58 -5.89 -13.38
N LYS A 24 -4.27 -5.88 -12.09
CA LYS A 24 -4.27 -7.11 -11.31
C LYS A 24 -5.61 -7.83 -11.51
N GLU A 25 -6.68 -7.07 -11.34
CA GLU A 25 -8.02 -7.62 -11.49
C GLU A 25 -8.15 -8.33 -12.84
N LYS A 26 -8.10 -7.54 -13.90
CA LYS A 26 -8.22 -8.07 -15.25
C LYS A 26 -7.44 -9.39 -15.32
N CYS A 27 -6.28 -9.39 -14.68
CA CYS A 27 -5.43 -10.58 -14.67
C CYS A 27 -6.15 -11.67 -13.89
N ALA A 28 -6.30 -11.42 -12.59
CA ALA A 28 -6.96 -12.38 -11.72
C ALA A 28 -8.17 -12.97 -12.44
N GLU A 29 -8.99 -12.08 -12.99
CA GLU A 29 -10.18 -12.50 -13.70
C GLU A 29 -9.82 -13.55 -14.76
N SER A 30 -8.90 -13.18 -15.63
CA SER A 30 -8.47 -14.07 -16.68
C SER A 30 -7.79 -15.30 -16.09
N CYS A 31 -7.22 -15.11 -14.91
CA CYS A 31 -6.54 -16.20 -14.21
C CYS A 31 -7.41 -16.64 -13.05
N GLU A 32 -8.66 -16.95 -13.36
CA GLU A 32 -9.61 -17.39 -12.34
C GLU A 32 -9.39 -18.86 -12.02
N THR A 33 -9.38 -19.67 -13.07
CA THR A 33 -9.19 -21.11 -12.91
C THR A 33 -7.95 -21.56 -13.69
N SER A 34 -6.83 -20.97 -13.35
CA SER A 34 -5.58 -21.31 -14.02
C SER A 34 -4.74 -22.23 -13.12
N ALA A 35 -3.93 -23.05 -13.76
CA ALA A 35 -3.08 -23.98 -13.04
C ALA A 35 -2.42 -23.25 -11.86
N ASP A 36 -1.55 -22.31 -12.20
CA ASP A 36 -0.86 -21.54 -11.18
C ASP A 36 -1.35 -20.09 -11.21
N LYS A 37 -2.32 -19.82 -10.34
CA LYS A 37 -2.89 -18.48 -10.27
C LYS A 37 -1.79 -17.49 -9.90
N LYS A 38 -1.08 -17.81 -8.83
CA LYS A 38 0.00 -16.94 -8.37
C LYS A 38 0.88 -16.56 -9.56
N THR A 39 1.42 -17.57 -10.21
CA THR A 39 2.28 -17.36 -11.36
C THR A 39 1.53 -16.58 -12.44
N CYS A 40 0.38 -17.10 -12.81
CA CYS A 40 -0.45 -16.46 -13.83
C CYS A 40 -0.46 -14.96 -13.57
N ARG A 41 -1.01 -14.61 -12.41
CA ARG A 41 -1.11 -13.20 -12.02
C ARG A 41 0.28 -12.56 -12.05
N ARG A 42 1.24 -13.25 -11.44
CA ARG A 42 2.60 -12.74 -11.40
C ARG A 42 3.07 -12.34 -12.80
N ASN A 43 2.92 -13.25 -13.73
CA ASN A 43 3.30 -13.00 -15.11
C ASN A 43 2.53 -11.79 -15.64
N CYS A 44 1.23 -11.81 -15.39
CA CYS A 44 0.38 -10.72 -15.84
C CYS A 44 0.83 -9.44 -15.14
N LYS A 45 1.44 -9.60 -13.98
CA LYS A 45 1.93 -8.47 -13.22
C LYS A 45 3.09 -7.82 -13.96
N LYS A 46 3.88 -8.67 -14.61
CA LYS A 46 5.03 -8.20 -15.36
C LYS A 46 4.62 -7.95 -16.82
N ALA A 47 3.40 -8.36 -17.13
CA ALA A 47 2.87 -8.19 -18.47
C ALA A 47 2.74 -6.69 -18.78
N ASP A 48 1.94 -6.02 -17.97
CA ASP A 48 1.72 -4.60 -18.14
C ASP A 48 1.18 -4.01 -16.85
N CYS A 49 1.87 -4.30 -15.76
CA CYS A 49 1.46 -3.81 -14.45
C CYS A 49 2.72 -3.64 -13.59
N GLU A 50 3.84 -3.41 -14.25
CA GLU A 50 5.10 -3.24 -13.57
C GLU A 50 5.19 -1.84 -12.96
N PRO A 51 4.89 -0.83 -13.82
CA PRO A 51 4.95 0.56 -13.39
C PRO A 51 3.74 0.90 -12.51
N GLN A 52 2.65 0.18 -12.75
CA GLN A 52 1.43 0.39 -12.00
C GLN A 52 1.59 -0.13 -10.57
N ASP A 53 1.99 -1.39 -10.48
CA ASP A 53 2.19 -2.03 -9.19
C ASP A 53 3.14 -1.18 -8.35
N LYS A 54 4.06 -0.52 -9.04
CA LYS A 54 5.04 0.33 -8.37
C LYS A 54 4.32 1.55 -7.79
N VAL A 55 3.69 2.30 -8.67
CA VAL A 55 2.97 3.49 -8.25
C VAL A 55 2.25 3.21 -6.93
N CYS A 56 1.32 2.26 -6.99
CA CYS A 56 0.56 1.89 -5.80
C CYS A 56 1.51 1.86 -4.60
N ASP A 57 2.61 1.13 -4.78
CA ASP A 57 3.60 1.02 -3.72
C ASP A 57 3.95 2.41 -3.21
N ALA A 58 4.35 3.27 -4.13
CA ALA A 58 4.72 4.63 -3.78
C ALA A 58 3.68 5.21 -2.82
N CYS A 59 2.42 5.12 -3.25
CA CYS A 59 1.32 5.63 -2.45
C CYS A 59 1.42 5.01 -1.05
N ARG A 60 1.33 3.69 -1.01
CA ARG A 60 1.40 2.97 0.24
C ARG A 60 2.66 3.36 1.01
N MET A 61 3.68 3.76 0.26
CA MET A 61 4.94 4.16 0.85
C MET A 61 4.86 5.61 1.36
N LYS A 62 4.10 6.42 0.64
CA LYS A 62 3.94 7.82 1.00
C LYS A 62 3.01 7.91 2.22
N CYS A 63 1.78 7.48 2.01
CA CYS A 63 0.78 7.51 3.07
C CYS A 63 1.43 6.99 4.35
N HIS A 64 2.26 5.98 4.19
CA HIS A 64 2.95 5.39 5.33
C HIS A 64 3.71 6.48 6.10
N LYS A 65 4.53 7.20 5.37
CA LYS A 65 5.31 8.29 5.96
C LYS A 65 4.38 9.45 6.29
N ALA A 66 3.54 9.80 5.33
CA ALA A 66 2.61 10.90 5.50
C ALA A 66 1.83 10.69 6.80
N CYS A 67 1.13 9.57 6.87
CA CYS A 67 0.34 9.24 8.05
C CYS A 67 1.20 9.48 9.29
N ARG A 68 2.42 8.95 9.23
CA ARG A 68 3.35 9.11 10.33
C ARG A 68 3.57 10.58 10.64
N ALA A 69 3.82 11.35 9.59
CA ALA A 69 4.05 12.77 9.74
C ALA A 69 2.70 13.49 9.89
N ALA A 70 1.65 12.69 9.96
CA ALA A 70 0.30 13.23 10.11
C ALA A 70 -0.08 13.22 11.59
N ASN A 71 0.18 12.09 12.24
CA ASN A 71 -0.14 11.94 13.65
C ASN A 71 1.13 11.57 14.40
N CYS A 72 1.61 10.36 14.15
CA CYS A 72 2.82 9.87 14.79
C CYS A 72 4.01 10.69 14.29
N ALA A 73 4.01 11.95 14.66
CA ALA A 73 5.09 12.85 14.24
C ALA A 73 6.12 12.95 15.37
N SER A 74 5.72 12.49 16.55
CA SER A 74 6.60 12.52 17.70
C SER A 74 7.07 11.11 18.04
N GLU A 75 6.11 10.19 18.08
CA GLU A 75 6.42 8.81 18.39
C GLU A 75 7.52 8.29 17.48
N CYS A 76 7.61 8.88 16.29
CA CYS A 76 8.61 8.49 15.32
C CYS A 76 9.58 9.66 15.14
N PRO A 77 10.74 9.55 15.84
CA PRO A 77 11.76 10.58 15.77
C PRO A 77 12.51 10.52 14.44
N LYS A 78 13.54 11.34 14.33
CA LYS A 78 14.35 11.39 13.12
C LYS A 78 15.53 10.44 13.28
N HIS A 79 15.74 9.63 12.25
CA HIS A 79 16.83 8.67 12.25
C HIS A 79 16.47 7.47 13.13
N GLU A 80 15.39 6.81 12.75
CA GLU A 80 14.92 5.65 13.50
C GLU A 80 14.22 4.67 12.57
N HIS A 81 14.87 3.54 12.35
CA HIS A 81 14.32 2.50 11.49
C HIS A 81 12.86 2.27 11.83
N LYS A 82 12.58 2.28 13.12
CA LYS A 82 11.22 2.07 13.60
C LYS A 82 11.24 1.80 15.11
N SER A 83 10.90 2.82 15.87
CA SER A 83 10.89 2.70 17.32
C SER A 83 9.63 1.96 17.77
N ASP A 84 9.81 1.12 18.77
CA ASP A 84 8.70 0.34 19.31
C ASP A 84 7.47 1.25 19.45
N THR A 85 7.66 2.34 20.18
CA THR A 85 6.59 3.29 20.40
C THR A 85 5.99 3.74 19.07
N CYS A 86 6.88 4.00 18.12
CA CYS A 86 6.46 4.44 16.80
C CYS A 86 5.56 3.36 16.20
N ARG A 87 6.20 2.23 15.88
CA ARG A 87 5.47 1.11 15.29
C ARG A 87 4.10 0.97 15.95
N ALA A 88 4.07 1.19 17.25
CA ALA A 88 2.84 1.08 18.01
C ALA A 88 1.89 2.20 17.58
N CYS A 89 2.39 3.43 17.67
CA CYS A 89 1.60 4.59 17.31
C CYS A 89 0.95 4.32 15.94
N MET A 90 1.72 3.67 15.08
CA MET A 90 1.24 3.35 13.75
C MET A 90 0.15 2.28 13.81
N LYS A 91 0.55 1.10 14.29
CA LYS A 91 -0.38 0.00 14.40
C LYS A 91 -1.59 0.43 15.23
N THR A 92 -1.39 1.49 16.01
CA THR A 92 -2.44 2.01 16.85
C THR A 92 -3.53 2.68 16.00
N ASN A 93 -3.09 3.67 15.22
CA ASN A 93 -4.01 4.39 14.36
C ASN A 93 -3.42 4.47 12.94
N CYS A 94 -2.21 5.00 12.87
CA CYS A 94 -1.52 5.12 11.59
C CYS A 94 -1.13 3.73 11.12
N LYS A 95 -2.13 2.95 10.74
CA LYS A 95 -1.90 1.59 10.27
C LYS A 95 -0.67 1.58 9.36
N ILE A 1 -21.21 12.61 11.34
CA ILE A 1 -20.91 11.22 11.63
C ILE A 1 -19.42 11.08 11.94
N SER A 2 -19.08 11.32 13.20
CA SER A 2 -17.70 11.22 13.64
C SER A 2 -17.26 9.76 13.66
N GLU A 3 -16.80 9.29 12.51
CA GLU A 3 -16.35 7.92 12.38
C GLU A 3 -15.12 7.69 13.25
N PHE A 4 -14.31 8.72 13.36
CA PHE A 4 -13.10 8.65 14.17
C PHE A 4 -12.39 7.30 13.96
N ALA A 5 -11.45 7.30 13.03
CA ALA A 5 -10.70 6.09 12.74
C ALA A 5 -9.35 6.46 12.14
N PRO A 6 -8.39 5.51 12.24
CA PRO A 6 -7.06 5.73 11.71
C PRO A 6 -7.04 5.64 10.18
N VAL A 7 -5.93 6.08 9.60
CA VAL A 7 -5.78 6.04 8.16
C VAL A 7 -5.87 4.60 7.67
N ASP A 8 -6.41 4.45 6.47
CA ASP A 8 -6.56 3.13 5.88
C ASP A 8 -5.50 2.95 4.78
N CYS A 9 -5.24 4.03 4.06
CA CYS A 9 -4.26 3.99 2.99
C CYS A 9 -4.84 3.17 1.85
N LYS A 10 -5.09 1.90 2.14
CA LYS A 10 -5.65 0.99 1.14
C LYS A 10 -6.68 1.74 0.29
N GLY A 11 -7.85 1.92 0.88
CA GLY A 11 -8.93 2.61 0.19
C GLY A 11 -8.43 3.91 -0.46
N GLN A 12 -7.80 4.73 0.36
CA GLN A 12 -7.26 6.00 -0.12
C GLN A 12 -6.37 5.77 -1.33
N CYS A 13 -5.88 4.54 -1.45
CA CYS A 13 -5.01 4.18 -2.55
C CYS A 13 -5.86 3.48 -3.62
N THR A 14 -6.83 4.23 -4.12
CA THR A 14 -7.72 3.70 -5.16
C THR A 14 -7.42 4.36 -6.50
N THR A 15 -7.23 5.66 -6.45
CA THR A 15 -6.95 6.42 -7.66
C THR A 15 -5.56 6.06 -8.20
N PRO A 16 -4.57 6.03 -7.28
CA PRO A 16 -3.21 5.69 -7.65
C PRO A 16 -3.06 4.19 -7.90
N CYS A 17 -4.10 3.46 -7.53
CA CYS A 17 -4.10 2.02 -7.72
C CYS A 17 -5.33 1.64 -8.53
N GLU A 18 -5.86 2.62 -9.24
CA GLU A 18 -7.03 2.41 -10.06
C GLU A 18 -6.69 1.53 -11.28
N PRO A 19 -5.69 2.02 -12.05
CA PRO A 19 -5.24 1.29 -13.24
C PRO A 19 -4.40 0.07 -12.85
N LEU A 20 -3.70 0.21 -11.73
CA LEU A 20 -2.86 -0.87 -11.24
C LEU A 20 -3.74 -2.05 -10.82
N THR A 21 -4.66 -1.76 -9.93
CA THR A 21 -5.57 -2.79 -9.44
C THR A 21 -6.26 -3.49 -10.61
N ALA A 22 -6.85 -2.69 -11.47
CA ALA A 22 -7.56 -3.21 -12.64
C ALA A 22 -6.64 -4.22 -13.36
N CYS A 23 -5.41 -3.79 -13.56
CA CYS A 23 -4.43 -4.63 -14.23
C CYS A 23 -4.39 -5.99 -13.54
N LYS A 24 -4.16 -5.94 -12.23
CA LYS A 24 -4.10 -7.15 -11.44
C LYS A 24 -5.44 -7.89 -11.53
N GLU A 25 -6.50 -7.15 -11.23
CA GLU A 25 -7.84 -7.71 -11.28
C GLU A 25 -8.07 -8.40 -12.62
N LYS A 26 -8.09 -7.59 -13.67
CA LYS A 26 -8.31 -8.11 -15.01
C LYS A 26 -7.57 -9.43 -15.17
N CYS A 27 -6.32 -9.45 -14.71
CA CYS A 27 -5.50 -10.64 -14.79
C CYS A 27 -6.10 -11.70 -13.86
N ALA A 28 -6.37 -11.28 -12.63
CA ALA A 28 -6.93 -12.17 -11.64
C ALA A 28 -8.18 -12.85 -12.22
N GLU A 29 -8.96 -12.06 -12.94
CA GLU A 29 -10.18 -12.56 -13.56
C GLU A 29 -9.83 -13.56 -14.66
N SER A 30 -9.03 -13.11 -15.61
CA SER A 30 -8.63 -13.96 -16.72
C SER A 30 -7.97 -15.23 -16.19
N CYS A 31 -7.45 -15.13 -14.96
CA CYS A 31 -6.80 -16.26 -14.34
C CYS A 31 -7.53 -16.58 -13.02
N GLU A 32 -8.77 -17.00 -13.16
CA GLU A 32 -9.58 -17.34 -12.00
C GLU A 32 -9.36 -18.79 -11.60
N THR A 33 -9.45 -19.67 -12.58
CA THR A 33 -9.26 -21.09 -12.34
C THR A 33 -8.11 -21.63 -13.20
N SER A 34 -7.01 -20.90 -13.17
CA SER A 34 -5.84 -21.28 -13.94
C SER A 34 -4.90 -22.14 -13.07
N ALA A 35 -4.20 -23.05 -13.73
CA ALA A 35 -3.27 -23.93 -13.04
C ALA A 35 -2.41 -23.10 -12.08
N ASP A 36 -1.59 -22.23 -12.67
CA ASP A 36 -0.71 -21.39 -11.89
C ASP A 36 -1.33 -19.99 -11.78
N LYS A 37 -2.32 -19.88 -10.90
CA LYS A 37 -2.99 -18.61 -10.69
C LYS A 37 -2.00 -17.60 -10.12
N LYS A 38 -1.52 -17.90 -8.92
CA LYS A 38 -0.56 -17.02 -8.26
C LYS A 38 0.46 -16.52 -9.28
N THR A 39 1.13 -17.48 -9.92
CA THR A 39 2.13 -17.15 -10.91
C THR A 39 1.55 -16.22 -11.97
N CYS A 40 0.47 -16.68 -12.60
CA CYS A 40 -0.19 -15.90 -13.62
C CYS A 40 -0.42 -14.48 -13.09
N ARG A 41 -1.25 -14.41 -12.07
CA ARG A 41 -1.57 -13.13 -11.44
C ARG A 41 -0.29 -12.33 -11.21
N ARG A 42 0.77 -13.05 -10.86
CA ARG A 42 2.06 -12.43 -10.60
C ARG A 42 2.68 -11.93 -11.91
N ASN A 43 2.70 -12.82 -12.88
CA ASN A 43 3.26 -12.48 -14.18
C ASN A 43 2.60 -11.21 -14.71
N CYS A 44 1.34 -11.05 -14.36
CA CYS A 44 0.58 -9.89 -14.79
C CYS A 44 1.48 -8.65 -14.65
N LYS A 45 2.20 -8.61 -13.54
CA LYS A 45 3.10 -7.50 -13.28
C LYS A 45 4.11 -7.38 -14.42
N LYS A 46 4.76 -8.49 -14.71
CA LYS A 46 5.75 -8.54 -15.77
C LYS A 46 5.05 -8.47 -17.13
N ALA A 47 3.72 -8.57 -17.07
CA ALA A 47 2.92 -8.52 -18.28
C ALA A 47 2.79 -7.07 -18.74
N ASP A 48 2.20 -6.26 -17.88
CA ASP A 48 2.01 -4.85 -18.19
C ASP A 48 1.41 -4.14 -16.97
N CYS A 49 2.02 -4.38 -15.82
CA CYS A 49 1.56 -3.78 -14.59
C CYS A 49 2.77 -3.55 -13.68
N GLU A 50 3.92 -3.36 -14.32
CA GLU A 50 5.15 -3.12 -13.59
C GLU A 50 5.20 -1.69 -13.07
N PRO A 51 4.90 -0.73 -13.99
CA PRO A 51 4.91 0.68 -13.62
C PRO A 51 3.67 1.04 -12.81
N GLN A 52 2.60 0.30 -13.06
CA GLN A 52 1.35 0.54 -12.35
C GLN A 52 1.48 0.10 -10.89
N ASP A 53 1.93 -1.14 -10.71
CA ASP A 53 2.11 -1.69 -9.38
C ASP A 53 3.03 -0.77 -8.57
N LYS A 54 4.02 -0.23 -9.26
CA LYS A 54 4.97 0.66 -8.63
C LYS A 54 4.25 1.90 -8.09
N VAL A 55 3.57 2.58 -9.00
CA VAL A 55 2.83 3.78 -8.63
C VAL A 55 2.00 3.49 -7.38
N CYS A 56 1.33 2.34 -7.39
CA CYS A 56 0.51 1.94 -6.27
C CYS A 56 1.40 1.83 -5.03
N ASP A 57 2.47 1.06 -5.17
CA ASP A 57 3.39 0.87 -4.06
C ASP A 57 3.77 2.23 -3.48
N ALA A 58 3.97 3.19 -4.37
CA ALA A 58 4.33 4.54 -3.96
C ALA A 58 3.30 5.04 -2.95
N CYS A 59 2.04 4.87 -3.31
CA CYS A 59 0.95 5.30 -2.45
C CYS A 59 1.14 4.66 -1.07
N ARG A 60 1.23 3.34 -1.08
CA ARG A 60 1.42 2.59 0.16
C ARG A 60 2.71 3.03 0.86
N MET A 61 3.60 3.61 0.06
CA MET A 61 4.87 4.06 0.59
C MET A 61 4.76 5.49 1.15
N LYS A 62 3.94 6.29 0.47
CA LYS A 62 3.72 7.66 0.87
C LYS A 62 2.85 7.70 2.13
N CYS A 63 1.70 7.05 2.02
CA CYS A 63 0.76 6.99 3.13
C CYS A 63 1.54 6.71 4.41
N HIS A 64 2.27 5.60 4.38
CA HIS A 64 3.06 5.19 5.53
C HIS A 64 3.73 6.42 6.15
N LYS A 65 4.53 7.09 5.33
CA LYS A 65 5.23 8.28 5.79
C LYS A 65 4.21 9.35 6.18
N ALA A 66 3.26 9.57 5.28
CA ALA A 66 2.21 10.56 5.52
C ALA A 66 1.64 10.36 6.93
N CYS A 67 1.42 9.10 7.26
CA CYS A 67 0.88 8.76 8.57
C CYS A 67 1.93 9.05 9.62
N ARG A 68 3.19 8.87 9.24
CA ARG A 68 4.30 9.12 10.13
C ARG A 68 4.37 10.60 10.49
N ALA A 69 3.93 11.43 9.55
CA ALA A 69 3.94 12.87 9.76
C ALA A 69 2.56 13.31 10.27
N ALA A 70 1.53 12.68 9.75
CA ALA A 70 0.17 13.00 10.14
C ALA A 70 -0.05 12.55 11.59
N ASN A 71 -0.49 11.31 11.74
CA ASN A 71 -0.75 10.77 13.06
C ASN A 71 0.51 10.92 13.92
N CYS A 72 1.55 10.19 13.54
CA CYS A 72 2.81 10.24 14.26
C CYS A 72 3.52 11.54 13.91
N ALA A 73 4.47 11.91 14.75
CA ALA A 73 5.23 13.13 14.53
C ALA A 73 6.29 13.26 15.63
N SER A 74 5.89 12.92 16.85
CA SER A 74 6.79 13.00 17.98
C SER A 74 7.23 11.59 18.40
N GLU A 75 6.53 10.61 17.86
CA GLU A 75 6.84 9.23 18.16
C GLU A 75 7.97 8.72 17.25
N CYS A 76 8.13 9.41 16.14
CA CYS A 76 9.17 9.04 15.18
C CYS A 76 10.09 10.24 14.99
N PRO A 77 11.22 10.23 15.74
CA PRO A 77 12.20 11.30 15.65
C PRO A 77 13.00 11.21 14.36
N LYS A 78 14.00 12.08 14.26
CA LYS A 78 14.87 12.11 13.09
C LYS A 78 15.98 11.08 13.26
N HIS A 79 16.23 10.33 12.19
CA HIS A 79 17.27 9.32 12.21
C HIS A 79 16.99 8.32 13.32
N GLU A 80 16.49 7.15 12.93
CA GLU A 80 16.18 6.11 13.89
C GLU A 80 15.34 5.01 13.23
N HIS A 81 14.55 5.43 12.25
CA HIS A 81 13.69 4.50 11.53
C HIS A 81 12.47 4.17 12.38
N LYS A 82 12.01 2.94 12.24
CA LYS A 82 10.85 2.48 12.98
C LYS A 82 11.21 2.37 14.46
N SER A 83 11.10 3.49 15.15
CA SER A 83 11.41 3.53 16.57
C SER A 83 10.38 2.73 17.36
N ASP A 84 10.76 2.36 18.57
CA ASP A 84 9.88 1.58 19.43
C ASP A 84 8.53 2.31 19.56
N THR A 85 8.59 3.50 20.12
CA THR A 85 7.40 4.30 20.31
C THR A 85 6.78 4.66 18.95
N CYS A 86 7.61 4.57 17.92
CA CYS A 86 7.16 4.88 16.58
C CYS A 86 6.29 3.73 16.08
N ARG A 87 6.91 2.56 15.98
CA ARG A 87 6.21 1.37 15.52
C ARG A 87 4.87 1.24 16.25
N ALA A 88 4.89 1.58 17.53
CA ALA A 88 3.70 1.50 18.35
C ALA A 88 2.68 2.54 17.86
N CYS A 89 3.18 3.72 17.57
CA CYS A 89 2.33 4.80 17.09
C CYS A 89 1.76 4.39 15.73
N MET A 90 2.66 4.05 14.83
CA MET A 90 2.27 3.65 13.49
C MET A 90 1.45 2.35 13.53
N LYS A 91 1.71 1.55 14.56
CA LYS A 91 1.01 0.30 14.72
C LYS A 91 -0.50 0.56 14.79
N THR A 92 -0.87 1.42 15.72
CA THR A 92 -2.27 1.76 15.89
C THR A 92 -2.72 2.76 14.83
N ASN A 93 -2.03 3.90 14.81
CA ASN A 93 -2.34 4.94 13.84
C ASN A 93 -2.25 4.36 12.42
N CYS A 94 -1.02 4.07 12.02
CA CYS A 94 -0.79 3.51 10.70
C CYS A 94 -1.18 2.03 10.73
N LYS A 95 -2.48 1.81 10.82
CA LYS A 95 -3.01 0.45 10.84
C LYS A 95 -2.24 -0.41 9.84
N ILE A 1 -18.96 6.10 4.60
CA ILE A 1 -18.56 6.07 5.99
C ILE A 1 -17.34 6.97 6.18
N SER A 2 -17.56 8.26 6.03
CA SER A 2 -16.48 9.23 6.18
C SER A 2 -16.78 10.18 7.34
N GLU A 3 -16.15 9.89 8.47
CA GLU A 3 -16.34 10.71 9.66
C GLU A 3 -15.58 10.10 10.85
N PHE A 4 -14.61 10.86 11.32
CA PHE A 4 -13.80 10.41 12.45
C PHE A 4 -13.49 8.92 12.34
N ALA A 5 -12.42 8.62 11.63
CA ALA A 5 -12.01 7.24 11.45
C ALA A 5 -10.50 7.20 11.16
N PRO A 6 -9.93 5.96 11.28
CA PRO A 6 -8.51 5.76 11.04
C PRO A 6 -8.19 5.81 9.55
N VAL A 7 -6.93 6.03 9.25
CA VAL A 7 -6.48 6.10 7.87
C VAL A 7 -6.52 4.70 7.26
N ASP A 8 -6.65 4.67 5.94
CA ASP A 8 -6.70 3.40 5.22
C ASP A 8 -5.47 3.29 4.32
N CYS A 9 -5.14 4.40 3.69
CA CYS A 9 -3.98 4.44 2.80
C CYS A 9 -4.30 3.58 1.58
N LYS A 10 -4.28 2.27 1.80
CA LYS A 10 -4.56 1.32 0.73
C LYS A 10 -5.71 1.86 -0.13
N GLY A 11 -6.77 2.26 0.55
CA GLY A 11 -7.95 2.79 -0.13
C GLY A 11 -7.65 4.16 -0.75
N GLN A 12 -7.16 5.07 0.10
CA GLN A 12 -6.83 6.41 -0.35
C GLN A 12 -5.97 6.34 -1.61
N CYS A 13 -5.26 5.24 -1.75
CA CYS A 13 -4.39 5.05 -2.90
C CYS A 13 -5.19 4.35 -3.99
N THR A 14 -6.27 5.01 -4.41
CA THR A 14 -7.13 4.47 -5.44
C THR A 14 -6.73 5.03 -6.81
N THR A 15 -6.30 6.29 -6.80
CA THR A 15 -5.88 6.95 -8.03
C THR A 15 -4.58 6.34 -8.54
N PRO A 16 -3.60 6.18 -7.60
CA PRO A 16 -2.31 5.63 -7.94
C PRO A 16 -2.40 4.12 -8.15
N CYS A 17 -3.42 3.53 -7.55
CA CYS A 17 -3.64 2.09 -7.66
C CYS A 17 -4.92 1.86 -8.47
N GLU A 18 -5.25 2.85 -9.30
CA GLU A 18 -6.44 2.76 -10.12
C GLU A 18 -6.19 1.85 -11.32
N PRO A 19 -5.07 2.14 -12.03
CA PRO A 19 -4.70 1.35 -13.21
C PRO A 19 -4.13 -0.01 -12.80
N LEU A 20 -3.41 0.01 -11.69
CA LEU A 20 -2.80 -1.22 -11.18
C LEU A 20 -3.90 -2.24 -10.87
N THR A 21 -4.75 -1.87 -9.92
CA THR A 21 -5.84 -2.74 -9.52
C THR A 21 -6.52 -3.35 -10.75
N ALA A 22 -6.95 -2.47 -11.65
CA ALA A 22 -7.61 -2.91 -12.87
C ALA A 22 -6.75 -3.97 -13.55
N CYS A 23 -5.44 -3.79 -13.44
CA CYS A 23 -4.51 -4.73 -14.05
C CYS A 23 -4.62 -6.07 -13.30
N LYS A 24 -4.42 -6.00 -12.00
CA LYS A 24 -4.51 -7.19 -11.17
C LYS A 24 -5.84 -7.90 -11.43
N GLU A 25 -6.90 -7.12 -11.42
CA GLU A 25 -8.23 -7.65 -11.65
C GLU A 25 -8.28 -8.39 -12.99
N LYS A 26 -8.17 -7.63 -14.06
CA LYS A 26 -8.20 -8.19 -15.40
C LYS A 26 -7.40 -9.50 -15.41
N CYS A 27 -6.29 -9.48 -14.70
CA CYS A 27 -5.43 -10.65 -14.62
C CYS A 27 -6.18 -11.74 -13.84
N ALA A 28 -6.51 -11.42 -12.60
CA ALA A 28 -7.22 -12.36 -11.75
C ALA A 28 -8.29 -13.07 -12.58
N GLU A 29 -9.14 -12.29 -13.20
CA GLU A 29 -10.21 -12.85 -14.03
C GLU A 29 -9.64 -13.86 -15.02
N SER A 30 -8.63 -13.42 -15.75
CA SER A 30 -8.00 -14.28 -16.73
C SER A 30 -7.34 -15.48 -16.04
N CYS A 31 -6.91 -15.24 -14.81
CA CYS A 31 -6.25 -16.27 -14.03
C CYS A 31 -7.30 -16.90 -13.11
N GLU A 32 -8.45 -17.22 -13.69
CA GLU A 32 -9.53 -17.82 -12.93
C GLU A 32 -9.22 -19.29 -12.65
N THR A 33 -8.79 -19.99 -13.69
CA THR A 33 -8.46 -21.39 -13.56
C THR A 33 -6.95 -21.60 -13.66
N SER A 34 -6.21 -20.67 -13.07
CA SER A 34 -4.76 -20.72 -13.09
C SER A 34 -4.27 -21.74 -12.06
N ALA A 35 -3.20 -22.44 -12.42
CA ALA A 35 -2.63 -23.43 -11.54
C ALA A 35 -2.08 -22.75 -10.29
N ASP A 36 -1.48 -21.59 -10.49
CA ASP A 36 -0.92 -20.83 -9.39
C ASP A 36 -1.30 -19.35 -9.55
N LYS A 37 -2.50 -19.03 -9.07
CA LYS A 37 -2.99 -17.67 -9.15
C LYS A 37 -1.84 -16.69 -8.85
N LYS A 38 -1.22 -16.91 -7.69
CA LYS A 38 -0.12 -16.07 -7.27
C LYS A 38 0.83 -15.85 -8.45
N THR A 39 1.38 -16.95 -8.94
CA THR A 39 2.31 -16.89 -10.06
C THR A 39 1.67 -16.14 -11.24
N CYS A 40 0.56 -16.70 -11.71
CA CYS A 40 -0.15 -16.09 -12.82
C CYS A 40 -0.24 -14.58 -12.58
N ARG A 41 -1.00 -14.23 -11.54
CA ARG A 41 -1.18 -12.83 -11.19
C ARG A 41 0.16 -12.08 -11.30
N ARG A 42 1.12 -12.58 -10.55
CA ARG A 42 2.45 -11.97 -10.55
C ARG A 42 2.97 -11.80 -11.98
N ASN A 43 2.96 -12.91 -12.70
CA ASN A 43 3.42 -12.91 -14.08
C ASN A 43 2.66 -11.84 -14.87
N CYS A 44 1.35 -11.83 -14.67
CA CYS A 44 0.50 -10.87 -15.35
C CYS A 44 0.89 -9.46 -14.88
N LYS A 45 1.32 -9.39 -13.63
CA LYS A 45 1.72 -8.13 -13.05
C LYS A 45 2.92 -7.58 -13.82
N LYS A 46 3.62 -8.49 -14.49
CA LYS A 46 4.79 -8.10 -15.27
C LYS A 46 4.35 -7.77 -16.70
N ALA A 47 3.23 -8.35 -17.10
CA ALA A 47 2.70 -8.13 -18.43
C ALA A 47 2.68 -6.62 -18.71
N ASP A 48 1.93 -5.90 -17.91
CA ASP A 48 1.82 -4.45 -18.06
C ASP A 48 1.27 -3.85 -16.78
N CYS A 49 1.88 -4.23 -15.67
CA CYS A 49 1.45 -3.73 -14.37
C CYS A 49 2.70 -3.41 -13.54
N GLU A 50 3.80 -3.23 -14.25
CA GLU A 50 5.06 -2.91 -13.61
C GLU A 50 5.10 -1.44 -13.19
N PRO A 51 4.77 -0.57 -14.18
CA PRO A 51 4.76 0.87 -13.94
C PRO A 51 3.55 1.28 -13.12
N GLN A 52 2.52 0.45 -13.20
CA GLN A 52 1.29 0.71 -12.46
C GLN A 52 1.46 0.37 -10.98
N ASP A 53 1.98 -0.82 -10.73
CA ASP A 53 2.20 -1.27 -9.37
C ASP A 53 3.17 -0.31 -8.67
N LYS A 54 4.12 0.18 -9.45
CA LYS A 54 5.10 1.11 -8.93
C LYS A 54 4.41 2.38 -8.44
N VAL A 55 3.70 3.01 -9.35
CA VAL A 55 2.97 4.24 -9.04
C VAL A 55 2.16 4.02 -7.76
N CYS A 56 1.60 2.83 -7.64
CA CYS A 56 0.81 2.49 -6.47
C CYS A 56 1.75 2.33 -5.28
N ASP A 57 2.70 1.41 -5.43
CA ASP A 57 3.66 1.15 -4.38
C ASP A 57 4.09 2.48 -3.75
N ALA A 58 4.35 3.44 -4.61
CA ALA A 58 4.77 4.76 -4.15
C ALA A 58 3.74 5.31 -3.17
N CYS A 59 2.53 5.48 -3.69
CA CYS A 59 1.44 6.00 -2.88
C CYS A 59 1.45 5.26 -1.54
N ARG A 60 1.33 3.95 -1.63
CA ARG A 60 1.31 3.11 -0.44
C ARG A 60 2.56 3.37 0.41
N MET A 61 3.68 3.56 -0.28
CA MET A 61 4.94 3.82 0.39
C MET A 61 4.91 5.18 1.10
N LYS A 62 4.58 6.20 0.32
CA LYS A 62 4.52 7.56 0.85
C LYS A 62 3.46 7.62 1.95
N CYS A 63 2.27 7.13 1.61
CA CYS A 63 1.17 7.12 2.55
C CYS A 63 1.66 6.51 3.86
N HIS A 64 2.40 5.41 3.73
CA HIS A 64 2.93 4.72 4.89
C HIS A 64 3.57 5.74 5.84
N LYS A 65 4.42 6.59 5.28
CA LYS A 65 5.10 7.61 6.07
C LYS A 65 4.13 8.76 6.34
N ALA A 66 3.52 9.23 5.26
CA ALA A 66 2.57 10.33 5.36
C ALA A 66 1.59 10.06 6.51
N CYS A 67 1.30 8.78 6.69
CA CYS A 67 0.38 8.37 7.74
C CYS A 67 1.15 8.37 9.07
N ARG A 68 2.40 7.97 8.99
CA ARG A 68 3.25 7.92 10.17
C ARG A 68 3.37 9.31 10.79
N ALA A 69 3.63 10.28 9.94
CA ALA A 69 3.78 11.66 10.38
C ALA A 69 2.40 12.23 10.73
N ALA A 70 1.38 11.47 10.37
CA ALA A 70 0.00 11.88 10.63
C ALA A 70 -0.27 11.77 12.13
N ASN A 71 -0.29 10.54 12.61
CA ASN A 71 -0.53 10.28 14.01
C ASN A 71 0.79 10.03 14.73
N CYS A 72 1.45 8.94 14.33
CA CYS A 72 2.73 8.59 14.92
C CYS A 72 3.68 9.77 14.78
N ALA A 73 4.85 9.63 15.39
CA ALA A 73 5.85 10.69 15.34
C ALA A 73 7.03 10.30 16.23
N SER A 74 6.71 9.91 17.45
CA SER A 74 7.73 9.51 18.41
C SER A 74 7.89 7.99 18.40
N GLU A 75 6.75 7.31 18.32
CA GLU A 75 6.74 5.86 18.32
C GLU A 75 7.71 5.33 17.25
N CYS A 76 8.01 6.20 16.28
CA CYS A 76 8.91 5.83 15.21
C CYS A 76 10.01 6.89 15.13
N PRO A 77 11.20 6.51 15.67
CA PRO A 77 12.34 7.41 15.67
C PRO A 77 12.97 7.50 14.28
N LYS A 78 14.12 8.16 14.22
CA LYS A 78 14.82 8.32 12.97
C LYS A 78 15.02 6.95 12.31
N HIS A 79 15.44 6.00 13.14
CA HIS A 79 15.66 4.65 12.65
C HIS A 79 14.39 3.81 12.82
N GLU A 80 14.51 2.54 12.48
CA GLU A 80 13.38 1.63 12.59
C GLU A 80 12.25 2.07 11.65
N HIS A 81 11.80 1.13 10.83
CA HIS A 81 10.74 1.41 9.88
C HIS A 81 9.44 0.75 10.37
N LYS A 82 9.59 -0.43 10.94
CA LYS A 82 8.45 -1.18 11.44
C LYS A 82 8.76 -1.68 12.86
N SER A 83 9.01 -0.73 13.75
CA SER A 83 9.32 -1.07 15.13
C SER A 83 8.09 -1.70 15.80
N ASP A 84 8.37 -2.57 16.77
CA ASP A 84 7.31 -3.24 17.49
C ASP A 84 6.26 -2.22 17.92
N THR A 85 6.74 -1.12 18.48
CA THR A 85 5.86 -0.05 18.94
C THR A 85 5.25 0.68 17.75
N CYS A 86 6.12 1.03 16.81
CA CYS A 86 5.67 1.74 15.62
C CYS A 86 4.56 0.92 14.95
N ARG A 87 4.94 -0.27 14.52
CA ARG A 87 3.98 -1.16 13.86
C ARG A 87 2.62 -1.06 14.55
N ALA A 88 2.65 -0.89 15.85
CA ALA A 88 1.43 -0.77 16.63
C ALA A 88 0.82 0.61 16.42
N CYS A 89 1.56 1.62 16.84
CA CYS A 89 1.10 2.99 16.69
C CYS A 89 0.53 3.17 15.28
N MET A 90 1.34 2.79 14.31
CA MET A 90 0.93 2.89 12.92
C MET A 90 -0.45 2.28 12.70
N LYS A 91 -0.73 1.22 13.47
CA LYS A 91 -2.01 0.54 13.37
C LYS A 91 -3.03 1.25 14.25
N THR A 92 -2.60 1.56 15.47
CA THR A 92 -3.47 2.24 16.42
C THR A 92 -4.24 3.37 15.72
N ASN A 93 -3.64 3.89 14.67
CA ASN A 93 -4.26 4.97 13.91
C ASN A 93 -4.39 4.53 12.44
N CYS A 94 -3.25 4.20 11.86
CA CYS A 94 -3.23 3.77 10.47
C CYS A 94 -3.32 2.24 10.43
N LYS A 95 -2.61 1.66 9.48
CA LYS A 95 -2.61 0.22 9.33
C LYS A 95 -1.17 -0.31 9.49
N ILE A 1 -15.17 13.57 5.51
CA ILE A 1 -15.16 13.67 6.95
C ILE A 1 -14.10 12.73 7.53
N SER A 2 -13.37 13.24 8.51
CA SER A 2 -12.33 12.45 9.16
C SER A 2 -12.32 12.71 10.66
N GLU A 3 -12.58 11.66 11.41
CA GLU A 3 -12.61 11.76 12.86
C GLU A 3 -12.47 10.37 13.49
N PHE A 4 -11.76 10.34 14.61
CA PHE A 4 -11.56 9.08 15.33
C PHE A 4 -11.03 8.00 14.38
N ALA A 5 -10.79 6.83 14.95
CA ALA A 5 -10.29 5.71 14.17
C ALA A 5 -8.94 6.08 13.56
N PRO A 6 -8.15 5.03 13.22
CA PRO A 6 -6.84 5.23 12.64
C PRO A 6 -6.96 5.65 11.18
N VAL A 7 -5.81 5.90 10.57
CA VAL A 7 -5.77 6.32 9.17
C VAL A 7 -5.67 5.07 8.29
N ASP A 8 -6.20 5.20 7.08
CA ASP A 8 -6.18 4.10 6.13
C ASP A 8 -5.14 4.39 5.04
N CYS A 9 -4.91 3.39 4.21
CA CYS A 9 -3.94 3.53 3.13
C CYS A 9 -4.46 2.73 1.93
N LYS A 10 -4.84 1.49 2.21
CA LYS A 10 -5.34 0.61 1.17
C LYS A 10 -6.37 1.37 0.32
N GLY A 11 -7.46 1.73 0.97
CA GLY A 11 -8.53 2.45 0.28
C GLY A 11 -8.01 3.76 -0.31
N GLN A 12 -7.51 4.63 0.57
CA GLN A 12 -6.98 5.91 0.14
C GLN A 12 -6.16 5.74 -1.13
N CYS A 13 -5.51 4.59 -1.24
CA CYS A 13 -4.70 4.29 -2.41
C CYS A 13 -5.58 3.60 -3.45
N THR A 14 -6.55 4.36 -3.95
CA THR A 14 -7.47 3.83 -4.96
C THR A 14 -7.18 4.47 -6.32
N THR A 15 -7.03 5.78 -6.30
CA THR A 15 -6.76 6.52 -7.53
C THR A 15 -5.38 6.13 -8.08
N PRO A 16 -4.38 6.10 -7.17
CA PRO A 16 -3.03 5.73 -7.56
C PRO A 16 -2.90 4.23 -7.80
N CYS A 17 -3.97 3.52 -7.47
CA CYS A 17 -3.99 2.08 -7.63
C CYS A 17 -5.22 1.71 -8.47
N GLU A 18 -5.76 2.72 -9.15
CA GLU A 18 -6.94 2.52 -9.98
C GLU A 18 -6.59 1.66 -11.19
N PRO A 19 -5.58 2.16 -11.97
CA PRO A 19 -5.14 1.46 -13.16
C PRO A 19 -4.30 0.23 -12.80
N LEU A 20 -3.65 0.32 -11.66
CA LEU A 20 -2.81 -0.77 -11.18
C LEU A 20 -3.70 -1.96 -10.79
N THR A 21 -4.60 -1.69 -9.85
CA THR A 21 -5.51 -2.73 -9.38
C THR A 21 -6.25 -3.36 -10.56
N ALA A 22 -6.84 -2.50 -11.39
CA ALA A 22 -7.58 -2.97 -12.54
C ALA A 22 -6.71 -3.97 -13.33
N CYS A 23 -5.43 -3.63 -13.44
CA CYS A 23 -4.50 -4.48 -14.16
C CYS A 23 -4.48 -5.85 -13.48
N LYS A 24 -4.19 -5.83 -12.19
CA LYS A 24 -4.12 -7.06 -11.42
C LYS A 24 -5.47 -7.77 -11.50
N GLU A 25 -6.53 -7.01 -11.32
CA GLU A 25 -7.88 -7.56 -11.38
C GLU A 25 -8.10 -8.27 -12.71
N LYS A 26 -8.12 -7.48 -13.78
CA LYS A 26 -8.31 -8.02 -15.11
C LYS A 26 -7.56 -9.35 -15.24
N CYS A 27 -6.39 -9.38 -14.62
CA CYS A 27 -5.55 -10.58 -14.66
C CYS A 27 -6.22 -11.65 -13.80
N ALA A 28 -6.41 -11.32 -12.54
CA ALA A 28 -7.03 -12.24 -11.60
C ALA A 28 -8.20 -12.94 -12.30
N GLU A 29 -9.06 -12.13 -12.91
CA GLU A 29 -10.22 -12.66 -13.60
C GLU A 29 -9.79 -13.73 -14.62
N SER A 30 -8.89 -13.32 -15.51
CA SER A 30 -8.40 -14.23 -16.53
C SER A 30 -7.72 -15.43 -15.87
N CYS A 31 -7.12 -15.17 -14.72
CA CYS A 31 -6.42 -16.21 -13.98
C CYS A 31 -7.33 -16.69 -12.84
N GLU A 32 -8.54 -17.06 -13.22
CA GLU A 32 -9.51 -17.53 -12.23
C GLU A 32 -9.21 -18.98 -11.84
N THR A 33 -9.33 -19.86 -12.82
CA THR A 33 -9.08 -21.28 -12.59
C THR A 33 -7.70 -21.67 -13.13
N SER A 34 -6.70 -20.89 -12.73
CA SER A 34 -5.34 -21.14 -13.16
C SER A 34 -4.58 -21.92 -12.08
N ALA A 35 -3.77 -22.85 -12.54
CA ALA A 35 -2.99 -23.67 -11.63
C ALA A 35 -2.41 -22.79 -10.52
N ASP A 36 -1.46 -21.95 -10.91
CA ASP A 36 -0.82 -21.05 -9.97
C ASP A 36 -1.33 -19.63 -10.20
N LYS A 37 -2.38 -19.29 -9.47
CA LYS A 37 -2.97 -17.96 -9.59
C LYS A 37 -1.91 -16.90 -9.27
N LYS A 38 -1.23 -17.11 -8.16
CA LYS A 38 -0.19 -16.19 -7.72
C LYS A 38 0.73 -15.89 -8.90
N THR A 39 1.38 -16.94 -9.38
CA THR A 39 2.30 -16.80 -10.50
C THR A 39 1.59 -16.15 -11.70
N CYS A 40 0.47 -16.75 -12.07
CA CYS A 40 -0.31 -16.24 -13.18
C CYS A 40 -0.38 -14.72 -13.06
N ARG A 41 -0.95 -14.27 -11.95
CA ARG A 41 -1.08 -12.84 -11.70
C ARG A 41 0.28 -12.15 -11.79
N ARG A 42 1.23 -12.67 -11.03
CA ARG A 42 2.57 -12.12 -11.02
C ARG A 42 3.04 -11.84 -12.45
N ASN A 43 3.02 -12.88 -13.26
CA ASN A 43 3.45 -12.76 -14.64
C ASN A 43 2.62 -11.67 -15.32
N CYS A 44 1.32 -11.70 -15.06
CA CYS A 44 0.42 -10.71 -15.63
C CYS A 44 0.78 -9.34 -15.08
N LYS A 45 1.42 -9.35 -13.92
CA LYS A 45 1.82 -8.12 -13.28
C LYS A 45 2.98 -7.49 -14.05
N LYS A 46 3.87 -8.36 -14.53
CA LYS A 46 5.02 -7.91 -15.29
C LYS A 46 4.64 -7.79 -16.77
N ALA A 47 3.48 -8.33 -17.09
CA ALA A 47 2.98 -8.29 -18.46
C ALA A 47 2.83 -6.84 -18.90
N ASP A 48 2.04 -6.10 -18.12
CA ASP A 48 1.81 -4.70 -18.42
C ASP A 48 1.27 -4.00 -17.17
N CYS A 49 1.95 -4.25 -16.06
CA CYS A 49 1.56 -3.65 -14.79
C CYS A 49 2.82 -3.47 -13.94
N GLU A 50 3.92 -3.21 -14.62
CA GLU A 50 5.19 -3.01 -13.94
C GLU A 50 5.26 -1.60 -13.33
N PRO A 51 4.90 -0.60 -14.18
CA PRO A 51 4.91 0.79 -13.73
C PRO A 51 3.72 1.09 -12.83
N GLN A 52 2.63 0.39 -13.09
CA GLN A 52 1.42 0.57 -12.31
C GLN A 52 1.62 0.04 -10.89
N ASP A 53 2.05 -1.21 -10.81
CA ASP A 53 2.29 -1.84 -9.52
C ASP A 53 3.24 -0.97 -8.70
N LYS A 54 4.17 -0.34 -9.40
CA LYS A 54 5.14 0.51 -8.75
C LYS A 54 4.43 1.73 -8.17
N VAL A 55 3.81 2.50 -9.06
CA VAL A 55 3.09 3.69 -8.64
C VAL A 55 2.29 3.38 -7.37
N CYS A 56 1.54 2.31 -7.44
CA CYS A 56 0.72 1.90 -6.30
C CYS A 56 1.61 1.84 -5.07
N ASP A 57 2.60 0.95 -5.14
CA ASP A 57 3.53 0.79 -4.03
C ASP A 57 3.90 2.16 -3.46
N ALA A 58 4.27 3.06 -4.36
CA ALA A 58 4.64 4.40 -3.97
C ALA A 58 3.61 4.95 -2.99
N CYS A 59 2.36 4.88 -3.40
CA CYS A 59 1.27 5.37 -2.57
C CYS A 59 1.39 4.72 -1.19
N ARG A 60 1.29 3.40 -1.19
CA ARG A 60 1.39 2.65 0.06
C ARG A 60 2.66 3.05 0.82
N MET A 61 3.68 3.41 0.06
CA MET A 61 4.96 3.81 0.64
C MET A 61 4.87 5.23 1.20
N LYS A 62 4.10 6.06 0.50
CA LYS A 62 3.93 7.44 0.91
C LYS A 62 2.96 7.50 2.11
N CYS A 63 1.77 6.96 1.88
CA CYS A 63 0.76 6.95 2.94
C CYS A 63 1.44 6.60 4.26
N HIS A 64 2.11 5.45 4.26
CA HIS A 64 2.81 5.00 5.45
C HIS A 64 3.53 6.17 6.11
N LYS A 65 4.56 6.65 5.42
CA LYS A 65 5.34 7.77 5.93
C LYS A 65 4.40 8.92 6.27
N ALA A 66 3.58 9.29 5.30
CA ALA A 66 2.63 10.38 5.48
C ALA A 66 1.95 10.22 6.84
N CYS A 67 1.30 9.09 7.03
CA CYS A 67 0.60 8.82 8.27
C CYS A 67 1.53 9.21 9.42
N ARG A 68 2.73 8.65 9.41
CA ARG A 68 3.71 8.92 10.44
C ARG A 68 3.77 10.43 10.71
N ALA A 69 3.55 11.20 9.67
CA ALA A 69 3.59 12.65 9.79
C ALA A 69 2.18 13.16 10.13
N ALA A 70 1.19 12.45 9.62
CA ALA A 70 -0.20 12.81 9.86
C ALA A 70 -0.57 12.47 11.30
N ASN A 71 -0.95 11.22 11.51
CA ASN A 71 -1.33 10.75 12.83
C ASN A 71 -0.15 10.96 13.79
N CYS A 72 0.87 10.15 13.60
CA CYS A 72 2.06 10.23 14.43
C CYS A 72 2.75 11.57 14.16
N ALA A 73 3.65 11.92 15.06
CA ALA A 73 4.39 13.17 14.93
C ALA A 73 5.49 13.23 15.99
N SER A 74 5.07 13.13 17.24
CA SER A 74 6.01 13.17 18.36
C SER A 74 6.67 11.80 18.52
N GLU A 75 5.89 10.77 18.23
CA GLU A 75 6.38 9.40 18.35
C GLU A 75 7.43 9.12 17.27
N CYS A 76 7.47 10.01 16.29
CA CYS A 76 8.42 9.87 15.20
C CYS A 76 8.90 11.27 14.79
N PRO A 77 10.12 11.62 15.30
CA PRO A 77 10.70 12.92 15.00
C PRO A 77 11.24 12.97 13.57
N LYS A 78 12.31 12.23 13.34
CA LYS A 78 12.93 12.17 12.03
C LYS A 78 13.75 10.88 11.92
N HIS A 79 14.71 10.75 12.83
CA HIS A 79 15.57 9.58 12.84
C HIS A 79 14.78 8.37 13.35
N GLU A 80 15.48 7.24 13.44
CA GLU A 80 14.86 6.02 13.91
C GLU A 80 13.86 5.50 12.88
N HIS A 81 12.86 6.34 12.60
CA HIS A 81 11.83 6.00 11.65
C HIS A 81 10.89 4.97 12.27
N LYS A 82 11.46 3.83 12.65
CA LYS A 82 10.70 2.76 13.25
C LYS A 82 11.07 2.64 14.73
N SER A 83 10.97 3.77 15.42
CA SER A 83 11.29 3.80 16.84
C SER A 83 10.25 3.00 17.63
N ASP A 84 10.65 2.62 18.84
CA ASP A 84 9.76 1.85 19.70
C ASP A 84 8.40 2.52 19.76
N THR A 85 8.40 3.77 20.20
CA THR A 85 7.17 4.54 20.30
C THR A 85 6.53 4.71 18.93
N CYS A 86 7.37 5.05 17.95
CA CYS A 86 6.90 5.24 16.59
C CYS A 86 6.13 3.99 16.17
N ARG A 87 6.87 2.90 16.05
CA ARG A 87 6.28 1.63 15.65
C ARG A 87 4.99 1.38 16.42
N ALA A 88 5.04 1.65 17.72
CA ALA A 88 3.88 1.47 18.58
C ALA A 88 2.76 2.39 18.11
N CYS A 89 3.14 3.60 17.72
CA CYS A 89 2.17 4.58 17.24
C CYS A 89 1.66 4.12 15.88
N MET A 90 2.59 3.94 14.97
CA MET A 90 2.24 3.50 13.62
C MET A 90 1.51 2.16 13.64
N LYS A 91 1.82 1.38 14.67
CA LYS A 91 1.19 0.07 14.83
C LYS A 91 -0.32 0.21 14.69
N THR A 92 -0.86 1.19 15.40
CA THR A 92 -2.29 1.44 15.36
C THR A 92 -2.61 2.61 14.44
N ASN A 93 -2.02 3.76 14.76
CA ASN A 93 -2.23 4.96 13.97
C ASN A 93 -2.13 4.61 12.48
N CYS A 94 -1.00 4.00 12.13
CA CYS A 94 -0.76 3.61 10.75
C CYS A 94 -1.16 2.15 10.60
N LYS A 95 -2.46 1.92 10.48
CA LYS A 95 -2.98 0.57 10.32
C LYS A 95 -2.08 -0.21 9.35
N ILE A 1 -20.14 1.78 16.39
CA ILE A 1 -18.83 1.18 16.53
C ILE A 1 -17.78 2.08 15.89
N SER A 2 -17.42 3.13 16.63
CA SER A 2 -16.43 4.08 16.15
C SER A 2 -15.16 3.34 15.71
N GLU A 3 -14.61 2.58 16.65
CA GLU A 3 -13.40 1.81 16.37
C GLU A 3 -12.24 2.75 16.08
N PHE A 4 -11.06 2.33 16.48
CA PHE A 4 -9.86 3.13 16.27
C PHE A 4 -9.88 3.79 14.89
N ALA A 5 -10.10 2.98 13.88
CA ALA A 5 -10.15 3.47 12.51
C ALA A 5 -8.79 4.03 12.13
N PRO A 6 -7.98 3.16 11.47
CA PRO A 6 -6.65 3.56 11.04
C PRO A 6 -6.72 4.49 9.82
N VAL A 7 -5.70 5.32 9.69
CA VAL A 7 -5.63 6.26 8.58
C VAL A 7 -5.77 5.48 7.26
N ASP A 8 -5.41 4.21 7.32
CA ASP A 8 -5.48 3.36 6.14
C ASP A 8 -4.59 3.93 5.05
N CYS A 9 -4.15 3.05 4.17
CA CYS A 9 -3.29 3.45 3.07
C CYS A 9 -3.73 2.70 1.81
N LYS A 10 -3.84 1.39 1.94
CA LYS A 10 -4.26 0.56 0.82
C LYS A 10 -5.47 1.20 0.13
N GLY A 11 -6.59 1.18 0.84
CA GLY A 11 -7.81 1.76 0.31
C GLY A 11 -7.56 3.17 -0.23
N GLN A 12 -7.16 4.05 0.66
CA GLN A 12 -6.88 5.43 0.28
C GLN A 12 -6.15 5.48 -1.05
N CYS A 13 -5.25 4.52 -1.23
CA CYS A 13 -4.47 4.45 -2.46
C CYS A 13 -5.30 3.70 -3.51
N THR A 14 -6.44 4.27 -3.83
CA THR A 14 -7.33 3.68 -4.81
C THR A 14 -7.08 4.26 -6.20
N THR A 15 -6.72 5.54 -6.20
CA THR A 15 -6.45 6.24 -7.44
C THR A 15 -5.11 5.77 -8.03
N PRO A 16 -4.08 5.70 -7.14
CA PRO A 16 -2.76 5.27 -7.56
C PRO A 16 -2.72 3.76 -7.78
N CYS A 17 -3.71 3.08 -7.22
CA CYS A 17 -3.80 1.63 -7.33
C CYS A 17 -5.09 1.30 -8.08
N GLU A 18 -5.57 2.27 -8.84
CA GLU A 18 -6.79 2.08 -9.61
C GLU A 18 -6.52 1.23 -10.85
N PRO A 19 -5.47 1.65 -11.61
CA PRO A 19 -5.10 0.94 -12.83
C PRO A 19 -4.37 -0.36 -12.49
N LEU A 20 -3.57 -0.29 -11.43
CA LEU A 20 -2.81 -1.46 -10.99
C LEU A 20 -3.77 -2.59 -10.65
N THR A 21 -4.57 -2.36 -9.62
CA THR A 21 -5.53 -3.35 -9.17
C THR A 21 -6.22 -4.00 -10.37
N ALA A 22 -6.88 -3.17 -11.16
CA ALA A 22 -7.57 -3.66 -12.35
C ALA A 22 -6.63 -4.53 -13.17
N CYS A 23 -5.37 -4.09 -13.23
CA CYS A 23 -4.36 -4.82 -13.98
C CYS A 23 -4.34 -6.26 -13.48
N LYS A 24 -4.09 -6.41 -12.18
CA LYS A 24 -4.04 -7.72 -11.57
C LYS A 24 -5.39 -8.42 -11.76
N GLU A 25 -6.44 -7.73 -11.34
CA GLU A 25 -7.79 -8.27 -11.47
C GLU A 25 -8.01 -8.81 -12.88
N LYS A 26 -7.99 -7.89 -13.84
CA LYS A 26 -8.19 -8.25 -15.23
C LYS A 26 -7.49 -9.58 -15.51
N CYS A 27 -6.28 -9.71 -14.97
CA CYS A 27 -5.51 -10.91 -15.15
C CYS A 27 -6.14 -12.03 -14.32
N ALA A 28 -6.26 -11.76 -13.03
CA ALA A 28 -6.85 -12.73 -12.12
C ALA A 28 -8.08 -13.36 -12.77
N GLU A 29 -8.93 -12.50 -13.31
CA GLU A 29 -10.14 -12.96 -13.96
C GLU A 29 -9.80 -13.80 -15.19
N SER A 30 -8.77 -13.36 -15.91
CA SER A 30 -8.33 -14.07 -17.10
C SER A 30 -7.27 -15.10 -16.73
N CYS A 31 -7.28 -15.50 -15.46
CA CYS A 31 -6.33 -16.48 -14.98
C CYS A 31 -6.88 -17.08 -13.67
N GLU A 32 -8.19 -17.23 -13.64
CA GLU A 32 -8.85 -17.79 -12.47
C GLU A 32 -8.79 -19.32 -12.51
N THR A 33 -9.41 -19.87 -13.52
CA THR A 33 -9.44 -21.32 -13.68
C THR A 33 -8.03 -21.90 -13.55
N SER A 34 -7.06 -21.07 -13.88
CA SER A 34 -5.66 -21.48 -13.80
C SER A 34 -5.40 -22.19 -12.47
N ALA A 35 -4.63 -23.26 -12.55
CA ALA A 35 -4.29 -24.03 -11.36
C ALA A 35 -3.55 -23.14 -10.36
N ASP A 36 -2.61 -22.37 -10.89
CA ASP A 36 -1.82 -21.48 -10.07
C ASP A 36 -2.09 -20.03 -10.49
N LYS A 37 -3.36 -19.67 -10.45
CA LYS A 37 -3.77 -18.33 -10.84
C LYS A 37 -2.77 -17.31 -10.27
N LYS A 38 -2.27 -17.63 -9.08
CA LYS A 38 -1.31 -16.75 -8.42
C LYS A 38 -0.17 -16.42 -9.39
N THR A 39 0.55 -17.46 -9.80
CA THR A 39 1.65 -17.29 -10.72
C THR A 39 1.28 -16.27 -11.80
N CYS A 40 0.21 -16.56 -12.51
CA CYS A 40 -0.26 -15.68 -13.57
C CYS A 40 -0.50 -14.29 -12.97
N ARG A 41 -1.46 -14.24 -12.05
CA ARG A 41 -1.80 -12.98 -11.40
C ARG A 41 -0.53 -12.20 -11.06
N ARG A 42 0.43 -12.92 -10.48
CA ARG A 42 1.69 -12.31 -10.10
C ARG A 42 2.50 -11.95 -11.34
N ASN A 43 2.41 -12.80 -12.35
CA ASN A 43 3.12 -12.58 -13.60
C ASN A 43 2.55 -11.35 -14.30
N CYS A 44 1.31 -11.03 -13.95
CA CYS A 44 0.64 -9.89 -14.54
C CYS A 44 1.41 -8.63 -14.15
N LYS A 45 2.03 -8.69 -12.98
CA LYS A 45 2.80 -7.56 -12.48
C LYS A 45 3.96 -7.28 -13.45
N LYS A 46 4.47 -8.34 -14.05
CA LYS A 46 5.56 -8.21 -15.00
C LYS A 46 5.00 -8.15 -16.42
N ALA A 47 3.72 -8.49 -16.53
CA ALA A 47 3.05 -8.48 -17.82
C ALA A 47 3.07 -7.05 -18.38
N ASP A 48 2.44 -6.16 -17.63
CA ASP A 48 2.36 -4.76 -18.03
C ASP A 48 1.74 -3.95 -16.91
N CYS A 49 2.24 -4.17 -15.71
CA CYS A 49 1.75 -3.46 -14.54
C CYS A 49 2.94 -3.04 -13.68
N GLU A 50 4.11 -3.04 -14.32
CA GLU A 50 5.33 -2.66 -13.63
C GLU A 50 5.26 -1.20 -13.17
N PRO A 51 4.86 -0.32 -14.14
CA PRO A 51 4.75 1.10 -13.85
C PRO A 51 3.49 1.39 -13.03
N GLN A 52 2.45 0.63 -13.33
CA GLN A 52 1.18 0.80 -12.62
C GLN A 52 1.35 0.44 -11.15
N ASP A 53 1.91 -0.73 -10.91
CA ASP A 53 2.13 -1.20 -9.56
C ASP A 53 2.97 -0.17 -8.79
N LYS A 54 3.95 0.38 -9.50
CA LYS A 54 4.83 1.37 -8.91
C LYS A 54 4.01 2.57 -8.45
N VAL A 55 3.36 3.21 -9.41
CA VAL A 55 2.53 4.37 -9.11
C VAL A 55 1.75 4.12 -7.83
N CYS A 56 1.41 2.86 -7.62
CA CYS A 56 0.66 2.47 -6.43
C CYS A 56 1.63 2.42 -5.25
N ASP A 57 2.69 1.64 -5.43
CA ASP A 57 3.70 1.48 -4.40
C ASP A 57 3.99 2.85 -3.76
N ALA A 58 4.42 3.77 -4.61
CA ALA A 58 4.74 5.12 -4.16
C ALA A 58 3.70 5.57 -3.14
N CYS A 59 2.45 5.61 -3.60
CA CYS A 59 1.35 6.02 -2.74
C CYS A 59 1.50 5.31 -1.39
N ARG A 60 1.54 3.99 -1.46
CA ARG A 60 1.69 3.19 -0.26
C ARG A 60 2.93 3.61 0.52
N MET A 61 3.98 3.90 -0.23
CA MET A 61 5.24 4.32 0.38
C MET A 61 5.09 5.68 1.06
N LYS A 62 4.49 6.61 0.33
CA LYS A 62 4.29 7.95 0.84
C LYS A 62 3.32 7.90 2.02
N CYS A 63 2.14 7.33 1.74
CA CYS A 63 1.11 7.22 2.76
C CYS A 63 1.78 6.76 4.07
N HIS A 64 2.42 5.61 4.00
CA HIS A 64 3.10 5.07 5.16
C HIS A 64 3.80 6.19 5.93
N LYS A 65 4.62 6.94 5.21
CA LYS A 65 5.34 8.04 5.81
C LYS A 65 4.35 9.12 6.25
N ALA A 66 3.40 9.40 5.36
CA ALA A 66 2.40 10.41 5.64
C ALA A 66 1.71 10.08 6.97
N CYS A 67 1.11 8.91 7.02
CA CYS A 67 0.42 8.47 8.22
C CYS A 67 1.36 8.67 9.42
N ARG A 68 2.60 8.24 9.23
CA ARG A 68 3.60 8.37 10.28
C ARG A 68 3.76 9.83 10.69
N ALA A 69 3.84 10.68 9.68
CA ALA A 69 3.99 12.11 9.91
C ALA A 69 2.62 12.71 10.23
N ALA A 70 1.63 11.85 10.30
CA ALA A 70 0.27 12.29 10.59
C ALA A 70 0.01 12.13 12.10
N ASN A 71 0.18 10.91 12.58
CA ASN A 71 -0.04 10.62 13.97
C ASN A 71 1.31 10.51 14.69
N CYS A 72 2.09 9.53 14.26
CA CYS A 72 3.40 9.31 14.85
C CYS A 72 4.32 10.45 14.40
N ALA A 73 3.95 11.66 14.82
CA ALA A 73 4.73 12.84 14.48
C ALA A 73 5.94 12.94 15.42
N SER A 74 5.68 12.66 16.69
CA SER A 74 6.73 12.71 17.69
C SER A 74 7.38 11.33 17.85
N GLU A 75 6.53 10.32 17.89
CA GLU A 75 7.00 8.96 18.04
C GLU A 75 8.12 8.67 17.04
N CYS A 76 8.04 9.36 15.91
CA CYS A 76 9.03 9.19 14.85
C CYS A 76 9.78 10.51 14.69
N PRO A 77 11.02 10.54 15.25
CA PRO A 77 11.85 11.73 15.17
C PRO A 77 12.45 11.88 13.77
N LYS A 78 13.27 12.91 13.62
CA LYS A 78 13.91 13.18 12.34
C LYS A 78 15.09 12.23 12.16
N HIS A 79 16.04 12.34 13.09
CA HIS A 79 17.22 11.50 13.04
C HIS A 79 16.82 10.06 12.70
N GLU A 80 16.18 9.41 13.66
CA GLU A 80 15.73 8.04 13.48
C GLU A 80 14.56 7.98 12.50
N HIS A 81 14.05 6.79 12.31
CA HIS A 81 12.92 6.58 11.40
C HIS A 81 12.11 5.37 11.85
N LYS A 82 12.82 4.29 12.13
CA LYS A 82 12.18 3.06 12.57
C LYS A 82 12.52 2.81 14.04
N SER A 83 11.92 3.62 14.90
CA SER A 83 12.17 3.50 16.33
C SER A 83 11.12 2.56 16.96
N ASP A 84 11.49 2.00 18.10
CA ASP A 84 10.60 1.09 18.80
C ASP A 84 9.27 1.78 19.07
N THR A 85 9.37 3.04 19.46
CA THR A 85 8.19 3.83 19.75
C THR A 85 7.38 4.09 18.48
N CYS A 86 8.12 4.36 17.41
CA CYS A 86 7.49 4.63 16.12
C CYS A 86 6.82 3.34 15.63
N ARG A 87 7.63 2.30 15.48
CA ARG A 87 7.12 1.02 15.03
C ARG A 87 5.81 0.68 15.75
N ALA A 88 5.87 0.72 17.07
CA ALA A 88 4.70 0.43 17.88
C ALA A 88 3.57 1.40 17.51
N CYS A 89 3.94 2.67 17.41
CA CYS A 89 2.97 3.70 17.07
C CYS A 89 2.30 3.32 15.76
N MET A 90 3.13 2.94 14.79
CA MET A 90 2.63 2.54 13.49
C MET A 90 1.84 1.23 13.57
N LYS A 91 2.32 0.35 14.44
CA LYS A 91 1.67 -0.94 14.63
C LYS A 91 0.40 -0.75 15.47
N THR A 92 0.32 0.40 16.12
CA THR A 92 -0.82 0.72 16.94
C THR A 92 -1.98 1.24 16.08
N ASN A 93 -1.70 2.31 15.36
CA ASN A 93 -2.69 2.92 14.50
C ASN A 93 -1.99 3.70 13.39
N CYS A 94 -1.55 2.97 12.38
CA CYS A 94 -0.86 3.58 11.25
C CYS A 94 -0.34 2.47 10.35
N LYS A 95 -1.25 1.87 9.61
CA LYS A 95 -0.89 0.79 8.70
C LYS A 95 0.05 1.33 7.62
N ILE A 1 -16.68 9.92 8.15
CA ILE A 1 -15.28 9.93 8.57
C ILE A 1 -14.71 11.33 8.36
N SER A 2 -14.14 11.88 9.43
CA SER A 2 -13.56 13.20 9.36
C SER A 2 -12.49 13.35 10.45
N GLU A 3 -11.26 13.56 10.00
CA GLU A 3 -10.15 13.72 10.91
C GLU A 3 -10.28 12.74 12.09
N PHE A 4 -10.18 11.46 11.76
CA PHE A 4 -10.28 10.43 12.77
C PHE A 4 -10.07 9.04 12.15
N ALA A 5 -9.81 8.08 13.02
CA ALA A 5 -9.58 6.70 12.57
C ALA A 5 -8.22 6.62 11.88
N PRO A 6 -7.71 5.36 11.79
CA PRO A 6 -6.42 5.12 11.17
C PRO A 6 -6.53 5.22 9.64
N VAL A 7 -5.52 5.86 9.05
CA VAL A 7 -5.49 6.03 7.61
C VAL A 7 -5.37 4.66 6.93
N ASP A 8 -6.37 4.35 6.12
CA ASP A 8 -6.38 3.07 5.42
C ASP A 8 -5.21 3.03 4.44
N CYS A 9 -5.00 4.16 3.76
CA CYS A 9 -3.92 4.26 2.79
C CYS A 9 -4.24 3.33 1.63
N LYS A 10 -4.08 2.04 1.87
CA LYS A 10 -4.34 1.04 0.85
C LYS A 10 -5.59 1.45 0.06
N GLY A 11 -6.68 1.60 0.78
CA GLY A 11 -7.94 1.98 0.16
C GLY A 11 -7.87 3.41 -0.40
N GLN A 12 -7.41 4.31 0.45
CA GLN A 12 -7.28 5.70 0.05
C GLN A 12 -6.47 5.83 -1.24
N CYS A 13 -5.67 4.80 -1.48
CA CYS A 13 -4.84 4.77 -2.67
C CYS A 13 -5.62 4.09 -3.80
N THR A 14 -6.74 4.70 -4.15
CA THR A 14 -7.59 4.16 -5.20
C THR A 14 -7.25 4.82 -6.54
N THR A 15 -6.95 6.11 -6.48
CA THR A 15 -6.61 6.85 -7.68
C THR A 15 -5.27 6.37 -8.24
N PRO A 16 -4.28 6.23 -7.32
CA PRO A 16 -2.95 5.77 -7.71
C PRO A 16 -2.95 4.27 -8.00
N CYS A 17 -3.94 3.59 -7.44
CA CYS A 17 -4.06 2.15 -7.64
C CYS A 17 -5.34 1.88 -8.41
N GLU A 18 -5.71 2.84 -9.25
CA GLU A 18 -6.92 2.71 -10.05
C GLU A 18 -6.67 1.78 -11.24
N PRO A 19 -5.57 2.09 -11.99
CA PRO A 19 -5.21 1.29 -13.14
C PRO A 19 -4.59 -0.04 -12.72
N LEU A 20 -3.84 0.01 -11.64
CA LEU A 20 -3.19 -1.19 -11.13
C LEU A 20 -4.24 -2.25 -10.81
N THR A 21 -5.16 -1.88 -9.92
CA THR A 21 -6.22 -2.78 -9.52
C THR A 21 -6.87 -3.42 -10.75
N ALA A 22 -7.45 -2.56 -11.58
CA ALA A 22 -8.10 -3.02 -12.80
C ALA A 22 -7.16 -3.95 -13.56
N CYS A 23 -5.87 -3.74 -13.34
CA CYS A 23 -4.86 -4.54 -13.99
C CYS A 23 -4.88 -5.95 -13.38
N LYS A 24 -4.83 -5.98 -12.06
CA LYS A 24 -4.85 -7.25 -11.34
C LYS A 24 -6.08 -8.06 -11.77
N GLU A 25 -7.22 -7.40 -11.75
CA GLU A 25 -8.47 -8.03 -12.13
C GLU A 25 -8.33 -8.68 -13.52
N LYS A 26 -8.22 -7.82 -14.52
CA LYS A 26 -8.08 -8.28 -15.89
C LYS A 26 -7.16 -9.50 -15.92
N CYS A 27 -6.12 -9.45 -15.09
CA CYS A 27 -5.17 -10.53 -15.02
C CYS A 27 -5.86 -11.74 -14.37
N ALA A 28 -6.35 -11.52 -13.16
CA ALA A 28 -7.03 -12.56 -12.43
C ALA A 28 -7.91 -13.36 -13.39
N GLU A 29 -8.61 -12.63 -14.26
CA GLU A 29 -9.49 -13.26 -15.23
C GLU A 29 -8.68 -14.11 -16.20
N SER A 30 -7.70 -13.47 -16.83
CA SER A 30 -6.84 -14.16 -17.78
C SER A 30 -6.12 -15.32 -17.10
N CYS A 31 -5.90 -15.16 -15.80
CA CYS A 31 -5.23 -16.19 -15.03
C CYS A 31 -6.28 -16.91 -14.17
N GLU A 32 -7.32 -17.37 -14.83
CA GLU A 32 -8.39 -18.08 -14.15
C GLU A 32 -8.06 -19.57 -14.05
N THR A 33 -7.99 -20.21 -15.20
CA THR A 33 -7.68 -21.63 -15.26
C THR A 33 -6.26 -21.89 -14.76
N SER A 34 -5.43 -20.87 -14.90
CA SER A 34 -4.04 -20.98 -14.47
C SER A 34 -3.97 -21.59 -13.08
N ALA A 35 -3.25 -22.69 -12.98
CA ALA A 35 -3.09 -23.39 -11.71
C ALA A 35 -2.51 -22.43 -10.68
N ASP A 36 -1.26 -22.05 -10.90
CA ASP A 36 -0.58 -21.14 -9.99
C ASP A 36 -1.15 -19.73 -10.18
N LYS A 37 -2.43 -19.59 -9.83
CA LYS A 37 -3.09 -18.30 -9.94
C LYS A 37 -2.17 -17.20 -9.43
N LYS A 38 -1.87 -17.28 -8.14
CA LYS A 38 -1.00 -16.30 -7.51
C LYS A 38 0.16 -15.98 -8.45
N THR A 39 1.03 -16.96 -8.62
CA THR A 39 2.19 -16.79 -9.48
C THR A 39 1.79 -16.10 -10.78
N CYS A 40 0.82 -16.70 -11.46
CA CYS A 40 0.34 -16.15 -12.71
C CYS A 40 0.04 -14.66 -12.50
N ARG A 41 -0.91 -14.39 -11.63
CA ARG A 41 -1.30 -13.03 -11.33
C ARG A 41 -0.06 -12.19 -11.00
N ARG A 42 0.85 -12.79 -10.25
CA ARG A 42 2.07 -12.12 -9.86
C ARG A 42 2.86 -11.69 -11.10
N ASN A 43 3.16 -12.67 -11.94
CA ASN A 43 3.90 -12.40 -13.16
C ASN A 43 3.02 -11.61 -14.12
N CYS A 44 1.72 -11.68 -13.88
CA CYS A 44 0.77 -10.96 -14.72
C CYS A 44 0.76 -9.50 -14.30
N LYS A 45 1.15 -9.27 -13.05
CA LYS A 45 1.19 -7.92 -12.51
C LYS A 45 2.43 -7.20 -13.03
N LYS A 46 3.59 -7.82 -12.77
CA LYS A 46 4.85 -7.25 -13.20
C LYS A 46 4.97 -7.38 -14.72
N ALA A 47 4.01 -8.08 -15.30
CA ALA A 47 3.99 -8.29 -16.74
C ALA A 47 3.66 -6.97 -17.44
N ASP A 48 2.46 -6.47 -17.16
CA ASP A 48 2.01 -5.23 -17.74
C ASP A 48 1.75 -4.21 -16.64
N CYS A 49 1.37 -4.72 -15.47
CA CYS A 49 1.09 -3.88 -14.34
C CYS A 49 2.41 -3.55 -13.64
N GLU A 50 3.35 -3.07 -14.43
CA GLU A 50 4.67 -2.72 -13.92
C GLU A 50 4.65 -1.28 -13.39
N PRO A 51 4.26 -0.34 -14.29
CA PRO A 51 4.20 1.06 -13.93
C PRO A 51 2.99 1.36 -13.04
N GLN A 52 1.88 0.70 -13.37
CA GLN A 52 0.65 0.88 -12.61
C GLN A 52 0.88 0.50 -11.14
N ASP A 53 1.56 -0.62 -10.95
CA ASP A 53 1.85 -1.10 -9.61
C ASP A 53 2.73 -0.09 -8.89
N LYS A 54 3.68 0.47 -9.63
CA LYS A 54 4.59 1.46 -9.07
C LYS A 54 3.79 2.66 -8.59
N VAL A 55 3.09 3.29 -9.53
CA VAL A 55 2.28 4.44 -9.21
C VAL A 55 1.52 4.21 -7.90
N CYS A 56 1.18 2.94 -7.69
CA CYS A 56 0.45 2.57 -6.49
C CYS A 56 1.46 2.49 -5.33
N ASP A 57 2.47 1.67 -5.53
CA ASP A 57 3.50 1.49 -4.52
C ASP A 57 3.83 2.84 -3.89
N ALA A 58 4.23 3.77 -4.74
CA ALA A 58 4.58 5.10 -4.28
C ALA A 58 3.53 5.58 -3.26
N CYS A 59 2.28 5.55 -3.68
CA CYS A 59 1.19 5.96 -2.82
C CYS A 59 1.33 5.25 -1.48
N ARG A 60 1.33 3.92 -1.56
CA ARG A 60 1.46 3.11 -0.36
C ARG A 60 2.71 3.51 0.42
N MET A 61 3.74 3.84 -0.32
CA MET A 61 5.01 4.24 0.28
C MET A 61 4.88 5.60 0.98
N LYS A 62 4.45 6.59 0.20
CA LYS A 62 4.27 7.93 0.72
C LYS A 62 3.26 7.90 1.87
N CYS A 63 2.08 7.38 1.55
CA CYS A 63 1.01 7.29 2.54
C CYS A 63 1.59 6.67 3.81
N HIS A 64 2.40 5.63 3.61
CA HIS A 64 3.02 4.94 4.73
C HIS A 64 3.82 5.94 5.57
N LYS A 65 4.75 6.62 4.90
CA LYS A 65 5.58 7.60 5.57
C LYS A 65 4.71 8.76 6.07
N ALA A 66 3.57 8.93 5.40
CA ALA A 66 2.65 9.99 5.76
C ALA A 66 1.92 9.60 7.05
N CYS A 67 1.28 8.45 7.01
CA CYS A 67 0.53 7.96 8.16
C CYS A 67 1.52 7.74 9.30
N ARG A 68 2.80 7.68 8.94
CA ARG A 68 3.85 7.46 9.91
C ARG A 68 4.38 8.81 10.42
N ALA A 69 4.55 9.73 9.49
CA ALA A 69 5.06 11.05 9.81
C ALA A 69 3.88 11.95 10.19
N ALA A 70 2.70 11.35 10.21
CA ALA A 70 1.49 12.09 10.55
C ALA A 70 1.00 11.64 11.93
N ASN A 71 0.26 10.54 11.93
CA ASN A 71 -0.28 9.99 13.16
C ASN A 71 0.86 9.81 14.17
N CYS A 72 1.69 8.81 13.90
CA CYS A 72 2.81 8.51 14.76
C CYS A 72 3.68 9.77 14.87
N ALA A 73 4.63 9.87 13.95
CA ALA A 73 5.54 11.00 13.93
C ALA A 73 6.60 10.82 15.01
N SER A 74 6.14 10.82 16.25
CA SER A 74 7.04 10.67 17.38
C SER A 74 7.44 9.20 17.53
N GLU A 75 6.43 8.35 17.67
CA GLU A 75 6.68 6.92 17.82
C GLU A 75 7.54 6.41 16.67
N CYS A 76 7.47 7.12 15.55
CA CYS A 76 8.25 6.75 14.37
C CYS A 76 9.30 7.83 14.14
N PRO A 77 10.55 7.52 14.59
CA PRO A 77 11.65 8.45 14.44
C PRO A 77 12.14 8.47 12.99
N LYS A 78 13.34 9.04 12.80
CA LYS A 78 13.93 9.13 11.48
C LYS A 78 14.79 7.88 11.23
N HIS A 79 14.94 7.56 9.95
CA HIS A 79 15.73 6.41 9.57
C HIS A 79 15.03 5.13 10.02
N GLU A 80 14.96 4.96 11.34
CA GLU A 80 14.33 3.80 11.91
C GLU A 80 13.03 3.48 11.17
N HIS A 81 13.12 2.57 10.21
CA HIS A 81 11.98 2.17 9.43
C HIS A 81 11.15 1.15 10.22
N LYS A 82 9.93 1.55 10.53
CA LYS A 82 9.03 0.69 11.28
C LYS A 82 9.66 0.34 12.62
N SER A 83 9.82 1.36 13.45
CA SER A 83 10.42 1.17 14.76
C SER A 83 9.51 0.30 15.63
N ASP A 84 10.10 -0.26 16.67
CA ASP A 84 9.35 -1.12 17.58
C ASP A 84 8.13 -0.36 18.10
N THR A 85 8.39 0.79 18.68
CA THR A 85 7.33 1.62 19.22
C THR A 85 6.45 2.16 18.09
N CYS A 86 7.05 2.25 16.91
CA CYS A 86 6.34 2.75 15.74
C CYS A 86 5.30 1.70 15.33
N ARG A 87 5.81 0.55 14.91
CA ARG A 87 4.94 -0.53 14.49
C ARG A 87 3.74 -0.67 15.44
N ALA A 88 4.02 -0.38 16.70
CA ALA A 88 2.98 -0.47 17.72
C ALA A 88 1.97 0.66 17.50
N CYS A 89 2.50 1.87 17.33
CA CYS A 89 1.66 3.03 17.11
C CYS A 89 0.83 2.80 15.84
N MET A 90 1.54 2.65 14.73
CA MET A 90 0.89 2.42 13.45
C MET A 90 -0.11 1.27 13.54
N LYS A 91 0.09 0.43 14.55
CA LYS A 91 -0.80 -0.71 14.76
C LYS A 91 -2.25 -0.22 14.81
N THR A 92 -2.49 0.73 15.70
CA THR A 92 -3.83 1.28 15.85
C THR A 92 -3.94 2.61 15.11
N ASN A 93 -2.95 3.47 15.34
CA ASN A 93 -2.94 4.77 14.70
C ASN A 93 -3.13 4.60 13.19
N CYS A 94 -2.57 3.51 12.67
CA CYS A 94 -2.68 3.22 11.25
C CYS A 94 -3.10 1.76 11.09
N LYS A 95 -2.55 1.13 10.07
CA LYS A 95 -2.85 -0.27 9.79
C LYS A 95 -1.91 -1.16 10.60
N ILE A 1 -20.27 12.94 14.51
CA ILE A 1 -19.57 11.82 15.09
C ILE A 1 -18.34 11.48 14.24
N SER A 2 -17.59 12.52 13.91
CA SER A 2 -16.39 12.35 13.10
C SER A 2 -15.38 11.48 13.85
N GLU A 3 -15.12 11.85 15.09
CA GLU A 3 -14.19 11.11 15.92
C GLU A 3 -12.81 11.10 15.27
N PHE A 4 -11.82 10.66 16.04
CA PHE A 4 -10.46 10.60 15.54
C PHE A 4 -10.22 9.31 14.75
N ALA A 5 -10.02 9.49 13.45
CA ALA A 5 -9.77 8.36 12.57
C ALA A 5 -8.35 8.45 12.02
N PRO A 6 -7.83 7.27 11.59
CA PRO A 6 -6.49 7.19 11.03
C PRO A 6 -6.44 7.77 9.62
N VAL A 7 -5.28 7.63 8.99
CA VAL A 7 -5.09 8.13 7.65
C VAL A 7 -5.60 7.10 6.64
N ASP A 8 -5.45 5.83 7.03
CA ASP A 8 -5.88 4.74 6.17
C ASP A 8 -5.08 4.77 4.86
N CYS A 9 -4.65 3.59 4.45
CA CYS A 9 -3.88 3.46 3.23
C CYS A 9 -4.53 2.40 2.34
N LYS A 10 -3.86 2.07 1.26
CA LYS A 10 -4.37 1.07 0.32
C LYS A 10 -5.64 1.61 -0.34
N GLY A 11 -6.72 1.61 0.43
CA GLY A 11 -7.99 2.09 -0.07
C GLY A 11 -7.91 3.56 -0.48
N GLN A 12 -7.17 4.32 0.31
CA GLN A 12 -6.99 5.73 0.05
C GLN A 12 -6.16 5.94 -1.23
N CYS A 13 -5.38 4.91 -1.56
CA CYS A 13 -4.55 4.97 -2.75
C CYS A 13 -5.28 4.26 -3.88
N THR A 14 -6.43 4.82 -4.25
CA THR A 14 -7.23 4.25 -5.32
C THR A 14 -6.91 4.93 -6.65
N THR A 15 -6.82 6.25 -6.59
CA THR A 15 -6.52 7.04 -7.77
C THR A 15 -5.15 6.65 -8.34
N PRO A 16 -4.16 6.55 -7.41
CA PRO A 16 -2.80 6.19 -7.80
C PRO A 16 -2.70 4.70 -8.12
N CYS A 17 -3.67 3.94 -7.59
CA CYS A 17 -3.70 2.51 -7.82
C CYS A 17 -4.96 2.17 -8.60
N GLU A 18 -5.39 3.12 -9.41
CA GLU A 18 -6.58 2.94 -10.22
C GLU A 18 -6.30 1.99 -11.39
N PRO A 19 -5.28 2.38 -12.21
CA PRO A 19 -4.90 1.57 -13.36
C PRO A 19 -4.11 0.34 -12.93
N LEU A 20 -3.47 0.46 -11.77
CA LEU A 20 -2.68 -0.64 -11.23
C LEU A 20 -3.62 -1.76 -10.77
N THR A 21 -4.57 -1.39 -9.94
CA THR A 21 -5.53 -2.35 -9.43
C THR A 21 -6.28 -3.03 -10.58
N ALA A 22 -6.80 -2.20 -11.47
CA ALA A 22 -7.54 -2.71 -12.62
C ALA A 22 -6.70 -3.79 -13.32
N CYS A 23 -5.40 -3.54 -13.37
CA CYS A 23 -4.49 -4.49 -13.99
C CYS A 23 -4.50 -5.79 -13.18
N LYS A 24 -4.12 -5.67 -11.92
CA LYS A 24 -4.08 -6.82 -11.04
C LYS A 24 -5.42 -7.56 -11.11
N GLU A 25 -6.48 -6.78 -11.02
CA GLU A 25 -7.82 -7.34 -11.08
C GLU A 25 -8.00 -8.17 -12.36
N LYS A 26 -8.01 -7.46 -13.48
CA LYS A 26 -8.17 -8.11 -14.77
C LYS A 26 -7.37 -9.41 -14.78
N CYS A 27 -6.16 -9.34 -14.25
CA CYS A 27 -5.29 -10.50 -14.20
C CYS A 27 -5.99 -11.57 -13.35
N ALA A 28 -6.27 -11.21 -12.11
CA ALA A 28 -6.93 -12.13 -11.18
C ALA A 28 -8.04 -12.87 -11.93
N GLU A 29 -8.96 -12.10 -12.48
CA GLU A 29 -10.07 -12.66 -13.22
C GLU A 29 -9.57 -13.63 -14.28
N SER A 30 -8.71 -13.11 -15.14
CA SER A 30 -8.16 -13.93 -16.22
C SER A 30 -7.39 -15.12 -15.63
N CYS A 31 -7.05 -14.99 -14.36
CA CYS A 31 -6.34 -16.05 -13.67
C CYS A 31 -7.23 -16.59 -12.56
N GLU A 32 -8.41 -17.04 -12.95
CA GLU A 32 -9.36 -17.59 -12.00
C GLU A 32 -9.04 -19.06 -11.70
N THR A 33 -8.80 -19.33 -10.43
CA THR A 33 -8.47 -20.68 -10.00
C THR A 33 -7.51 -21.33 -10.99
N SER A 34 -6.67 -20.50 -11.58
CA SER A 34 -5.69 -20.98 -12.55
C SER A 34 -4.50 -21.61 -11.81
N ALA A 35 -3.95 -22.65 -12.42
CA ALA A 35 -2.82 -23.34 -11.84
C ALA A 35 -1.74 -22.32 -11.44
N ASP A 36 -1.52 -22.23 -10.15
CA ASP A 36 -0.53 -21.30 -9.62
C ASP A 36 -1.02 -19.86 -9.84
N LYS A 37 -2.18 -19.57 -9.28
CA LYS A 37 -2.76 -18.25 -9.40
C LYS A 37 -1.67 -17.19 -9.25
N LYS A 38 -0.97 -17.29 -8.12
CA LYS A 38 0.11 -16.34 -7.83
C LYS A 38 0.94 -16.12 -9.10
N THR A 39 1.56 -17.20 -9.55
CA THR A 39 2.38 -17.14 -10.75
C THR A 39 1.61 -16.48 -11.89
N CYS A 40 0.46 -17.07 -12.19
CA CYS A 40 -0.38 -16.56 -13.26
C CYS A 40 -0.45 -15.04 -13.14
N ARG A 41 -1.01 -14.59 -12.03
CA ARG A 41 -1.15 -13.16 -11.78
C ARG A 41 0.21 -12.48 -11.88
N ARG A 42 1.19 -13.08 -11.22
CA ARG A 42 2.54 -12.53 -11.23
C ARG A 42 2.99 -12.24 -12.66
N ASN A 43 2.80 -13.24 -13.52
CA ASN A 43 3.18 -13.11 -14.91
C ASN A 43 2.40 -11.95 -15.54
N CYS A 44 1.11 -11.92 -15.25
CA CYS A 44 0.25 -10.88 -15.77
C CYS A 44 0.74 -9.53 -15.24
N LYS A 45 1.12 -9.54 -13.97
CA LYS A 45 1.62 -8.33 -13.34
C LYS A 45 2.78 -7.76 -14.15
N LYS A 46 3.47 -8.67 -14.83
CA LYS A 46 4.60 -8.27 -15.66
C LYS A 46 4.10 -7.86 -17.04
N ALA A 47 2.94 -8.37 -17.40
CA ALA A 47 2.34 -8.07 -18.68
C ALA A 47 2.43 -6.56 -18.93
N ASP A 48 1.83 -5.80 -18.04
CA ASP A 48 1.85 -4.36 -18.15
C ASP A 48 1.33 -3.74 -16.85
N CYS A 49 1.81 -4.29 -15.74
CA CYS A 49 1.41 -3.81 -14.43
C CYS A 49 2.68 -3.60 -13.59
N GLU A 50 3.80 -3.48 -14.28
CA GLU A 50 5.07 -3.29 -13.61
C GLU A 50 5.22 -1.83 -13.14
N PRO A 51 4.95 -0.90 -14.09
CA PRO A 51 5.04 0.52 -13.79
C PRO A 51 3.84 0.98 -12.95
N GLN A 52 2.77 0.22 -13.06
CA GLN A 52 1.55 0.54 -12.31
C GLN A 52 1.70 0.12 -10.85
N ASP A 53 2.10 -1.12 -10.66
CA ASP A 53 2.29 -1.65 -9.31
C ASP A 53 3.30 -0.78 -8.56
N LYS A 54 4.24 -0.22 -9.34
CA LYS A 54 5.26 0.63 -8.75
C LYS A 54 4.64 1.93 -8.28
N VAL A 55 4.07 2.67 -9.22
CA VAL A 55 3.43 3.94 -8.90
C VAL A 55 2.56 3.77 -7.65
N CYS A 56 1.75 2.71 -7.67
CA CYS A 56 0.87 2.44 -6.56
C CYS A 56 1.72 2.26 -5.30
N ASP A 57 2.68 1.34 -5.40
CA ASP A 57 3.57 1.08 -4.27
C ASP A 57 3.96 2.40 -3.61
N ALA A 58 4.39 3.33 -4.44
CA ALA A 58 4.80 4.64 -3.94
C ALA A 58 3.72 5.17 -2.98
N CYS A 59 2.54 5.39 -3.53
CA CYS A 59 1.44 5.89 -2.73
C CYS A 59 1.42 5.15 -1.40
N ARG A 60 1.39 3.83 -1.49
CA ARG A 60 1.37 2.99 -0.30
C ARG A 60 2.60 3.27 0.56
N MET A 61 3.72 3.53 -0.11
CA MET A 61 4.96 3.83 0.58
C MET A 61 4.91 5.21 1.23
N LYS A 62 4.23 6.13 0.57
CA LYS A 62 4.10 7.48 1.06
C LYS A 62 3.01 7.52 2.15
N CYS A 63 1.83 7.06 1.77
CA CYS A 63 0.70 7.04 2.69
C CYS A 63 1.21 6.57 4.06
N HIS A 64 1.93 5.45 4.03
CA HIS A 64 2.48 4.89 5.26
C HIS A 64 3.16 5.99 6.07
N LYS A 65 4.27 6.48 5.54
CA LYS A 65 5.02 7.53 6.20
C LYS A 65 4.09 8.71 6.50
N ALA A 66 3.42 9.16 5.44
CA ALA A 66 2.50 10.28 5.58
C ALA A 66 1.64 10.08 6.82
N CYS A 67 0.95 8.95 6.85
CA CYS A 67 0.09 8.63 7.98
C CYS A 67 0.88 8.85 9.27
N ARG A 68 2.08 8.29 9.29
CA ARG A 68 2.95 8.42 10.46
C ARG A 68 3.20 9.89 10.77
N ALA A 69 3.49 10.65 9.73
CA ALA A 69 3.75 12.07 9.88
C ALA A 69 2.43 12.83 9.94
N ALA A 70 1.34 12.06 9.93
CA ALA A 70 0.01 12.63 9.99
C ALA A 70 -0.53 12.55 11.42
N ASN A 71 -0.76 11.32 11.85
CA ASN A 71 -1.27 11.08 13.19
C ASN A 71 -0.09 10.96 14.16
N CYS A 72 0.82 10.05 13.84
CA CYS A 72 1.98 9.82 14.68
C CYS A 72 2.92 11.03 14.52
N ALA A 73 2.41 12.19 14.92
CA ALA A 73 3.18 13.41 14.83
C ALA A 73 3.90 13.65 16.16
N SER A 74 3.43 12.96 17.18
CA SER A 74 4.01 13.08 18.51
C SER A 74 4.84 11.83 18.83
N GLU A 75 4.47 10.74 18.21
CA GLU A 75 5.17 9.48 18.43
C GLU A 75 6.35 9.36 17.46
N CYS A 76 6.46 10.35 16.59
CA CYS A 76 7.54 10.37 15.61
C CYS A 76 7.88 11.82 15.30
N PRO A 77 8.88 12.35 16.06
CA PRO A 77 9.32 13.72 15.88
C PRO A 77 10.17 13.86 14.61
N LYS A 78 10.88 14.98 14.53
CA LYS A 78 11.72 15.25 13.38
C LYS A 78 12.43 13.96 12.96
N HIS A 79 13.29 13.48 13.85
CA HIS A 79 14.04 12.26 13.58
C HIS A 79 13.61 11.17 14.57
N GLU A 80 12.80 10.25 14.07
CA GLU A 80 12.32 9.16 14.89
C GLU A 80 13.28 7.97 14.81
N HIS A 81 13.79 7.74 13.62
CA HIS A 81 14.71 6.64 13.39
C HIS A 81 14.21 5.39 14.11
N LYS A 82 13.36 4.64 13.40
CA LYS A 82 12.80 3.43 13.95
C LYS A 82 12.65 3.57 15.47
N SER A 83 11.60 4.25 15.87
CA SER A 83 11.34 4.47 17.28
C SER A 83 10.38 3.40 17.81
N ASP A 84 10.42 3.21 19.12
CA ASP A 84 9.57 2.23 19.76
C ASP A 84 8.17 2.82 19.96
N THR A 85 8.15 4.11 20.26
CA THR A 85 6.89 4.80 20.48
C THR A 85 6.21 5.09 19.14
N CYS A 86 7.02 5.17 18.10
CA CYS A 86 6.51 5.45 16.77
C CYS A 86 5.84 4.18 16.25
N ARG A 87 6.66 3.17 15.98
CA ARG A 87 6.15 1.91 15.47
C ARG A 87 4.88 1.50 16.22
N ALA A 88 4.85 1.84 17.50
CA ALA A 88 3.71 1.52 18.33
C ALA A 88 2.48 2.27 17.81
N CYS A 89 2.63 3.58 17.67
CA CYS A 89 1.55 4.41 17.18
C CYS A 89 1.11 3.87 15.81
N MET A 90 2.05 3.84 14.89
CA MET A 90 1.77 3.36 13.54
C MET A 90 1.02 2.02 13.59
N LYS A 91 1.29 1.26 14.65
CA LYS A 91 0.64 -0.03 14.82
C LYS A 91 -0.85 0.10 14.54
N THR A 92 -1.46 1.05 15.23
CA THR A 92 -2.89 1.30 15.06
C THR A 92 -3.12 2.55 14.21
N ASN A 93 -2.57 3.66 14.69
CA ASN A 93 -2.71 4.92 13.98
C ASN A 93 -2.51 4.69 12.48
N CYS A 94 -1.49 3.91 12.16
CA CYS A 94 -1.19 3.60 10.77
C CYS A 94 -1.38 2.09 10.57
N LYS A 95 -2.64 1.67 10.63
CA LYS A 95 -2.97 0.28 10.45
C LYS A 95 -2.15 -0.29 9.29
N ILE A 1 -15.98 7.29 10.58
CA ILE A 1 -16.25 5.90 10.93
C ILE A 1 -15.42 5.51 12.16
N SER A 2 -14.12 5.53 11.97
CA SER A 2 -13.20 5.18 13.05
C SER A 2 -11.75 5.39 12.59
N GLU A 3 -10.89 5.61 13.57
CA GLU A 3 -9.48 5.82 13.29
C GLU A 3 -8.61 5.07 14.30
N PHE A 4 -8.51 3.76 14.08
CA PHE A 4 -7.72 2.92 14.95
C PHE A 4 -6.80 2.00 14.15
N ALA A 5 -7.42 1.24 13.24
CA ALA A 5 -6.68 0.32 12.41
C ALA A 5 -5.55 1.07 11.70
N PRO A 6 -4.55 0.29 11.22
CA PRO A 6 -3.40 0.87 10.53
C PRO A 6 -3.79 1.32 9.12
N VAL A 7 -3.23 2.46 8.72
CA VAL A 7 -3.50 3.01 7.41
C VAL A 7 -2.98 2.05 6.35
N ASP A 8 -1.66 2.03 6.21
CA ASP A 8 -1.02 1.17 5.23
C ASP A 8 -1.44 1.60 3.82
N CYS A 9 -1.95 2.82 3.74
CA CYS A 9 -2.39 3.36 2.46
C CYS A 9 -3.15 2.26 1.72
N LYS A 10 -4.31 1.90 2.28
CA LYS A 10 -5.14 0.87 1.69
C LYS A 10 -6.31 1.53 0.95
N GLY A 11 -7.32 1.90 1.72
CA GLY A 11 -8.49 2.53 1.16
C GLY A 11 -8.19 3.95 0.69
N GLN A 12 -6.98 4.39 1.00
CA GLN A 12 -6.54 5.73 0.63
C GLN A 12 -5.77 5.68 -0.68
N CYS A 13 -5.07 4.57 -0.89
CA CYS A 13 -4.29 4.38 -2.11
C CYS A 13 -5.14 3.60 -3.10
N THR A 14 -6.31 4.14 -3.40
CA THR A 14 -7.22 3.50 -4.34
C THR A 14 -7.03 4.09 -5.73
N THR A 15 -6.65 5.37 -5.77
CA THR A 15 -6.45 6.05 -7.03
C THR A 15 -5.15 5.58 -7.69
N PRO A 16 -4.07 5.53 -6.85
CA PRO A 16 -2.76 5.10 -7.34
C PRO A 16 -2.74 3.59 -7.53
N CYS A 17 -3.64 2.90 -6.85
CA CYS A 17 -3.73 1.45 -6.95
C CYS A 17 -5.00 1.09 -7.71
N GLU A 18 -5.57 2.10 -8.37
CA GLU A 18 -6.79 1.91 -9.12
C GLU A 18 -6.50 1.08 -10.38
N PRO A 19 -5.46 1.54 -11.15
CA PRO A 19 -5.09 0.85 -12.37
C PRO A 19 -4.35 -0.45 -12.06
N LEU A 20 -3.59 -0.42 -10.97
CA LEU A 20 -2.83 -1.59 -10.56
C LEU A 20 -3.79 -2.74 -10.28
N THR A 21 -4.69 -2.50 -9.34
CA THR A 21 -5.67 -3.51 -8.98
C THR A 21 -6.39 -4.05 -10.21
N ALA A 22 -6.95 -3.13 -10.98
CA ALA A 22 -7.66 -3.49 -12.19
C ALA A 22 -6.78 -4.40 -13.04
N CYS A 23 -5.48 -4.22 -12.88
CA CYS A 23 -4.52 -5.01 -13.63
C CYS A 23 -4.59 -6.46 -13.12
N LYS A 24 -4.54 -6.59 -11.81
CA LYS A 24 -4.60 -7.90 -11.19
C LYS A 24 -5.91 -8.59 -11.57
N GLU A 25 -7.00 -7.84 -11.39
CA GLU A 25 -8.31 -8.36 -11.71
C GLU A 25 -8.36 -8.84 -13.16
N LYS A 26 -8.29 -7.88 -14.08
CA LYS A 26 -8.31 -8.20 -15.49
C LYS A 26 -7.49 -9.46 -15.75
N CYS A 27 -6.28 -9.45 -15.21
CA CYS A 27 -5.38 -10.59 -15.37
C CYS A 27 -6.04 -11.82 -14.75
N ALA A 28 -6.48 -11.66 -13.51
CA ALA A 28 -7.12 -12.74 -12.79
C ALA A 28 -8.20 -13.35 -13.68
N GLU A 29 -8.99 -12.47 -14.29
CA GLU A 29 -10.06 -12.91 -15.17
C GLU A 29 -9.50 -13.70 -16.35
N SER A 30 -8.61 -13.04 -17.09
CA SER A 30 -8.00 -13.67 -18.24
C SER A 30 -7.28 -14.96 -17.82
N CYS A 31 -6.89 -15.00 -16.55
CA CYS A 31 -6.20 -16.16 -16.02
C CYS A 31 -7.20 -16.96 -15.18
N GLU A 32 -8.37 -17.20 -15.76
CA GLU A 32 -9.41 -17.95 -15.09
C GLU A 32 -9.22 -19.45 -15.32
N THR A 33 -9.22 -19.83 -16.58
CA THR A 33 -9.05 -21.22 -16.95
C THR A 33 -7.60 -21.65 -16.74
N SER A 34 -6.71 -20.68 -16.82
CA SER A 34 -5.28 -20.94 -16.64
C SER A 34 -5.07 -21.83 -15.41
N ALA A 35 -4.36 -22.92 -15.63
CA ALA A 35 -4.07 -23.86 -14.56
C ALA A 35 -3.29 -23.14 -13.46
N ASP A 36 -2.07 -22.76 -13.79
CA ASP A 36 -1.21 -22.07 -12.85
C ASP A 36 -1.73 -20.64 -12.65
N LYS A 37 -2.84 -20.53 -11.94
CA LYS A 37 -3.44 -19.24 -11.67
C LYS A 37 -2.42 -18.34 -10.97
N LYS A 38 -1.90 -18.85 -9.86
CA LYS A 38 -0.91 -18.11 -9.09
C LYS A 38 0.11 -17.49 -10.04
N THR A 39 0.82 -18.35 -10.75
CA THR A 39 1.84 -17.91 -11.68
C THR A 39 1.24 -16.89 -12.65
N CYS A 40 0.25 -17.34 -13.41
CA CYS A 40 -0.41 -16.49 -14.39
C CYS A 40 -0.66 -15.13 -13.73
N ARG A 41 -1.42 -15.16 -12.65
CA ARG A 41 -1.74 -13.95 -11.92
C ARG A 41 -0.48 -13.14 -11.65
N ARG A 42 0.44 -13.75 -10.93
CA ARG A 42 1.70 -13.10 -10.59
C ARG A 42 2.34 -12.51 -11.85
N ASN A 43 2.15 -13.22 -12.96
CA ASN A 43 2.70 -12.77 -14.23
C ASN A 43 2.07 -11.44 -14.62
N CYS A 44 0.85 -11.24 -14.14
CA CYS A 44 0.13 -10.01 -14.43
C CYS A 44 1.09 -8.84 -14.29
N LYS A 45 1.85 -8.86 -13.20
CA LYS A 45 2.82 -7.81 -12.94
C LYS A 45 3.82 -7.75 -14.08
N LYS A 46 4.28 -8.91 -14.49
CA LYS A 46 5.25 -9.00 -15.58
C LYS A 46 4.54 -8.73 -16.91
N ALA A 47 3.22 -8.62 -16.83
CA ALA A 47 2.42 -8.36 -18.01
C ALA A 47 2.57 -6.88 -18.40
N ASP A 48 2.16 -6.02 -17.50
CA ASP A 48 2.25 -4.59 -17.74
C ASP A 48 1.71 -3.83 -16.53
N CYS A 49 2.05 -4.34 -15.36
CA CYS A 49 1.60 -3.73 -14.11
C CYS A 49 2.84 -3.41 -13.27
N GLU A 50 3.94 -3.18 -13.96
CA GLU A 50 5.20 -2.86 -13.29
C GLU A 50 5.18 -1.42 -12.79
N PRO A 51 4.77 -0.50 -13.70
CA PRO A 51 4.70 0.91 -13.36
C PRO A 51 3.49 1.20 -12.47
N GLN A 52 2.41 0.48 -12.75
CA GLN A 52 1.18 0.65 -11.98
C GLN A 52 1.40 0.26 -10.52
N ASP A 53 1.97 -0.92 -10.34
CA ASP A 53 2.24 -1.43 -9.00
C ASP A 53 3.14 -0.43 -8.26
N LYS A 54 4.04 0.19 -9.02
CA LYS A 54 4.95 1.15 -8.45
C LYS A 54 4.16 2.35 -7.90
N VAL A 55 3.46 3.00 -8.81
CA VAL A 55 2.66 4.17 -8.43
C VAL A 55 1.89 3.85 -7.14
N CYS A 56 1.54 2.58 -6.99
CA CYS A 56 0.81 2.13 -5.82
C CYS A 56 1.77 2.12 -4.63
N ASP A 57 2.92 1.50 -4.85
CA ASP A 57 3.93 1.40 -3.81
C ASP A 57 4.25 2.81 -3.28
N ALA A 58 4.74 3.65 -4.18
CA ALA A 58 5.08 5.01 -3.83
C ALA A 58 4.01 5.57 -2.89
N CYS A 59 2.76 5.38 -3.29
CA CYS A 59 1.64 5.87 -2.49
C CYS A 59 1.79 5.31 -1.08
N ARG A 60 1.85 3.99 -0.99
CA ARG A 60 1.98 3.33 0.29
C ARG A 60 3.23 3.83 1.02
N MET A 61 4.22 4.22 0.23
CA MET A 61 5.46 4.72 0.79
C MET A 61 5.29 6.14 1.32
N LYS A 62 4.53 6.93 0.57
CA LYS A 62 4.29 8.31 0.96
C LYS A 62 3.33 8.33 2.15
N CYS A 63 2.33 7.46 2.09
CA CYS A 63 1.34 7.36 3.15
C CYS A 63 2.09 7.25 4.49
N HIS A 64 3.08 6.37 4.51
CA HIS A 64 3.87 6.17 5.70
C HIS A 64 4.33 7.51 6.26
N LYS A 65 5.15 8.19 5.46
CA LYS A 65 5.67 9.49 5.86
C LYS A 65 4.50 10.44 6.14
N ALA A 66 3.38 10.15 5.51
CA ALA A 66 2.19 10.96 5.68
C ALA A 66 1.62 10.73 7.08
N CYS A 67 1.36 9.47 7.38
CA CYS A 67 0.82 9.10 8.67
C CYS A 67 1.84 9.44 9.74
N ARG A 68 3.10 9.50 9.32
CA ARG A 68 4.19 9.81 10.23
C ARG A 68 4.08 11.26 10.71
N ALA A 69 3.55 12.10 9.83
CA ALA A 69 3.38 13.51 10.15
C ALA A 69 1.94 13.76 10.59
N ALA A 70 1.02 13.11 9.89
CA ALA A 70 -0.39 13.26 10.19
C ALA A 70 -0.66 12.75 11.61
N ASN A 71 -1.04 11.48 11.70
CA ASN A 71 -1.32 10.87 12.98
C ASN A 71 -0.29 11.34 14.01
N CYS A 72 0.96 10.93 13.77
CA CYS A 72 2.04 11.30 14.66
C CYS A 72 2.46 12.74 14.35
N ALA A 73 1.71 13.68 14.91
CA ALA A 73 1.99 15.09 14.70
C ALA A 73 2.84 15.62 15.86
N SER A 74 2.93 14.81 16.90
CA SER A 74 3.70 15.18 18.08
C SER A 74 4.87 14.23 18.25
N GLU A 75 4.58 12.94 18.15
CA GLU A 75 5.60 11.92 18.29
C GLU A 75 6.64 12.04 17.17
N CYS A 76 6.21 12.63 16.06
CA CYS A 76 7.08 12.82 14.92
C CYS A 76 6.69 14.14 14.23
N PRO A 77 7.28 15.24 14.75
CA PRO A 77 7.01 16.56 14.20
C PRO A 77 7.73 16.75 12.86
N LYS A 78 8.96 17.25 12.95
CA LYS A 78 9.77 17.49 11.77
C LYS A 78 11.24 17.31 12.12
N HIS A 79 11.52 16.24 12.85
CA HIS A 79 12.89 15.95 13.26
C HIS A 79 12.95 14.55 13.86
N GLU A 80 14.11 14.24 14.44
CA GLU A 80 14.32 12.94 15.05
C GLU A 80 14.17 11.83 14.01
N HIS A 81 15.32 11.43 13.46
CA HIS A 81 15.33 10.39 12.45
C HIS A 81 15.02 9.05 13.10
N LYS A 82 15.39 8.93 14.37
CA LYS A 82 15.16 7.70 15.10
C LYS A 82 14.59 8.05 16.48
N SER A 83 13.27 8.17 16.53
CA SER A 83 12.60 8.50 17.77
C SER A 83 11.85 7.27 18.29
N ASP A 84 12.23 6.84 19.48
CA ASP A 84 11.61 5.68 20.11
C ASP A 84 10.09 5.83 20.05
N THR A 85 9.61 6.89 20.69
CA THR A 85 8.19 7.16 20.71
C THR A 85 7.62 7.22 19.29
N CYS A 86 8.41 7.80 18.40
CA CYS A 86 8.01 7.92 17.01
C CYS A 86 7.84 6.51 16.44
N ARG A 87 8.95 5.82 16.29
CA ARG A 87 8.94 4.47 15.76
C ARG A 87 7.74 3.69 16.31
N ALA A 88 7.44 3.95 17.59
CA ALA A 88 6.32 3.28 18.23
C ALA A 88 5.01 3.89 17.74
N CYS A 89 4.92 5.21 17.86
CA CYS A 89 3.73 5.93 17.43
C CYS A 89 3.30 5.35 16.07
N MET A 90 4.27 5.17 15.20
CA MET A 90 4.00 4.63 13.88
C MET A 90 3.55 3.17 13.96
N LYS A 91 4.43 2.34 14.52
CA LYS A 91 4.14 0.93 14.66
C LYS A 91 2.73 0.77 15.24
N THR A 92 2.33 1.74 16.05
CA THR A 92 1.02 1.71 16.68
C THR A 92 -0.08 1.77 15.61
N ASN A 93 -0.03 2.83 14.81
CA ASN A 93 -1.01 3.02 13.76
C ASN A 93 -0.30 3.02 12.40
N CYS A 94 0.58 4.00 12.23
CA CYS A 94 1.34 4.12 11.00
C CYS A 94 2.32 2.94 10.91
N LYS A 95 1.76 1.77 10.69
CA LYS A 95 2.57 0.56 10.59
C LYS A 95 3.83 0.88 9.79
N ILE A 1 -18.24 7.56 7.88
CA ILE A 1 -17.37 8.67 7.54
C ILE A 1 -17.16 9.56 8.77
N SER A 2 -16.59 8.95 9.79
CA SER A 2 -16.32 9.67 11.03
C SER A 2 -14.82 9.80 11.24
N GLU A 3 -14.43 10.85 11.95
CA GLU A 3 -13.04 11.11 12.22
C GLU A 3 -12.59 10.34 13.47
N PHE A 4 -12.43 9.04 13.29
CA PHE A 4 -12.02 8.19 14.39
C PHE A 4 -11.13 7.04 13.88
N ALA A 5 -10.62 6.28 14.83
CA ALA A 5 -9.76 5.15 14.50
C ALA A 5 -8.52 5.66 13.77
N PRO A 6 -7.48 4.78 13.69
CA PRO A 6 -6.24 5.14 13.03
C PRO A 6 -6.41 5.11 11.51
N VAL A 7 -5.34 5.49 10.82
CA VAL A 7 -5.36 5.51 9.37
C VAL A 7 -4.82 4.19 8.84
N ASP A 8 -5.52 3.65 7.84
CA ASP A 8 -5.12 2.39 7.24
C ASP A 8 -4.58 2.65 5.83
N CYS A 9 -3.28 2.94 5.78
CA CYS A 9 -2.62 3.21 4.52
C CYS A 9 -3.08 2.15 3.50
N LYS A 10 -2.94 0.90 3.90
CA LYS A 10 -3.33 -0.21 3.05
C LYS A 10 -4.68 0.11 2.40
N GLY A 11 -5.63 0.47 3.24
CA GLY A 11 -6.97 0.79 2.76
C GLY A 11 -6.96 2.11 1.98
N GLN A 12 -6.21 3.06 2.51
CA GLN A 12 -6.10 4.37 1.89
C GLN A 12 -5.18 4.31 0.66
N CYS A 13 -5.52 3.40 -0.25
CA CYS A 13 -4.73 3.23 -1.46
C CYS A 13 -5.60 2.53 -2.51
N THR A 14 -6.62 3.25 -2.94
CA THR A 14 -7.55 2.72 -3.94
C THR A 14 -7.39 3.48 -5.26
N THR A 15 -7.40 4.79 -5.15
CA THR A 15 -7.27 5.64 -6.32
C THR A 15 -5.90 5.43 -6.98
N PRO A 16 -4.84 5.42 -6.12
CA PRO A 16 -3.49 5.22 -6.60
C PRO A 16 -3.24 3.76 -6.99
N CYS A 17 -4.11 2.90 -6.48
CA CYS A 17 -4.00 1.48 -6.76
C CYS A 17 -5.27 1.03 -7.48
N GLU A 18 -5.85 1.96 -8.22
CA GLU A 18 -7.06 1.67 -8.96
C GLU A 18 -6.73 0.86 -10.22
N PRO A 19 -5.82 1.44 -11.05
CA PRO A 19 -5.42 0.79 -12.29
C PRO A 19 -4.47 -0.38 -11.99
N LEU A 20 -3.63 -0.18 -10.98
CA LEU A 20 -2.68 -1.21 -10.60
C LEU A 20 -3.43 -2.49 -10.21
N THR A 21 -4.35 -2.32 -9.27
CA THR A 21 -5.14 -3.45 -8.80
C THR A 21 -5.91 -4.08 -9.95
N ALA A 22 -6.61 -3.23 -10.69
CA ALA A 22 -7.39 -3.70 -11.83
C ALA A 22 -6.51 -4.59 -12.71
N CYS A 23 -5.31 -4.11 -12.98
CA CYS A 23 -4.37 -4.84 -13.81
C CYS A 23 -4.42 -6.31 -13.39
N LYS A 24 -4.12 -6.54 -12.12
CA LYS A 24 -4.12 -7.89 -11.59
C LYS A 24 -5.50 -8.52 -11.80
N GLU A 25 -6.51 -7.79 -11.37
CA GLU A 25 -7.89 -8.26 -11.51
C GLU A 25 -8.15 -8.72 -12.94
N LYS A 26 -8.09 -7.76 -13.86
CA LYS A 26 -8.33 -8.05 -15.26
C LYS A 26 -7.66 -9.38 -15.62
N CYS A 27 -6.37 -9.47 -15.31
CA CYS A 27 -5.61 -10.68 -15.59
C CYS A 27 -6.30 -11.85 -14.89
N ALA A 28 -6.52 -11.68 -13.59
CA ALA A 28 -7.16 -12.71 -12.79
C ALA A 28 -8.30 -13.33 -13.60
N GLU A 29 -9.21 -12.47 -14.04
CA GLU A 29 -10.35 -12.92 -14.81
C GLU A 29 -9.88 -13.66 -16.07
N SER A 30 -8.98 -13.02 -16.80
CA SER A 30 -8.44 -13.60 -18.01
C SER A 30 -7.86 -14.99 -17.71
N CYS A 31 -7.44 -15.17 -16.47
CA CYS A 31 -6.87 -16.43 -16.05
C CYS A 31 -7.88 -17.13 -15.13
N GLU A 32 -9.07 -17.34 -15.67
CA GLU A 32 -10.12 -18.01 -14.92
C GLU A 32 -9.83 -19.50 -14.80
N THR A 33 -9.55 -20.12 -15.94
CA THR A 33 -9.26 -21.53 -15.98
C THR A 33 -7.90 -21.79 -16.64
N SER A 34 -6.87 -21.17 -16.06
CA SER A 34 -5.53 -21.31 -16.58
C SER A 34 -4.75 -22.33 -15.75
N ALA A 35 -3.75 -22.92 -16.38
CA ALA A 35 -2.92 -23.91 -15.71
C ALA A 35 -2.30 -23.29 -14.46
N ASP A 36 -1.43 -22.32 -14.70
CA ASP A 36 -0.75 -21.65 -13.60
C ASP A 36 -1.44 -20.30 -13.33
N LYS A 37 -2.43 -20.34 -12.45
CA LYS A 37 -3.17 -19.15 -12.11
C LYS A 37 -2.34 -18.29 -11.14
N LYS A 38 -1.99 -18.89 -10.02
CA LYS A 38 -1.20 -18.21 -9.01
C LYS A 38 -0.04 -17.48 -9.69
N THR A 39 0.54 -18.15 -10.68
CA THR A 39 1.66 -17.58 -11.42
C THR A 39 1.17 -16.47 -12.35
N CYS A 40 0.27 -16.86 -13.25
CA CYS A 40 -0.28 -15.90 -14.21
C CYS A 40 -0.57 -14.60 -13.47
N ARG A 41 -1.45 -14.69 -12.48
CA ARG A 41 -1.82 -13.53 -11.69
C ARG A 41 -0.59 -12.69 -11.36
N ARG A 42 0.49 -13.39 -11.03
CA ARG A 42 1.73 -12.72 -10.69
C ARG A 42 2.40 -12.16 -11.95
N ASN A 43 2.55 -13.03 -12.93
CA ASN A 43 3.16 -12.63 -14.19
C ASN A 43 2.52 -11.32 -14.67
N CYS A 44 1.21 -11.24 -14.48
CA CYS A 44 0.47 -10.05 -14.89
C CYS A 44 1.28 -8.82 -14.47
N LYS A 45 1.84 -8.89 -13.28
CA LYS A 45 2.63 -7.80 -12.76
C LYS A 45 3.68 -7.38 -13.81
N LYS A 46 4.35 -8.39 -14.36
CA LYS A 46 5.37 -8.15 -15.36
C LYS A 46 4.69 -7.97 -16.73
N ALA A 47 3.56 -8.65 -16.88
CA ALA A 47 2.81 -8.59 -18.13
C ALA A 47 2.73 -7.12 -18.59
N ASP A 48 2.15 -6.30 -17.73
CA ASP A 48 1.99 -4.89 -18.03
C ASP A 48 1.45 -4.17 -16.80
N CYS A 49 2.20 -4.26 -15.71
CA CYS A 49 1.81 -3.63 -14.47
C CYS A 49 3.06 -3.38 -13.63
N GLU A 50 4.13 -3.00 -14.33
CA GLU A 50 5.40 -2.73 -13.67
C GLU A 50 5.36 -1.34 -13.02
N PRO A 51 4.90 -0.35 -13.81
CA PRO A 51 4.81 1.02 -13.33
C PRO A 51 3.63 1.18 -12.36
N GLN A 52 2.52 0.54 -12.71
CA GLN A 52 1.33 0.60 -11.90
C GLN A 52 1.62 0.07 -10.49
N ASP A 53 2.18 -1.13 -10.45
CA ASP A 53 2.51 -1.75 -9.18
C ASP A 53 3.39 -0.81 -8.36
N LYS A 54 4.30 -0.15 -9.07
CA LYS A 54 5.21 0.79 -8.42
C LYS A 54 4.40 1.94 -7.81
N VAL A 55 3.73 2.67 -8.68
CA VAL A 55 2.92 3.80 -8.24
C VAL A 55 2.17 3.41 -6.97
N CYS A 56 1.49 2.27 -7.04
CA CYS A 56 0.72 1.78 -5.92
C CYS A 56 1.60 1.86 -4.67
N ASP A 57 2.65 1.04 -4.69
CA ASP A 57 3.57 1.00 -3.57
C ASP A 57 3.85 2.42 -3.08
N ALA A 58 4.05 3.31 -4.05
CA ALA A 58 4.33 4.71 -3.73
C ALA A 58 3.31 5.20 -2.71
N CYS A 59 2.05 4.85 -2.95
CA CYS A 59 0.99 5.26 -2.06
C CYS A 59 1.35 4.82 -0.64
N ARG A 60 1.50 3.51 -0.48
CA ARG A 60 1.85 2.95 0.81
C ARG A 60 3.10 3.64 1.38
N MET A 61 3.97 4.04 0.46
CA MET A 61 5.20 4.71 0.84
C MET A 61 4.93 6.14 1.32
N LYS A 62 4.28 6.90 0.44
CA LYS A 62 3.96 8.28 0.76
C LYS A 62 3.03 8.32 1.98
N CYS A 63 1.96 7.53 1.89
CA CYS A 63 1.00 7.47 2.97
C CYS A 63 1.76 7.34 4.29
N HIS A 64 2.59 6.31 4.37
CA HIS A 64 3.37 6.08 5.57
C HIS A 64 3.97 7.40 6.07
N LYS A 65 4.76 8.00 5.21
CA LYS A 65 5.39 9.27 5.55
C LYS A 65 4.31 10.31 5.85
N ALA A 66 3.18 10.16 5.18
CA ALA A 66 2.07 11.07 5.36
C ALA A 66 1.52 10.93 6.77
N CYS A 67 1.10 9.71 7.09
CA CYS A 67 0.56 9.43 8.41
C CYS A 67 1.60 9.82 9.45
N ARG A 68 2.83 9.37 9.22
CA ARG A 68 3.92 9.67 10.13
C ARG A 68 3.98 11.18 10.41
N ALA A 69 4.16 11.94 9.34
CA ALA A 69 4.23 13.38 9.46
C ALA A 69 2.92 13.91 10.04
N ALA A 70 1.91 13.06 10.01
CA ALA A 70 0.60 13.43 10.52
C ALA A 70 0.64 13.43 12.05
N ASN A 71 0.63 12.24 12.61
CA ASN A 71 0.66 12.08 14.06
C ASN A 71 2.12 12.18 14.54
N CYS A 72 2.92 11.24 14.08
CA CYS A 72 4.33 11.20 14.46
C CYS A 72 5.04 12.36 13.75
N ALA A 73 4.68 13.57 14.15
CA ALA A 73 5.27 14.76 13.58
C ALA A 73 6.58 15.07 14.31
N SER A 74 6.51 15.02 15.62
CA SER A 74 7.68 15.30 16.45
C SER A 74 8.43 14.00 16.75
N GLU A 75 7.66 12.94 16.92
CA GLU A 75 8.24 11.64 17.21
C GLU A 75 9.36 11.32 16.21
N CYS A 76 9.19 11.85 15.01
CA CYS A 76 10.18 11.63 13.96
C CYS A 76 11.03 12.89 13.82
N PRO A 77 12.29 12.78 14.29
CA PRO A 77 13.22 13.90 14.24
C PRO A 77 13.74 14.11 12.81
N LYS A 78 14.32 15.28 12.59
CA LYS A 78 14.85 15.62 11.29
C LYS A 78 16.28 15.10 11.17
N HIS A 79 16.40 13.79 11.07
CA HIS A 79 17.69 13.15 10.96
C HIS A 79 17.52 11.64 10.75
N GLU A 80 16.93 11.00 11.74
CA GLU A 80 16.69 9.57 11.67
C GLU A 80 15.73 9.25 10.53
N HIS A 81 15.37 7.97 10.46
CA HIS A 81 14.45 7.51 9.42
C HIS A 81 13.29 6.75 10.06
N LYS A 82 13.65 5.69 10.77
CA LYS A 82 12.65 4.86 11.43
C LYS A 82 13.02 4.71 12.91
N SER A 83 12.68 5.73 13.67
CA SER A 83 12.98 5.73 15.10
C SER A 83 11.90 4.94 15.85
N ASP A 84 12.35 4.06 16.73
CA ASP A 84 11.43 3.26 17.52
C ASP A 84 10.27 4.12 17.98
N THR A 85 10.61 5.18 18.70
CA THR A 85 9.61 6.10 19.21
C THR A 85 8.55 6.38 18.15
N CYS A 86 9.02 6.70 16.95
CA CYS A 86 8.14 7.00 15.84
C CYS A 86 7.36 5.72 15.51
N ARG A 87 8.10 4.64 15.31
CA ARG A 87 7.50 3.36 14.98
C ARG A 87 6.43 3.00 16.01
N ALA A 88 6.70 3.37 17.25
CA ALA A 88 5.77 3.08 18.33
C ALA A 88 4.54 3.97 18.18
N CYS A 89 4.75 5.13 17.59
CA CYS A 89 3.65 6.07 17.37
C CYS A 89 2.83 5.57 16.18
N MET A 90 3.50 5.42 15.05
CA MET A 90 2.83 4.96 13.85
C MET A 90 2.25 3.56 14.05
N LYS A 91 2.81 2.85 15.01
CA LYS A 91 2.36 1.50 15.31
C LYS A 91 0.88 1.55 15.69
N THR A 92 0.53 2.56 16.46
CA THR A 92 -0.85 2.72 16.91
C THR A 92 -1.57 3.76 16.03
N ASN A 93 -1.02 4.96 16.02
CA ASN A 93 -1.60 6.03 15.24
C ASN A 93 -1.81 5.56 13.80
N CYS A 94 -0.72 5.09 13.20
CA CYS A 94 -0.78 4.61 11.83
C CYS A 94 -1.06 3.11 11.87
N LYS A 95 -0.29 2.37 11.08
CA LYS A 95 -0.45 0.92 11.01
C LYS A 95 0.61 0.27 11.90
N ILE A 1 -16.57 13.37 8.42
CA ILE A 1 -15.15 13.52 8.12
C ILE A 1 -14.51 14.46 9.14
N SER A 2 -13.29 14.12 9.53
CA SER A 2 -12.56 14.93 10.49
C SER A 2 -11.06 14.80 10.26
N GLU A 3 -10.32 15.73 10.83
CA GLU A 3 -8.87 15.73 10.70
C GLU A 3 -8.20 15.69 12.07
N PHE A 4 -8.02 14.48 12.56
CA PHE A 4 -7.39 14.30 13.86
C PHE A 4 -7.21 12.80 14.17
N ALA A 5 -8.30 12.07 14.04
CA ALA A 5 -8.27 10.64 14.30
C ALA A 5 -7.03 10.02 13.63
N PRO A 6 -6.73 8.76 14.02
CA PRO A 6 -5.59 8.05 13.46
C PRO A 6 -5.89 7.59 12.04
N VAL A 7 -5.04 8.01 11.11
CA VAL A 7 -5.19 7.64 9.72
C VAL A 7 -4.70 6.21 9.53
N ASP A 8 -5.11 5.63 8.41
CA ASP A 8 -4.72 4.26 8.08
C ASP A 8 -4.41 4.16 6.59
N CYS A 9 -3.49 3.27 6.27
CA CYS A 9 -3.10 3.07 4.88
C CYS A 9 -3.83 1.83 4.36
N LYS A 10 -3.21 1.19 3.36
CA LYS A 10 -3.80 0.01 2.77
C LYS A 10 -5.14 0.36 2.12
N GLY A 11 -6.17 0.41 2.96
CA GLY A 11 -7.50 0.74 2.49
C GLY A 11 -7.53 2.14 1.87
N GLN A 12 -6.62 2.98 2.34
CA GLN A 12 -6.54 4.35 1.84
C GLN A 12 -5.54 4.43 0.69
N CYS A 13 -5.76 3.59 -0.30
CA CYS A 13 -4.89 3.56 -1.47
C CYS A 13 -5.65 2.92 -2.62
N THR A 14 -6.75 3.55 -2.98
CA THR A 14 -7.58 3.06 -4.07
C THR A 14 -7.28 3.82 -5.37
N THR A 15 -7.26 5.14 -5.24
CA THR A 15 -6.99 6.00 -6.39
C THR A 15 -5.63 5.66 -6.99
N PRO A 16 -4.61 5.54 -6.10
CA PRO A 16 -3.26 5.21 -6.53
C PRO A 16 -3.14 3.74 -6.92
N CYS A 17 -4.18 2.99 -6.58
CA CYS A 17 -4.20 1.58 -6.88
C CYS A 17 -5.46 1.29 -7.72
N GLU A 18 -5.90 2.30 -8.43
CA GLU A 18 -7.09 2.17 -9.27
C GLU A 18 -6.75 1.39 -10.54
N PRO A 19 -5.75 1.93 -11.30
CA PRO A 19 -5.32 1.29 -12.53
C PRO A 19 -4.48 0.05 -12.25
N LEU A 20 -3.81 0.07 -11.10
CA LEU A 20 -2.97 -1.05 -10.70
C LEU A 20 -3.86 -2.25 -10.38
N THR A 21 -4.78 -2.05 -9.46
CA THR A 21 -5.69 -3.11 -9.06
C THR A 21 -6.40 -3.69 -10.29
N ALA A 22 -6.96 -2.79 -11.09
CA ALA A 22 -7.66 -3.20 -12.29
C ALA A 22 -6.77 -4.15 -13.10
N CYS A 23 -5.51 -3.76 -13.23
CA CYS A 23 -4.55 -4.55 -13.97
C CYS A 23 -4.52 -5.96 -13.37
N LYS A 24 -4.46 -6.01 -12.05
CA LYS A 24 -4.43 -7.27 -11.34
C LYS A 24 -5.73 -8.03 -11.61
N GLU A 25 -6.84 -7.32 -11.45
CA GLU A 25 -8.14 -7.92 -11.67
C GLU A 25 -8.19 -8.57 -13.06
N LYS A 26 -8.12 -7.73 -14.07
CA LYS A 26 -8.17 -8.21 -15.44
C LYS A 26 -7.36 -9.51 -15.55
N CYS A 27 -6.20 -9.50 -14.92
CA CYS A 27 -5.33 -10.67 -14.94
C CYS A 27 -6.06 -11.82 -14.24
N ALA A 28 -6.40 -11.60 -12.97
CA ALA A 28 -7.09 -12.61 -12.20
C ALA A 28 -8.17 -13.26 -13.07
N GLU A 29 -9.05 -12.43 -13.61
CA GLU A 29 -10.11 -12.91 -14.46
C GLU A 29 -9.55 -13.79 -15.58
N SER A 30 -8.41 -13.36 -16.09
CA SER A 30 -7.76 -14.10 -17.17
C SER A 30 -6.80 -15.13 -16.59
N CYS A 31 -7.03 -15.47 -15.33
CA CYS A 31 -6.19 -16.43 -14.64
C CYS A 31 -7.05 -17.18 -13.63
N GLU A 32 -8.27 -17.48 -14.04
CA GLU A 32 -9.21 -18.20 -13.19
C GLU A 32 -9.34 -19.66 -13.64
N THR A 33 -8.91 -20.55 -12.77
CA THR A 33 -8.97 -21.97 -13.07
C THR A 33 -7.72 -22.41 -13.83
N SER A 34 -7.09 -21.44 -14.48
CA SER A 34 -5.89 -21.71 -15.26
C SER A 34 -4.91 -22.55 -14.43
N ALA A 35 -4.12 -23.35 -15.13
CA ALA A 35 -3.14 -24.20 -14.47
C ALA A 35 -2.46 -23.40 -13.36
N ASP A 36 -1.76 -22.35 -13.76
CA ASP A 36 -1.06 -21.51 -12.81
C ASP A 36 -1.76 -20.15 -12.72
N LYS A 37 -2.67 -20.04 -11.77
CA LYS A 37 -3.40 -18.81 -11.57
C LYS A 37 -2.48 -17.77 -10.94
N LYS A 38 -1.92 -18.13 -9.80
CA LYS A 38 -1.01 -17.24 -9.10
C LYS A 38 0.07 -16.74 -10.05
N THR A 39 0.86 -17.69 -10.56
CA THR A 39 1.92 -17.36 -11.48
C THR A 39 1.41 -16.44 -12.59
N CYS A 40 0.31 -16.84 -13.20
CA CYS A 40 -0.29 -16.05 -14.27
C CYS A 40 -0.28 -14.59 -13.84
N ARG A 41 -1.07 -14.31 -12.82
CA ARG A 41 -1.17 -12.94 -12.30
C ARG A 41 0.22 -12.35 -12.08
N ARG A 42 1.03 -13.10 -11.34
CA ARG A 42 2.39 -12.67 -11.06
C ARG A 42 3.06 -12.15 -12.33
N ASN A 43 3.22 -13.04 -13.29
CA ASN A 43 3.84 -12.68 -14.56
C ASN A 43 3.00 -11.62 -15.25
N CYS A 44 1.72 -11.59 -14.89
CA CYS A 44 0.80 -10.62 -15.47
C CYS A 44 1.13 -9.24 -14.90
N LYS A 45 1.72 -9.26 -13.71
CA LYS A 45 2.09 -8.02 -13.05
C LYS A 45 3.21 -7.33 -13.83
N LYS A 46 4.02 -8.16 -14.48
CA LYS A 46 5.13 -7.64 -15.27
C LYS A 46 4.67 -7.43 -16.71
N ALA A 47 3.59 -8.12 -17.06
CA ALA A 47 3.05 -8.02 -18.40
C ALA A 47 2.84 -6.54 -18.75
N ASP A 48 2.04 -5.88 -17.92
CA ASP A 48 1.75 -4.48 -18.13
C ASP A 48 1.19 -3.88 -16.84
N CYS A 49 1.91 -4.10 -15.76
CA CYS A 49 1.50 -3.59 -14.47
C CYS A 49 2.75 -3.43 -13.59
N GLU A 50 3.85 -3.10 -14.25
CA GLU A 50 5.12 -2.91 -13.55
C GLU A 50 5.13 -1.55 -12.83
N PRO A 51 4.76 -0.50 -13.62
CA PRO A 51 4.73 0.86 -13.08
C PRO A 51 3.52 1.05 -12.16
N GLN A 52 2.44 0.35 -12.48
CA GLN A 52 1.22 0.44 -11.70
C GLN A 52 1.44 -0.18 -10.32
N ASP A 53 1.88 -1.42 -10.32
CA ASP A 53 2.13 -2.13 -9.08
C ASP A 53 3.03 -1.29 -8.18
N LYS A 54 3.87 -0.49 -8.83
CA LYS A 54 4.80 0.37 -8.11
C LYS A 54 4.02 1.55 -7.49
N VAL A 55 3.41 2.33 -8.37
CA VAL A 55 2.63 3.47 -7.93
C VAL A 55 1.83 3.10 -6.69
N CYS A 56 1.21 1.92 -6.76
CA CYS A 56 0.40 1.43 -5.65
C CYS A 56 1.29 1.37 -4.40
N ASP A 57 2.27 0.48 -4.44
CA ASP A 57 3.18 0.31 -3.33
C ASP A 57 3.60 1.69 -2.82
N ALA A 58 4.02 2.54 -3.75
CA ALA A 58 4.45 3.88 -3.41
C ALA A 58 3.47 4.48 -2.40
N CYS A 59 2.19 4.24 -2.65
CA CYS A 59 1.15 4.74 -1.78
C CYS A 59 1.42 4.25 -0.36
N ARG A 60 1.39 2.93 -0.21
CA ARG A 60 1.62 2.33 1.09
C ARG A 60 2.94 2.83 1.68
N MET A 61 3.81 3.30 0.79
CA MET A 61 5.10 3.81 1.21
C MET A 61 5.00 5.29 1.59
N LYS A 62 4.14 6.00 0.88
CA LYS A 62 3.95 7.42 1.13
C LYS A 62 3.07 7.59 2.38
N CYS A 63 1.91 6.95 2.35
CA CYS A 63 0.98 7.03 3.46
C CYS A 63 1.78 6.94 4.76
N HIS A 64 2.81 6.10 4.73
CA HIS A 64 3.65 5.92 5.90
C HIS A 64 4.26 7.26 6.30
N LYS A 65 5.00 7.84 5.37
CA LYS A 65 5.65 9.12 5.62
C LYS A 65 4.58 10.20 5.81
N ALA A 66 3.66 10.25 4.85
CA ALA A 66 2.60 11.23 4.90
C ALA A 66 1.90 11.15 6.25
N CYS A 67 1.37 9.97 6.55
CA CYS A 67 0.68 9.75 7.81
C CYS A 67 1.62 10.17 8.95
N ARG A 68 2.87 9.75 8.83
CA ARG A 68 3.87 10.06 9.84
C ARG A 68 3.99 11.58 10.00
N ALA A 69 4.04 12.26 8.86
CA ALA A 69 4.15 13.72 8.87
C ALA A 69 2.79 14.33 9.21
N ALA A 70 1.77 13.49 9.14
CA ALA A 70 0.41 13.94 9.44
C ALA A 70 0.26 14.11 10.94
N ASN A 71 0.32 13.01 11.65
CA ASN A 71 0.18 13.02 13.10
C ASN A 71 1.56 13.24 13.72
N CYS A 72 2.41 12.23 13.58
CA CYS A 72 3.75 12.29 14.13
C CYS A 72 4.47 13.49 13.51
N ALA A 73 5.62 13.81 14.09
CA ALA A 73 6.41 14.93 13.60
C ALA A 73 7.69 15.06 14.44
N SER A 74 7.50 15.06 15.74
CA SER A 74 8.62 15.17 16.67
C SER A 74 9.27 13.80 16.87
N GLU A 75 8.42 12.80 17.02
CA GLU A 75 8.89 11.44 17.21
C GLU A 75 9.70 10.97 16.00
N CYS A 76 9.44 11.63 14.88
CA CYS A 76 10.13 11.30 13.64
C CYS A 76 10.79 12.56 13.10
N PRO A 77 12.13 12.67 13.35
CA PRO A 77 12.89 13.81 12.89
C PRO A 77 13.14 13.75 11.38
N LYS A 78 13.98 14.65 10.92
CA LYS A 78 14.32 14.70 9.51
C LYS A 78 15.00 13.40 9.09
N HIS A 79 16.14 13.14 9.74
CA HIS A 79 16.90 11.94 9.45
C HIS A 79 16.14 10.71 9.98
N GLU A 80 16.81 9.57 9.91
CA GLU A 80 16.21 8.33 10.37
C GLU A 80 15.07 7.91 9.44
N HIS A 81 14.90 6.60 9.31
CA HIS A 81 13.86 6.06 8.47
C HIS A 81 12.70 5.57 9.32
N LYS A 82 13.05 4.86 10.40
CA LYS A 82 12.05 4.34 11.30
C LYS A 82 12.65 4.20 12.70
N SER A 83 12.27 5.12 13.57
CA SER A 83 12.77 5.12 14.93
C SER A 83 11.80 4.36 15.84
N ASP A 84 12.28 4.05 17.04
CA ASP A 84 11.47 3.33 18.01
C ASP A 84 10.36 4.26 18.52
N THR A 85 10.72 5.51 18.73
CA THR A 85 9.77 6.49 19.22
C THR A 85 8.81 6.90 18.11
N CYS A 86 9.23 6.62 16.88
CA CYS A 86 8.41 6.95 15.73
C CYS A 86 7.39 5.83 15.52
N ARG A 87 7.90 4.68 15.10
CA ARG A 87 7.06 3.53 14.87
C ARG A 87 6.03 3.38 16.00
N ALA A 88 6.41 3.85 17.17
CA ALA A 88 5.54 3.78 18.32
C ALA A 88 4.43 4.83 18.18
N CYS A 89 4.84 6.04 17.83
CA CYS A 89 3.89 7.12 17.66
C CYS A 89 2.88 6.72 16.58
N MET A 90 3.41 6.48 15.39
CA MET A 90 2.56 6.09 14.27
C MET A 90 1.71 4.87 14.63
N LYS A 91 2.17 4.14 15.64
CA LYS A 91 1.46 2.95 16.08
C LYS A 91 0.01 3.32 16.38
N THR A 92 -0.16 4.32 17.23
CA THR A 92 -1.50 4.77 17.60
C THR A 92 -1.89 6.00 16.77
N ASN A 93 -1.08 7.03 16.88
CA ASN A 93 -1.33 8.27 16.15
C ASN A 93 -1.74 7.92 14.71
N CYS A 94 -0.88 7.18 14.04
CA CYS A 94 -1.14 6.78 12.67
C CYS A 94 -1.83 5.42 12.70
N LYS A 95 -1.10 4.40 12.26
CA LYS A 95 -1.64 3.04 12.23
C LYS A 95 -0.72 2.12 13.04
N ILE A 1 -16.75 3.14 12.71
CA ILE A 1 -16.30 1.99 11.95
C ILE A 1 -14.83 1.73 12.26
N SER A 2 -14.01 2.72 11.97
CA SER A 2 -12.58 2.60 12.21
C SER A 2 -12.20 3.33 13.50
N GLU A 3 -11.42 2.66 14.32
CA GLU A 3 -10.98 3.23 15.58
C GLU A 3 -9.46 3.05 15.75
N PHE A 4 -9.04 1.80 15.70
CA PHE A 4 -7.63 1.48 15.85
C PHE A 4 -7.19 0.45 14.81
N ALA A 5 -6.74 0.95 13.67
CA ALA A 5 -6.30 0.08 12.59
C ALA A 5 -5.07 0.71 11.92
N PRO A 6 -4.21 -0.18 11.35
CA PRO A 6 -3.01 0.26 10.68
C PRO A 6 -3.34 0.88 9.31
N VAL A 7 -2.67 1.98 9.02
CA VAL A 7 -2.88 2.66 7.76
C VAL A 7 -1.83 2.19 6.75
N ASP A 8 -2.20 1.16 6.02
CA ASP A 8 -1.31 0.59 5.01
C ASP A 8 -1.65 1.19 3.65
N CYS A 9 -2.29 2.35 3.69
CA CYS A 9 -2.68 3.03 2.47
C CYS A 9 -3.64 2.13 1.69
N LYS A 10 -4.79 1.87 2.31
CA LYS A 10 -5.79 1.04 1.70
C LYS A 10 -6.73 1.90 0.85
N GLY A 11 -7.74 2.45 1.52
CA GLY A 11 -8.70 3.30 0.85
C GLY A 11 -8.04 4.58 0.31
N GLN A 12 -6.81 4.78 0.74
CA GLN A 12 -6.06 5.95 0.31
C GLN A 12 -5.28 5.64 -0.98
N CYS A 13 -5.23 4.35 -1.30
CA CYS A 13 -4.53 3.91 -2.50
C CYS A 13 -5.56 3.35 -3.47
N THR A 14 -6.39 4.24 -4.00
CA THR A 14 -7.42 3.85 -4.94
C THR A 14 -7.16 4.49 -6.31
N THR A 15 -6.80 5.76 -6.27
CA THR A 15 -6.52 6.50 -7.49
C THR A 15 -5.16 6.10 -8.06
N PRO A 16 -4.15 6.05 -7.15
CA PRO A 16 -2.80 5.68 -7.54
C PRO A 16 -2.69 4.17 -7.79
N CYS A 17 -3.72 3.46 -7.37
CA CYS A 17 -3.76 2.01 -7.54
C CYS A 17 -5.04 1.65 -8.30
N GLU A 18 -5.59 2.65 -8.98
CA GLU A 18 -6.81 2.45 -9.74
C GLU A 18 -6.52 1.58 -10.97
N PRO A 19 -5.55 2.05 -11.79
CA PRO A 19 -5.17 1.34 -13.00
C PRO A 19 -4.33 0.11 -12.66
N LEU A 20 -3.71 0.15 -11.49
CA LEU A 20 -2.88 -0.96 -11.04
C LEU A 20 -3.77 -2.11 -10.59
N THR A 21 -4.82 -1.75 -9.85
CA THR A 21 -5.76 -2.74 -9.34
C THR A 21 -6.49 -3.43 -10.51
N ALA A 22 -6.89 -2.61 -11.47
CA ALA A 22 -7.59 -3.12 -12.63
C ALA A 22 -6.75 -4.22 -13.30
N CYS A 23 -5.45 -3.98 -13.30
CA CYS A 23 -4.52 -4.94 -13.90
C CYS A 23 -4.71 -6.29 -13.21
N LYS A 24 -4.31 -6.33 -11.94
CA LYS A 24 -4.42 -7.55 -11.15
C LYS A 24 -5.78 -8.20 -11.44
N GLU A 25 -6.82 -7.39 -11.33
CA GLU A 25 -8.18 -7.87 -11.57
C GLU A 25 -8.25 -8.58 -12.92
N LYS A 26 -8.12 -7.79 -13.98
CA LYS A 26 -8.17 -8.32 -15.33
C LYS A 26 -7.43 -9.66 -15.38
N CYS A 27 -6.32 -9.72 -14.65
CA CYS A 27 -5.52 -10.92 -14.61
C CYS A 27 -6.34 -12.02 -13.92
N ALA A 28 -6.69 -11.76 -12.68
CA ALA A 28 -7.48 -12.71 -11.90
C ALA A 28 -8.57 -13.31 -12.80
N GLU A 29 -9.27 -12.43 -13.50
CA GLU A 29 -10.34 -12.86 -14.39
C GLU A 29 -9.77 -13.76 -15.49
N SER A 30 -8.65 -13.32 -16.05
CA SER A 30 -8.00 -14.08 -17.11
C SER A 30 -6.97 -15.04 -16.52
N CYS A 31 -7.18 -15.39 -15.26
CA CYS A 31 -6.29 -16.30 -14.57
C CYS A 31 -7.04 -16.92 -13.39
N GLU A 32 -8.29 -17.30 -13.66
CA GLU A 32 -9.12 -17.90 -12.64
C GLU A 32 -8.89 -19.41 -12.59
N THR A 33 -9.11 -20.05 -13.73
CA THR A 33 -8.93 -21.49 -13.84
C THR A 33 -7.45 -21.86 -13.68
N SER A 34 -6.60 -20.91 -14.05
CA SER A 34 -5.17 -21.12 -13.96
C SER A 34 -4.80 -21.66 -12.58
N ALA A 35 -4.33 -22.90 -12.58
CA ALA A 35 -3.94 -23.55 -11.33
C ALA A 35 -3.20 -22.53 -10.45
N ASP A 36 -2.09 -22.05 -10.97
CA ASP A 36 -1.28 -21.08 -10.24
C ASP A 36 -1.83 -19.68 -10.50
N LYS A 37 -2.76 -19.28 -9.65
CA LYS A 37 -3.37 -17.96 -9.76
C LYS A 37 -2.34 -16.89 -9.42
N LYS A 38 -1.87 -16.95 -8.18
CA LYS A 38 -0.87 -15.98 -7.72
C LYS A 38 0.18 -15.77 -8.80
N THR A 39 0.75 -16.87 -9.25
CA THR A 39 1.77 -16.82 -10.29
C THR A 39 1.22 -16.10 -11.52
N CYS A 40 0.16 -16.66 -12.07
CA CYS A 40 -0.47 -16.09 -13.26
C CYS A 40 -0.48 -14.57 -13.09
N ARG A 41 -1.03 -14.13 -11.98
CA ARG A 41 -1.12 -12.71 -11.70
C ARG A 41 0.28 -12.10 -11.59
N ARG A 42 1.06 -12.65 -10.68
CA ARG A 42 2.42 -12.17 -10.47
C ARG A 42 3.07 -11.84 -11.82
N ASN A 43 2.96 -12.77 -12.75
CA ASN A 43 3.53 -12.58 -14.07
C ASN A 43 2.72 -11.53 -14.82
N CYS A 44 1.40 -11.62 -14.69
CA CYS A 44 0.51 -10.69 -15.35
C CYS A 44 0.94 -9.28 -14.98
N LYS A 45 1.43 -9.15 -13.75
CA LYS A 45 1.87 -7.85 -13.25
C LYS A 45 3.04 -7.36 -14.11
N LYS A 46 3.92 -8.30 -14.44
CA LYS A 46 5.10 -7.97 -15.25
C LYS A 46 4.67 -7.79 -16.69
N ALA A 47 3.54 -8.39 -17.03
CA ALA A 47 3.01 -8.30 -18.38
C ALA A 47 3.01 -6.84 -18.83
N ASP A 48 2.28 -6.02 -18.09
CA ASP A 48 2.20 -4.61 -18.41
C ASP A 48 1.59 -3.86 -17.22
N CYS A 49 2.21 -4.06 -16.06
CA CYS A 49 1.75 -3.42 -14.85
C CYS A 49 2.97 -3.03 -14.02
N GLU A 50 4.09 -2.85 -14.71
CA GLU A 50 5.34 -2.48 -14.05
C GLU A 50 5.23 -1.06 -13.49
N PRO A 51 4.72 -0.14 -14.34
CA PRO A 51 4.57 1.26 -13.95
C PRO A 51 3.37 1.42 -13.01
N GLN A 52 2.44 0.47 -13.10
CA GLN A 52 1.25 0.50 -12.28
C GLN A 52 1.56 -0.03 -10.88
N ASP A 53 2.03 -1.28 -10.84
CA ASP A 53 2.36 -1.91 -9.58
C ASP A 53 3.31 -1.00 -8.78
N LYS A 54 4.12 -0.25 -9.53
CA LYS A 54 5.06 0.66 -8.91
C LYS A 54 4.31 1.85 -8.32
N VAL A 55 3.73 2.64 -9.21
CA VAL A 55 2.98 3.81 -8.79
C VAL A 55 2.19 3.48 -7.53
N CYS A 56 1.79 2.22 -7.43
CA CYS A 56 1.02 1.75 -6.29
C CYS A 56 1.93 1.80 -5.06
N ASP A 57 2.95 0.95 -5.09
CA ASP A 57 3.90 0.88 -3.99
C ASP A 57 4.17 2.29 -3.46
N ALA A 58 4.52 3.17 -4.39
CA ALA A 58 4.80 4.55 -4.04
C ALA A 58 3.74 5.06 -3.07
N CYS A 59 2.49 4.88 -3.47
CA CYS A 59 1.37 5.33 -2.65
C CYS A 59 1.59 4.81 -1.23
N ARG A 60 1.62 3.48 -1.12
CA ARG A 60 1.82 2.84 0.17
C ARG A 60 3.08 3.39 0.85
N MET A 61 4.10 3.61 0.04
CA MET A 61 5.36 4.13 0.55
C MET A 61 5.19 5.55 1.08
N LYS A 62 4.42 6.34 0.35
CA LYS A 62 4.16 7.71 0.74
C LYS A 62 3.25 7.73 1.96
N CYS A 63 2.28 6.84 1.96
CA CYS A 63 1.34 6.75 3.07
C CYS A 63 2.13 6.51 4.35
N HIS A 64 3.09 5.60 4.26
CA HIS A 64 3.93 5.28 5.41
C HIS A 64 4.36 6.57 6.10
N LYS A 65 4.98 7.45 5.32
CA LYS A 65 5.45 8.72 5.85
C LYS A 65 4.25 9.61 6.17
N ALA A 66 3.26 9.54 5.29
CA ALA A 66 2.06 10.34 5.46
C ALA A 66 1.47 10.07 6.84
N CYS A 67 1.29 8.79 7.14
CA CYS A 67 0.73 8.39 8.43
C CYS A 67 1.63 8.94 9.53
N ARG A 68 2.93 8.67 9.38
CA ARG A 68 3.90 9.12 10.36
C ARG A 68 3.66 10.59 10.71
N ALA A 69 3.22 11.34 9.70
CA ALA A 69 2.95 12.75 9.89
C ALA A 69 1.49 12.94 10.29
N ALA A 70 0.67 11.97 9.88
CA ALA A 70 -0.75 12.01 10.20
C ALA A 70 -0.97 11.55 11.64
N ASN A 71 -0.90 10.24 11.82
CA ASN A 71 -1.08 9.66 13.14
C ASN A 71 -0.01 10.22 14.09
N CYS A 72 1.21 9.74 13.90
CA CYS A 72 2.32 10.18 14.72
C CYS A 72 2.70 11.59 14.31
N ALA A 73 3.53 12.22 15.13
CA ALA A 73 3.97 13.57 14.87
C ALA A 73 5.05 13.96 15.89
N SER A 74 4.79 13.61 17.14
CA SER A 74 5.73 13.93 18.20
C SER A 74 6.73 12.78 18.36
N GLU A 75 6.21 11.56 18.30
CA GLU A 75 7.05 10.38 18.44
C GLU A 75 8.15 10.39 17.37
N CYS A 76 7.79 10.89 16.19
CA CYS A 76 8.72 10.96 15.09
C CYS A 76 8.95 12.43 14.74
N PRO A 77 10.13 12.94 15.20
CA PRO A 77 10.48 14.33 14.94
C PRO A 77 10.92 14.53 13.49
N LYS A 78 11.38 15.74 13.21
CA LYS A 78 11.82 16.08 11.87
C LYS A 78 13.01 15.18 11.49
N HIS A 79 14.16 15.49 12.09
CA HIS A 79 15.37 14.73 11.83
C HIS A 79 15.16 13.28 12.27
N GLU A 80 15.36 13.06 13.55
CA GLU A 80 15.20 11.73 14.12
C GLU A 80 16.46 10.90 13.89
N HIS A 81 16.74 10.02 14.84
CA HIS A 81 17.92 9.16 14.74
C HIS A 81 17.55 7.75 15.22
N LYS A 82 16.64 7.13 14.48
CA LYS A 82 16.21 5.78 14.81
C LYS A 82 15.66 5.77 16.24
N SER A 83 14.67 6.61 16.47
CA SER A 83 14.05 6.69 17.79
C SER A 83 13.10 5.51 18.00
N ASP A 84 13.24 4.87 19.14
CA ASP A 84 12.40 3.73 19.48
C ASP A 84 10.94 4.17 19.47
N THR A 85 10.64 5.16 20.30
CA THR A 85 9.28 5.68 20.40
C THR A 85 8.64 5.74 19.01
N CYS A 86 9.41 6.25 18.06
CA CYS A 86 8.94 6.38 16.69
C CYS A 86 8.68 4.98 16.14
N ARG A 87 9.76 4.22 16.00
CA ARG A 87 9.67 2.86 15.49
C ARG A 87 8.43 2.17 16.06
N ALA A 88 8.06 2.57 17.27
CA ALA A 88 6.91 2.00 17.93
C ALA A 88 5.65 2.70 17.44
N CYS A 89 5.61 4.00 17.67
CA CYS A 89 4.47 4.80 17.25
C CYS A 89 4.03 4.33 15.86
N MET A 90 5.02 4.00 15.05
CA MET A 90 4.76 3.54 13.69
C MET A 90 4.13 2.14 13.70
N LYS A 91 4.89 1.19 14.21
CA LYS A 91 4.43 -0.19 14.29
C LYS A 91 3.06 -0.22 14.96
N THR A 92 2.83 0.76 15.83
CA THR A 92 1.56 0.86 16.55
C THR A 92 0.40 0.93 15.55
N ASN A 93 0.46 1.94 14.70
CA ASN A 93 -0.59 2.14 13.71
C ASN A 93 0.05 2.23 12.33
N CYS A 94 0.94 3.21 12.18
CA CYS A 94 1.62 3.42 10.91
C CYS A 94 2.60 2.26 10.70
N LYS A 95 2.04 1.09 10.42
CA LYS A 95 2.85 -0.09 10.20
C LYS A 95 4.08 0.28 9.36
N ILE A 1 -18.25 10.89 17.88
CA ILE A 1 -18.02 9.47 17.76
C ILE A 1 -16.53 9.22 17.51
N SER A 2 -15.73 9.59 18.49
CA SER A 2 -14.30 9.41 18.40
C SER A 2 -13.96 7.92 18.28
N GLU A 3 -13.06 7.63 17.35
CA GLU A 3 -12.64 6.25 17.13
C GLU A 3 -11.12 6.17 17.00
N PHE A 4 -10.58 5.01 17.36
CA PHE A 4 -9.15 4.79 17.29
C PHE A 4 -8.82 3.66 16.32
N ALA A 5 -8.06 4.02 15.28
CA ALA A 5 -7.67 3.05 14.28
C ALA A 5 -6.52 3.63 13.45
N PRO A 6 -5.74 2.70 12.83
CA PRO A 6 -4.60 3.10 12.02
C PRO A 6 -5.07 3.64 10.66
N VAL A 7 -4.10 3.95 9.81
CA VAL A 7 -4.40 4.47 8.49
C VAL A 7 -3.54 3.75 7.45
N ASP A 8 -4.22 3.20 6.45
CA ASP A 8 -3.52 2.48 5.39
C ASP A 8 -3.86 3.11 4.05
N CYS A 9 -2.93 3.00 3.12
CA CYS A 9 -3.13 3.55 1.78
C CYS A 9 -4.00 2.58 0.98
N LYS A 10 -5.18 2.31 1.53
CA LYS A 10 -6.12 1.41 0.89
C LYS A 10 -7.15 2.23 0.11
N GLY A 11 -8.15 2.71 0.85
CA GLY A 11 -9.20 3.51 0.25
C GLY A 11 -8.67 4.86 -0.22
N GLN A 12 -7.42 5.12 0.14
CA GLN A 12 -6.78 6.38 -0.24
C GLN A 12 -5.97 6.19 -1.53
N CYS A 13 -5.59 4.95 -1.77
CA CYS A 13 -4.82 4.62 -2.96
C CYS A 13 -5.76 4.02 -4.00
N THR A 14 -6.60 4.88 -4.56
CA THR A 14 -7.55 4.44 -5.57
C THR A 14 -7.20 5.04 -6.93
N THR A 15 -6.79 6.30 -6.90
CA THR A 15 -6.43 7.00 -8.11
C THR A 15 -5.05 6.54 -8.61
N PRO A 16 -4.10 6.45 -7.65
CA PRO A 16 -2.75 6.01 -7.98
C PRO A 16 -2.69 4.51 -8.22
N CYS A 17 -3.76 3.84 -7.80
CA CYS A 17 -3.85 2.39 -7.97
C CYS A 17 -5.10 2.08 -8.79
N GLU A 18 -5.56 3.09 -9.51
CA GLU A 18 -6.74 2.94 -10.35
C GLU A 18 -6.43 2.02 -11.54
N PRO A 19 -5.39 2.43 -12.31
CA PRO A 19 -4.99 1.65 -13.48
C PRO A 19 -4.24 0.39 -13.06
N LEU A 20 -3.61 0.47 -11.90
CA LEU A 20 -2.85 -0.66 -11.39
C LEU A 20 -3.82 -1.78 -11.00
N THR A 21 -4.74 -1.45 -10.10
CA THR A 21 -5.73 -2.41 -9.64
C THR A 21 -6.44 -3.05 -10.83
N ALA A 22 -6.94 -2.20 -11.71
CA ALA A 22 -7.65 -2.67 -12.89
C ALA A 22 -6.80 -3.73 -13.60
N CYS A 23 -5.50 -3.47 -13.64
CA CYS A 23 -4.57 -4.39 -14.28
C CYS A 23 -4.56 -5.69 -13.47
N LYS A 24 -4.35 -5.54 -12.17
CA LYS A 24 -4.30 -6.69 -11.29
C LYS A 24 -5.62 -7.47 -11.41
N GLU A 25 -6.72 -6.73 -11.38
CA GLU A 25 -8.04 -7.33 -11.48
C GLU A 25 -8.14 -8.16 -12.76
N LYS A 26 -8.13 -7.46 -13.89
CA LYS A 26 -8.21 -8.10 -15.18
C LYS A 26 -7.39 -9.38 -15.16
N CYS A 27 -6.25 -9.31 -14.50
CA CYS A 27 -5.36 -10.46 -14.40
C CYS A 27 -6.04 -11.51 -13.53
N ALA A 28 -6.31 -11.13 -12.28
CA ALA A 28 -6.95 -12.03 -11.34
C ALA A 28 -8.07 -12.79 -12.05
N GLU A 29 -8.94 -12.02 -12.71
CA GLU A 29 -10.06 -12.61 -13.43
C GLU A 29 -9.56 -13.69 -14.38
N SER A 30 -8.60 -13.32 -15.21
CA SER A 30 -8.03 -14.25 -16.18
C SER A 30 -7.39 -15.44 -15.45
N CYS A 31 -6.89 -15.14 -14.25
CA CYS A 31 -6.25 -16.17 -13.45
C CYS A 31 -7.28 -16.71 -12.45
N GLU A 32 -8.47 -16.99 -12.96
CA GLU A 32 -9.55 -17.50 -12.12
C GLU A 32 -9.23 -18.94 -11.68
N THR A 33 -9.31 -19.85 -12.64
CA THR A 33 -9.04 -21.25 -12.36
C THR A 33 -7.58 -21.57 -12.68
N SER A 34 -6.68 -20.79 -12.11
CA SER A 34 -5.26 -20.99 -12.33
C SER A 34 -4.65 -21.74 -11.15
N ALA A 35 -3.99 -22.85 -11.47
CA ALA A 35 -3.35 -23.66 -10.44
C ALA A 35 -2.44 -22.77 -9.59
N ASP A 36 -1.54 -22.08 -10.28
CA ASP A 36 -0.61 -21.20 -9.60
C ASP A 36 -1.03 -19.75 -9.81
N LYS A 37 -2.22 -19.44 -9.32
CA LYS A 37 -2.77 -18.10 -9.45
C LYS A 37 -1.66 -17.08 -9.16
N LYS A 38 -1.00 -17.28 -8.02
CA LYS A 38 0.07 -16.39 -7.62
C LYS A 38 0.96 -16.10 -8.82
N THR A 39 1.61 -17.13 -9.31
CA THR A 39 2.50 -17.00 -10.46
C THR A 39 1.73 -16.43 -11.66
N CYS A 40 0.60 -17.05 -11.95
CA CYS A 40 -0.22 -16.62 -13.07
C CYS A 40 -0.30 -15.09 -13.04
N ARG A 41 -0.93 -14.59 -11.98
CA ARG A 41 -1.08 -13.15 -11.82
C ARG A 41 0.28 -12.46 -11.89
N ARG A 42 1.23 -13.02 -11.14
CA ARG A 42 2.57 -12.45 -11.11
C ARG A 42 3.06 -12.15 -12.53
N ASN A 43 2.92 -13.16 -13.39
CA ASN A 43 3.33 -13.01 -14.78
C ASN A 43 2.51 -11.90 -15.44
N CYS A 44 1.20 -11.96 -15.19
CA CYS A 44 0.31 -10.97 -15.76
C CYS A 44 0.72 -9.58 -15.24
N LYS A 45 1.24 -9.57 -14.02
CA LYS A 45 1.68 -8.34 -13.41
C LYS A 45 2.84 -7.76 -14.21
N LYS A 46 3.56 -8.65 -14.88
CA LYS A 46 4.70 -8.24 -15.69
C LYS A 46 4.23 -7.91 -17.10
N ALA A 47 3.08 -8.45 -17.44
CA ALA A 47 2.51 -8.22 -18.76
C ALA A 47 2.56 -6.72 -19.08
N ASP A 48 1.88 -5.95 -18.24
CA ASP A 48 1.84 -4.51 -18.42
C ASP A 48 1.32 -3.86 -17.14
N CYS A 49 1.79 -4.37 -16.01
CA CYS A 49 1.38 -3.85 -14.72
C CYS A 49 2.62 -3.73 -13.84
N GLU A 50 3.76 -3.55 -14.49
CA GLU A 50 5.02 -3.42 -13.78
C GLU A 50 5.16 -2.02 -13.20
N PRO A 51 4.92 -1.00 -14.07
CA PRO A 51 5.01 0.39 -13.66
C PRO A 51 3.80 0.80 -12.81
N GLN A 52 2.68 0.14 -13.09
CA GLN A 52 1.46 0.42 -12.37
C GLN A 52 1.56 -0.08 -10.93
N ASP A 53 1.93 -1.34 -10.80
CA ASP A 53 2.08 -1.95 -9.48
C ASP A 53 3.05 -1.11 -8.65
N LYS A 54 3.95 -0.43 -9.34
CA LYS A 54 4.93 0.42 -8.67
C LYS A 54 4.24 1.69 -8.17
N VAL A 55 3.76 2.47 -9.12
CA VAL A 55 3.08 3.72 -8.78
C VAL A 55 2.19 3.50 -7.55
N CYS A 56 1.67 2.28 -7.45
CA CYS A 56 0.81 1.93 -6.34
C CYS A 56 1.66 1.93 -5.06
N ASP A 57 2.69 1.10 -5.07
CA ASP A 57 3.58 0.98 -3.93
C ASP A 57 3.89 2.37 -3.39
N ALA A 58 4.39 3.22 -4.28
CA ALA A 58 4.74 4.58 -3.91
C ALA A 58 3.65 5.14 -2.99
N CYS A 59 2.42 5.10 -3.48
CA CYS A 59 1.28 5.60 -2.73
C CYS A 59 1.36 5.02 -1.31
N ARG A 60 1.49 3.70 -1.25
CA ARG A 60 1.57 3.01 0.03
C ARG A 60 2.80 3.48 0.80
N MET A 61 3.88 3.72 0.06
CA MET A 61 5.12 4.17 0.66
C MET A 61 4.98 5.59 1.22
N LYS A 62 4.31 6.44 0.44
CA LYS A 62 4.10 7.81 0.84
C LYS A 62 3.08 7.85 1.99
N CYS A 63 2.04 7.05 1.85
CA CYS A 63 1.00 6.98 2.86
C CYS A 63 1.67 6.71 4.21
N HIS A 64 2.38 5.59 4.27
CA HIS A 64 3.05 5.20 5.49
C HIS A 64 3.67 6.43 6.15
N LYS A 65 4.66 6.99 5.46
CA LYS A 65 5.35 8.17 5.96
C LYS A 65 4.32 9.24 6.30
N ALA A 66 3.26 9.28 5.51
CA ALA A 66 2.21 10.25 5.72
C ALA A 66 1.53 9.99 7.07
N CYS A 67 1.14 8.75 7.27
CA CYS A 67 0.49 8.36 8.51
C CYS A 67 1.38 8.77 9.67
N ARG A 68 2.68 8.54 9.49
CA ARG A 68 3.64 8.89 10.52
C ARG A 68 3.55 10.38 10.86
N ALA A 69 3.52 11.19 9.81
CA ALA A 69 3.43 12.63 9.99
C ALA A 69 1.97 13.02 10.24
N ALA A 70 1.12 12.00 10.32
CA ALA A 70 -0.30 12.23 10.55
C ALA A 70 -0.62 11.94 12.02
N ASN A 71 -0.31 10.72 12.43
CA ASN A 71 -0.56 10.31 13.80
C ASN A 71 0.72 10.47 14.62
N CYS A 72 1.77 9.80 14.17
CA CYS A 72 3.05 9.86 14.85
C CYS A 72 3.67 11.24 14.58
N ALA A 73 2.96 12.26 15.01
CA ALA A 73 3.43 13.63 14.83
C ALA A 73 4.35 14.00 15.98
N SER A 74 3.93 13.65 17.19
CA SER A 74 4.70 13.95 18.38
C SER A 74 5.96 13.08 18.41
N GLU A 75 5.75 11.77 18.38
CA GLU A 75 6.84 10.83 18.39
C GLU A 75 8.02 11.36 17.57
N CYS A 76 7.86 11.27 16.25
CA CYS A 76 8.89 11.74 15.34
C CYS A 76 9.13 13.23 15.61
N PRO A 77 10.33 13.52 16.18
CA PRO A 77 10.69 14.90 16.49
C PRO A 77 11.06 15.66 15.22
N LYS A 78 12.29 15.44 14.76
CA LYS A 78 12.78 16.09 13.56
C LYS A 78 14.02 15.36 13.05
N HIS A 79 14.18 15.37 11.74
CA HIS A 79 15.31 14.72 11.11
C HIS A 79 15.53 13.35 11.76
N GLU A 80 14.75 12.38 11.30
CA GLU A 80 14.83 11.03 11.81
C GLU A 80 13.92 10.08 11.02
N HIS A 81 14.45 9.62 9.89
CA HIS A 81 13.70 8.73 9.03
C HIS A 81 12.98 7.68 9.90
N LYS A 82 13.76 7.02 10.74
CA LYS A 82 13.20 6.00 11.62
C LYS A 82 13.65 6.27 13.05
N SER A 83 12.67 6.40 13.93
CA SER A 83 12.95 6.67 15.34
C SER A 83 12.42 5.51 16.20
N ASP A 84 13.16 5.23 17.26
CA ASP A 84 12.78 4.16 18.17
C ASP A 84 11.30 4.31 18.54
N THR A 85 11.01 5.41 19.21
CA THR A 85 9.65 5.69 19.63
C THR A 85 8.71 5.73 18.42
N CYS A 86 9.11 6.52 17.43
CA CYS A 86 8.32 6.65 16.22
C CYS A 86 7.96 5.25 15.72
N ARG A 87 8.99 4.51 15.33
CA ARG A 87 8.80 3.16 14.83
C ARG A 87 7.72 2.44 15.64
N ALA A 88 7.86 2.53 16.96
CA ALA A 88 6.92 1.89 17.85
C ALA A 88 5.50 2.36 17.50
N CYS A 89 5.36 3.67 17.38
CA CYS A 89 4.08 4.26 17.05
C CYS A 89 3.65 3.74 15.67
N MET A 90 4.52 3.97 14.70
CA MET A 90 4.25 3.54 13.34
C MET A 90 3.89 2.05 13.29
N LYS A 91 4.38 1.33 14.30
CA LYS A 91 4.12 -0.10 14.39
C LYS A 91 2.62 -0.35 14.25
N THR A 92 1.85 0.37 15.06
CA THR A 92 0.40 0.23 15.03
C THR A 92 -0.23 1.40 14.28
N ASN A 93 0.05 2.60 14.79
CA ASN A 93 -0.49 3.81 14.18
C ASN A 93 -0.43 3.67 12.65
N CYS A 94 0.73 3.24 12.17
CA CYS A 94 0.94 3.07 10.75
C CYS A 94 1.02 1.57 10.46
N LYS A 95 -0.13 0.93 10.45
CA LYS A 95 -0.19 -0.51 10.18
C LYS A 95 0.90 -1.21 10.98
N ILE A 1 -18.19 10.47 12.72
CA ILE A 1 -16.94 9.74 12.88
C ILE A 1 -17.09 8.70 13.98
N SER A 2 -17.60 9.16 15.12
CA SER A 2 -17.80 8.28 16.25
C SER A 2 -16.45 7.73 16.73
N GLU A 3 -15.96 8.32 17.81
CA GLU A 3 -14.69 7.89 18.38
C GLU A 3 -13.55 8.19 17.40
N PHE A 4 -12.34 8.24 17.94
CA PHE A 4 -11.16 8.51 17.13
C PHE A 4 -10.75 7.28 16.34
N ALA A 5 -10.67 7.45 15.02
CA ALA A 5 -10.28 6.36 14.14
C ALA A 5 -8.90 6.65 13.56
N PRO A 6 -8.25 5.56 13.08
CA PRO A 6 -6.91 5.68 12.50
C PRO A 6 -6.99 6.30 11.10
N VAL A 7 -5.83 6.40 10.47
CA VAL A 7 -5.74 6.97 9.14
C VAL A 7 -5.51 5.85 8.12
N ASP A 8 -5.00 4.74 8.62
CA ASP A 8 -4.73 3.58 7.78
C ASP A 8 -3.93 4.04 6.55
N CYS A 9 -3.68 3.09 5.67
CA CYS A 9 -2.93 3.38 4.45
C CYS A 9 -3.37 2.37 3.38
N LYS A 10 -3.39 1.11 3.76
CA LYS A 10 -3.78 0.05 2.85
C LYS A 10 -5.07 0.44 2.15
N GLY A 11 -6.01 0.93 2.95
CA GLY A 11 -7.30 1.34 2.42
C GLY A 11 -7.18 2.64 1.62
N GLN A 12 -6.47 3.59 2.19
CA GLN A 12 -6.27 4.88 1.55
C GLN A 12 -5.29 4.72 0.38
N CYS A 13 -5.66 3.87 -0.55
CA CYS A 13 -4.83 3.62 -1.73
C CYS A 13 -5.70 2.99 -2.81
N THR A 14 -6.69 3.75 -3.25
CA THR A 14 -7.59 3.28 -4.28
C THR A 14 -7.36 4.04 -5.60
N THR A 15 -7.32 5.36 -5.48
CA THR A 15 -7.10 6.20 -6.64
C THR A 15 -5.74 5.90 -7.28
N PRO A 16 -4.71 5.80 -6.41
CA PRO A 16 -3.36 5.50 -6.86
C PRO A 16 -3.22 4.03 -7.25
N CYS A 17 -4.17 3.24 -6.80
CA CYS A 17 -4.17 1.81 -7.08
C CYS A 17 -5.45 1.48 -7.84
N GLU A 18 -5.94 2.46 -8.58
CA GLU A 18 -7.16 2.28 -9.37
C GLU A 18 -6.86 1.43 -10.61
N PRO A 19 -5.90 1.92 -11.42
CA PRO A 19 -5.51 1.22 -12.63
C PRO A 19 -4.66 -0.01 -12.32
N LEU A 20 -3.86 0.13 -11.27
CA LEU A 20 -2.99 -0.96 -10.86
C LEU A 20 -3.85 -2.17 -10.46
N THR A 21 -4.79 -1.91 -9.57
CA THR A 21 -5.68 -2.97 -9.10
C THR A 21 -6.45 -3.58 -10.28
N ALA A 22 -7.16 -2.71 -10.99
CA ALA A 22 -7.94 -3.15 -12.14
C ALA A 22 -7.06 -4.01 -13.05
N CYS A 23 -5.81 -3.60 -13.16
CA CYS A 23 -4.86 -4.33 -13.99
C CYS A 23 -4.73 -5.75 -13.45
N LYS A 24 -4.36 -5.83 -12.17
CA LYS A 24 -4.20 -7.13 -11.53
C LYS A 24 -5.48 -7.94 -11.71
N GLU A 25 -6.60 -7.30 -11.40
CA GLU A 25 -7.90 -7.95 -11.52
C GLU A 25 -8.06 -8.55 -12.92
N LYS A 26 -8.14 -7.66 -13.90
CA LYS A 26 -8.31 -8.09 -15.28
C LYS A 26 -7.44 -9.33 -15.53
N CYS A 27 -6.21 -9.26 -15.04
CA CYS A 27 -5.28 -10.36 -15.20
C CYS A 27 -5.89 -11.60 -14.56
N ALA A 28 -6.22 -11.46 -13.29
CA ALA A 28 -6.80 -12.57 -12.54
C ALA A 28 -7.81 -13.30 -13.42
N GLU A 29 -8.73 -12.51 -13.99
CA GLU A 29 -9.76 -13.07 -14.85
C GLU A 29 -9.12 -13.86 -15.99
N SER A 30 -8.09 -13.26 -16.58
CA SER A 30 -7.38 -13.90 -17.69
C SER A 30 -6.53 -15.05 -17.16
N CYS A 31 -6.40 -15.10 -15.84
CA CYS A 31 -5.62 -16.14 -15.21
C CYS A 31 -6.53 -16.93 -14.26
N GLU A 32 -7.63 -17.41 -14.83
CA GLU A 32 -8.60 -18.18 -14.05
C GLU A 32 -8.45 -19.68 -14.36
N THR A 33 -8.56 -20.00 -15.63
CA THR A 33 -8.43 -21.38 -16.06
C THR A 33 -6.98 -21.86 -15.92
N SER A 34 -6.08 -20.90 -15.96
CA SER A 34 -4.66 -21.22 -15.84
C SER A 34 -4.41 -22.07 -14.59
N ALA A 35 -3.60 -23.10 -14.77
CA ALA A 35 -3.27 -23.99 -13.68
C ALA A 35 -2.75 -23.18 -12.50
N ASP A 36 -1.65 -22.49 -12.73
CA ASP A 36 -1.03 -21.66 -11.70
C ASP A 36 -1.55 -20.24 -11.82
N LYS A 37 -2.67 -19.98 -11.15
CA LYS A 37 -3.27 -18.66 -11.17
C LYS A 37 -2.32 -17.66 -10.54
N LYS A 38 -1.96 -17.92 -9.29
CA LYS A 38 -1.07 -17.05 -8.56
C LYS A 38 0.07 -16.61 -9.49
N THR A 39 0.93 -17.57 -9.82
CA THR A 39 2.06 -17.29 -10.70
C THR A 39 1.60 -16.47 -11.90
N CYS A 40 0.59 -16.98 -12.58
CA CYS A 40 0.06 -16.30 -13.76
C CYS A 40 -0.14 -14.83 -13.40
N ARG A 41 -1.06 -14.59 -12.49
CA ARG A 41 -1.36 -13.23 -12.06
C ARG A 41 -0.07 -12.49 -11.73
N ARG A 42 0.72 -13.11 -10.85
CA ARG A 42 1.98 -12.51 -10.43
C ARG A 42 2.77 -12.02 -11.65
N ASN A 43 2.94 -12.93 -12.59
CA ASN A 43 3.68 -12.61 -13.82
C ASN A 43 2.83 -11.67 -14.68
N CYS A 44 1.53 -11.73 -14.44
CA CYS A 44 0.60 -10.90 -15.20
C CYS A 44 0.67 -9.48 -14.64
N LYS A 45 1.12 -9.38 -13.39
CA LYS A 45 1.24 -8.09 -12.73
C LYS A 45 2.46 -7.35 -13.28
N LYS A 46 3.59 -8.05 -13.29
CA LYS A 46 4.82 -7.47 -13.79
C LYS A 46 4.83 -7.55 -15.32
N ALA A 47 3.81 -8.21 -15.85
CA ALA A 47 3.69 -8.36 -17.29
C ALA A 47 3.47 -6.98 -17.93
N ASP A 48 2.35 -6.37 -17.55
CA ASP A 48 2.00 -5.05 -18.07
C ASP A 48 1.86 -4.07 -16.91
N CYS A 49 1.39 -4.60 -15.78
CA CYS A 49 1.20 -3.79 -14.60
C CYS A 49 2.55 -3.62 -13.90
N GLU A 50 3.53 -3.16 -14.68
CA GLU A 50 4.87 -2.96 -14.16
C GLU A 50 4.96 -1.59 -13.46
N PRO A 51 4.57 -0.54 -14.22
CA PRO A 51 4.59 0.82 -13.69
C PRO A 51 3.44 1.05 -12.71
N GLN A 52 2.32 0.40 -12.99
CA GLN A 52 1.16 0.53 -12.14
C GLN A 52 1.43 -0.06 -10.75
N ASP A 53 1.92 -1.29 -10.75
CA ASP A 53 2.24 -1.97 -9.51
C ASP A 53 3.17 -1.08 -8.68
N LYS A 54 3.99 -0.31 -9.37
CA LYS A 54 4.93 0.57 -8.71
C LYS A 54 4.16 1.75 -8.08
N VAL A 55 3.51 2.51 -8.95
CA VAL A 55 2.74 3.65 -8.48
C VAL A 55 2.00 3.28 -7.20
N CYS A 56 1.19 2.24 -7.29
CA CYS A 56 0.42 1.78 -6.15
C CYS A 56 1.33 1.82 -4.92
N ASP A 57 2.39 1.03 -4.97
CA ASP A 57 3.34 0.96 -3.88
C ASP A 57 3.61 2.38 -3.36
N ALA A 58 3.88 3.28 -4.31
CA ALA A 58 4.16 4.66 -3.97
C ALA A 58 3.19 5.13 -2.89
N CYS A 59 1.90 5.03 -3.21
CA CYS A 59 0.87 5.43 -2.28
C CYS A 59 1.23 4.91 -0.89
N ARG A 60 1.50 3.62 -0.83
CA ARG A 60 1.87 2.98 0.43
C ARG A 60 3.15 3.61 0.99
N MET A 61 4.03 3.98 0.07
CA MET A 61 5.30 4.60 0.47
C MET A 61 5.07 6.02 0.98
N LYS A 62 4.23 6.74 0.27
CA LYS A 62 3.93 8.12 0.65
C LYS A 62 3.06 8.12 1.91
N CYS A 63 1.97 7.37 1.84
CA CYS A 63 1.05 7.27 2.96
C CYS A 63 1.87 6.96 4.22
N HIS A 64 2.63 5.88 4.13
CA HIS A 64 3.47 5.46 5.25
C HIS A 64 4.08 6.69 5.92
N LYS A 65 4.79 7.47 5.11
CA LYS A 65 5.43 8.67 5.62
C LYS A 65 4.37 9.69 6.02
N ALA A 66 3.42 9.89 5.12
CA ALA A 66 2.34 10.83 5.38
C ALA A 66 1.77 10.59 6.78
N CYS A 67 1.29 9.37 6.99
CA CYS A 67 0.72 8.99 8.26
C CYS A 67 1.78 9.22 9.35
N ARG A 68 2.99 8.75 9.05
CA ARG A 68 4.10 8.88 9.98
C ARG A 68 4.26 10.35 10.40
N ALA A 69 4.18 11.23 9.40
CA ALA A 69 4.32 12.65 9.65
C ALA A 69 3.00 13.20 10.20
N ALA A 70 1.94 12.42 9.99
CA ALA A 70 0.62 12.81 10.46
C ALA A 70 0.57 12.68 11.97
N ASN A 71 0.53 11.43 12.42
CA ASN A 71 0.47 11.15 13.85
C ASN A 71 1.87 11.32 14.46
N CYS A 72 2.76 10.41 14.09
CA CYS A 72 4.12 10.45 14.58
C CYS A 72 4.79 11.70 14.04
N ALA A 73 6.06 11.85 14.40
CA ALA A 73 6.83 13.02 13.95
C ALA A 73 8.16 13.04 14.69
N SER A 74 8.08 12.91 16.00
CA SER A 74 9.27 12.92 16.83
C SER A 74 9.90 11.53 16.87
N GLU A 75 9.04 10.53 16.94
CA GLU A 75 9.49 9.15 16.97
C GLU A 75 10.42 8.86 15.79
N CYS A 76 10.25 9.65 14.74
CA CYS A 76 11.05 9.49 13.55
C CYS A 76 12.07 10.63 13.50
N PRO A 77 13.35 10.28 13.83
CA PRO A 77 14.41 11.27 13.83
C PRO A 77 14.84 11.61 12.39
N LYS A 78 15.78 12.53 12.29
CA LYS A 78 16.28 12.97 11.00
C LYS A 78 17.14 11.85 10.40
N HIS A 79 17.01 11.69 9.08
CA HIS A 79 17.77 10.67 8.38
C HIS A 79 17.05 9.32 8.51
N GLU A 80 16.78 8.95 9.75
CA GLU A 80 16.10 7.70 10.03
C GLU A 80 14.62 7.81 9.68
N HIS A 81 13.97 6.65 9.59
CA HIS A 81 12.56 6.59 9.26
C HIS A 81 11.97 5.29 9.78
N LYS A 82 12.64 4.20 9.47
CA LYS A 82 12.19 2.89 9.90
C LYS A 82 12.71 2.61 11.31
N SER A 83 12.41 3.54 12.20
CA SER A 83 12.83 3.40 13.59
C SER A 83 11.78 2.63 14.38
N ASP A 84 12.26 1.73 15.23
CA ASP A 84 11.39 0.92 16.05
C ASP A 84 10.48 1.83 16.86
N THR A 85 11.07 2.88 17.41
CA THR A 85 10.31 3.84 18.20
C THR A 85 9.25 4.54 17.35
N CYS A 86 9.45 4.45 16.04
CA CYS A 86 8.52 5.07 15.11
C CYS A 86 7.50 4.00 14.67
N ARG A 87 8.02 2.82 14.39
CA ARG A 87 7.18 1.72 13.97
C ARG A 87 6.13 1.39 15.04
N ALA A 88 6.56 1.57 16.29
CA ALA A 88 5.67 1.30 17.42
C ALA A 88 4.60 2.39 17.49
N CYS A 89 4.99 3.59 17.09
CA CYS A 89 4.08 4.73 17.11
C CYS A 89 3.07 4.54 15.97
N MET A 90 3.59 4.45 14.76
CA MET A 90 2.75 4.27 13.59
C MET A 90 1.88 3.01 13.73
N LYS A 91 2.37 2.09 14.54
CA LYS A 91 1.66 0.84 14.76
C LYS A 91 0.54 1.07 15.78
N THR A 92 0.54 2.27 16.36
CA THR A 92 -0.45 2.62 17.35
C THR A 92 -1.68 3.24 16.67
N ASN A 93 -1.42 4.10 15.71
CA ASN A 93 -2.49 4.75 14.97
C ASN A 93 -2.43 4.33 13.51
N CYS A 94 -1.28 4.53 12.91
CA CYS A 94 -1.08 4.16 11.51
C CYS A 94 -1.08 2.64 11.41
N LYS A 95 -2.23 2.06 11.71
CA LYS A 95 -2.38 0.62 11.66
C LYS A 95 -1.23 -0.04 12.42
N ILE A 1 -15.52 2.86 18.73
CA ILE A 1 -14.15 2.86 18.23
C ILE A 1 -13.74 4.29 17.91
N SER A 2 -12.55 4.64 18.38
CA SER A 2 -12.01 5.98 18.15
C SER A 2 -10.68 5.90 17.42
N GLU A 3 -9.78 5.09 17.97
CA GLU A 3 -8.46 4.91 17.40
C GLU A 3 -7.96 3.49 17.64
N PHE A 4 -7.91 2.72 16.57
CA PHE A 4 -7.45 1.34 16.66
C PHE A 4 -7.25 0.73 15.27
N ALA A 5 -6.29 -0.16 15.18
CA ALA A 5 -5.99 -0.82 13.91
C ALA A 5 -5.12 0.10 13.06
N PRO A 6 -4.34 -0.53 12.15
CA PRO A 6 -3.46 0.21 11.26
C PRO A 6 -4.27 0.91 10.16
N VAL A 7 -3.68 1.98 9.64
CA VAL A 7 -4.32 2.74 8.57
C VAL A 7 -4.18 1.99 7.25
N ASP A 8 -3.00 2.10 6.67
CA ASP A 8 -2.72 1.44 5.41
C ASP A 8 -3.40 2.20 4.27
N CYS A 9 -2.60 2.65 3.32
CA CYS A 9 -3.11 3.39 2.19
C CYS A 9 -3.72 2.39 1.20
N LYS A 10 -4.82 1.79 1.62
CA LYS A 10 -5.51 0.81 0.79
C LYS A 10 -6.67 1.50 0.07
N GLY A 11 -7.74 1.72 0.79
CA GLY A 11 -8.92 2.37 0.23
C GLY A 11 -8.66 3.85 -0.03
N GLN A 12 -7.48 4.29 0.39
CA GLN A 12 -7.10 5.68 0.21
C GLN A 12 -6.25 5.84 -1.06
N CYS A 13 -5.60 4.75 -1.44
CA CYS A 13 -4.76 4.76 -2.62
C CYS A 13 -5.49 4.02 -3.74
N THR A 14 -6.62 4.59 -4.14
CA THR A 14 -7.42 3.99 -5.19
C THR A 14 -7.09 4.63 -6.55
N THR A 15 -6.94 5.94 -6.52
CA THR A 15 -6.63 6.70 -7.72
C THR A 15 -5.26 6.28 -8.27
N PRO A 16 -4.28 6.18 -7.33
CA PRO A 16 -2.92 5.80 -7.71
C PRO A 16 -2.85 4.30 -8.00
N CYS A 17 -3.78 3.57 -7.40
CA CYS A 17 -3.82 2.12 -7.59
C CYS A 17 -5.11 1.77 -8.34
N GLU A 18 -5.54 2.71 -9.18
CA GLU A 18 -6.76 2.50 -9.96
C GLU A 18 -6.47 1.58 -11.14
N PRO A 19 -5.39 1.92 -11.90
CA PRO A 19 -5.01 1.12 -13.05
C PRO A 19 -4.35 -0.19 -12.62
N LEU A 20 -3.55 -0.10 -11.56
CA LEU A 20 -2.86 -1.27 -11.05
C LEU A 20 -3.89 -2.36 -10.73
N THR A 21 -4.80 -2.02 -9.83
CA THR A 21 -5.84 -2.96 -9.43
C THR A 21 -6.53 -3.55 -10.65
N ALA A 22 -6.94 -2.66 -11.55
CA ALA A 22 -7.61 -3.09 -12.77
C ALA A 22 -6.72 -4.08 -13.52
N CYS A 23 -5.42 -3.93 -13.32
CA CYS A 23 -4.46 -4.80 -13.97
C CYS A 23 -4.59 -6.20 -13.36
N LYS A 24 -4.31 -6.28 -12.07
CA LYS A 24 -4.39 -7.55 -11.37
C LYS A 24 -5.74 -8.20 -11.67
N GLU A 25 -6.79 -7.41 -11.55
CA GLU A 25 -8.13 -7.89 -11.80
C GLU A 25 -8.21 -8.56 -13.17
N LYS A 26 -8.08 -7.73 -14.20
CA LYS A 26 -8.12 -8.23 -15.57
C LYS A 26 -7.38 -9.57 -15.64
N CYS A 27 -6.26 -9.64 -14.93
CA CYS A 27 -5.45 -10.84 -14.91
C CYS A 27 -6.26 -11.95 -14.22
N ALA A 28 -6.64 -11.67 -12.99
CA ALA A 28 -7.41 -12.63 -12.22
C ALA A 28 -8.47 -13.27 -13.11
N GLU A 29 -9.24 -12.43 -13.78
CA GLU A 29 -10.28 -12.89 -14.68
C GLU A 29 -9.72 -13.92 -15.66
N SER A 30 -8.70 -13.49 -16.39
CA SER A 30 -8.06 -14.35 -17.37
C SER A 30 -7.44 -15.56 -16.67
N CYS A 31 -7.13 -15.37 -15.39
CA CYS A 31 -6.53 -16.44 -14.61
C CYS A 31 -7.59 -16.97 -13.64
N GLU A 32 -8.75 -17.31 -14.20
CA GLU A 32 -9.85 -17.82 -13.40
C GLU A 32 -9.59 -19.29 -13.04
N THR A 33 -9.17 -20.05 -14.04
CA THR A 33 -8.88 -21.45 -13.85
C THR A 33 -7.53 -21.82 -14.45
N SER A 34 -6.48 -21.27 -13.85
CA SER A 34 -5.13 -21.53 -14.31
C SER A 34 -4.38 -22.37 -13.28
N ALA A 35 -3.43 -23.15 -13.78
CA ALA A 35 -2.64 -24.02 -12.93
C ALA A 35 -2.25 -23.25 -11.67
N ASP A 36 -1.38 -22.26 -11.86
CA ASP A 36 -0.91 -21.44 -10.75
C ASP A 36 -1.53 -20.05 -10.86
N LYS A 37 -2.67 -19.89 -10.23
CA LYS A 37 -3.37 -18.61 -10.24
C LYS A 37 -2.43 -17.51 -9.75
N LYS A 38 -1.76 -17.80 -8.65
CA LYS A 38 -0.83 -16.86 -8.07
C LYS A 38 0.19 -16.43 -9.12
N THR A 39 0.98 -17.40 -9.57
CA THR A 39 1.99 -17.13 -10.59
C THR A 39 1.37 -16.39 -11.77
N CYS A 40 0.23 -16.91 -12.23
CA CYS A 40 -0.45 -16.32 -13.36
C CYS A 40 -0.54 -14.80 -13.13
N ARG A 41 -1.26 -14.43 -12.09
CA ARG A 41 -1.42 -13.03 -11.75
C ARG A 41 -0.05 -12.39 -11.49
N ARG A 42 0.70 -13.02 -10.59
CA ARG A 42 2.02 -12.52 -10.24
C ARG A 42 2.77 -12.08 -11.50
N ASN A 43 3.00 -13.05 -12.37
CA ASN A 43 3.70 -12.77 -13.62
C ASN A 43 2.96 -11.68 -14.39
N CYS A 44 1.66 -11.64 -14.20
CA CYS A 44 0.83 -10.64 -14.86
C CYS A 44 1.17 -9.27 -14.30
N LYS A 45 1.70 -9.28 -13.08
CA LYS A 45 2.08 -8.04 -12.41
C LYS A 45 3.20 -7.37 -13.19
N LYS A 46 4.13 -8.20 -13.67
CA LYS A 46 5.25 -7.69 -14.44
C LYS A 46 4.91 -7.71 -15.93
N ALA A 47 3.82 -8.40 -16.24
CA ALA A 47 3.37 -8.51 -17.62
C ALA A 47 3.10 -7.11 -18.17
N ASP A 48 2.21 -6.39 -17.50
CA ASP A 48 1.86 -5.05 -17.91
C ASP A 48 1.27 -4.30 -16.71
N CYS A 49 1.93 -4.45 -15.57
CA CYS A 49 1.48 -3.80 -14.35
C CYS A 49 2.72 -3.38 -13.55
N GLU A 50 3.84 -3.31 -14.25
CA GLU A 50 5.09 -2.92 -13.62
C GLU A 50 5.05 -1.45 -13.18
N PRO A 51 4.63 -0.59 -14.14
CA PRO A 51 4.54 0.83 -13.88
C PRO A 51 3.31 1.15 -13.01
N GLN A 52 2.23 0.44 -13.30
CA GLN A 52 0.99 0.64 -12.56
C GLN A 52 1.22 0.33 -11.07
N ASP A 53 1.88 -0.79 -10.82
CA ASP A 53 2.16 -1.19 -9.46
C ASP A 53 3.02 -0.13 -8.77
N LYS A 54 3.92 0.45 -9.56
CA LYS A 54 4.81 1.47 -9.05
C LYS A 54 3.99 2.68 -8.59
N VAL A 55 3.28 3.26 -9.56
CA VAL A 55 2.44 4.42 -9.27
C VAL A 55 1.68 4.19 -7.96
N CYS A 56 1.44 2.92 -7.67
CA CYS A 56 0.73 2.55 -6.46
C CYS A 56 1.75 2.43 -5.32
N ASP A 57 2.69 1.52 -5.51
CA ASP A 57 3.73 1.30 -4.52
C ASP A 57 4.17 2.64 -3.93
N ALA A 58 4.14 3.65 -4.78
CA ALA A 58 4.52 4.99 -4.36
C ALA A 58 3.52 5.52 -3.33
N CYS A 59 2.26 5.52 -3.73
CA CYS A 59 1.20 5.98 -2.87
C CYS A 59 1.33 5.27 -1.52
N ARG A 60 1.89 4.07 -1.57
CA ARG A 60 2.09 3.27 -0.37
C ARG A 60 3.35 3.73 0.37
N MET A 61 4.29 4.27 -0.40
CA MET A 61 5.54 4.73 0.15
C MET A 61 5.40 6.15 0.73
N LYS A 62 4.28 6.77 0.40
CA LYS A 62 4.00 8.11 0.87
C LYS A 62 3.12 8.04 2.12
N CYS A 63 1.95 7.44 1.94
CA CYS A 63 1.01 7.30 3.05
C CYS A 63 1.77 6.80 4.27
N HIS A 64 2.68 5.87 4.02
CA HIS A 64 3.49 5.30 5.09
C HIS A 64 4.08 6.43 5.94
N LYS A 65 4.90 7.24 5.30
CA LYS A 65 5.53 8.36 5.97
C LYS A 65 4.46 9.33 6.47
N ALA A 66 3.43 9.48 5.65
CA ALA A 66 2.33 10.38 5.98
C ALA A 66 1.74 9.97 7.33
N CYS A 67 1.26 8.74 7.39
CA CYS A 67 0.67 8.22 8.61
C CYS A 67 1.62 8.51 9.76
N ARG A 68 2.90 8.22 9.53
CA ARG A 68 3.91 8.45 10.54
C ARG A 68 3.92 9.91 10.97
N ALA A 69 3.88 10.80 9.98
CA ALA A 69 3.88 12.23 10.25
C ALA A 69 2.46 12.67 10.58
N ALA A 70 1.56 11.69 10.65
CA ALA A 70 0.17 11.97 10.97
C ALA A 70 -0.04 11.85 12.47
N ASN A 71 0.01 10.63 12.95
CA ASN A 71 -0.17 10.35 14.37
C ASN A 71 1.19 10.41 15.07
N CYS A 72 2.12 9.62 14.57
CA CYS A 72 3.45 9.56 15.14
C CYS A 72 4.16 10.87 14.80
N ALA A 73 3.61 11.96 15.30
CA ALA A 73 4.18 13.28 15.05
C ALA A 73 5.21 13.59 16.13
N SER A 74 4.95 13.05 17.32
CA SER A 74 5.85 13.27 18.44
C SER A 74 6.85 12.13 18.53
N GLU A 75 6.32 10.91 18.51
CA GLU A 75 7.16 9.72 18.59
C GLU A 75 8.34 9.83 17.62
N CYS A 76 8.12 10.63 16.57
CA CYS A 76 9.15 10.82 15.57
C CYS A 76 9.55 12.30 15.57
N PRO A 77 10.70 12.59 16.23
CA PRO A 77 11.20 13.95 16.31
C PRO A 77 11.81 14.40 14.98
N LYS A 78 12.03 15.70 14.88
CA LYS A 78 12.59 16.26 13.66
C LYS A 78 14.11 16.39 13.83
N HIS A 79 14.74 15.25 14.12
CA HIS A 79 16.17 15.23 14.30
C HIS A 79 16.65 13.78 14.37
N GLU A 80 16.04 12.95 13.54
CA GLU A 80 16.39 11.54 13.48
C GLU A 80 16.04 10.95 12.11
N HIS A 81 16.28 9.64 11.98
CA HIS A 81 15.99 8.96 10.74
C HIS A 81 14.94 7.87 10.98
N LYS A 82 15.20 7.08 12.01
CA LYS A 82 14.29 5.99 12.37
C LYS A 82 14.50 5.62 13.83
N SER A 83 13.91 6.43 14.71
CA SER A 83 14.02 6.19 16.13
C SER A 83 13.23 4.94 16.52
N ASP A 84 13.65 4.32 17.62
CA ASP A 84 13.00 3.12 18.09
C ASP A 84 11.52 3.43 18.35
N THR A 85 11.28 4.30 19.30
CA THR A 85 9.92 4.69 19.65
C THR A 85 9.12 5.02 18.38
N CYS A 86 9.83 5.53 17.39
CA CYS A 86 9.21 5.90 16.13
C CYS A 86 8.85 4.60 15.39
N ARG A 87 9.87 3.84 15.05
CA ARG A 87 9.68 2.59 14.34
C ARG A 87 8.53 1.80 14.96
N ALA A 88 8.48 1.84 16.29
CA ALA A 88 7.43 1.13 17.01
C ALA A 88 6.10 1.85 16.82
N CYS A 89 6.11 3.15 17.12
CA CYS A 89 4.91 3.95 16.98
C CYS A 89 4.26 3.60 15.64
N MET A 90 5.10 3.44 14.62
CA MET A 90 4.60 3.11 13.30
C MET A 90 4.09 1.67 13.24
N LYS A 91 5.00 0.74 13.52
CA LYS A 91 4.65 -0.67 13.51
C LYS A 91 3.40 -0.89 14.37
N THR A 92 3.21 0.01 15.32
CA THR A 92 2.07 -0.07 16.22
C THR A 92 0.76 0.15 15.43
N ASN A 93 0.68 1.31 14.80
CA ASN A 93 -0.49 1.65 14.02
C ASN A 93 -0.07 1.99 12.58
N CYS A 94 0.70 3.07 12.47
CA CYS A 94 1.17 3.51 11.17
C CYS A 94 2.19 2.47 10.66
N LYS A 95 1.65 1.32 10.26
CA LYS A 95 2.49 0.25 9.75
C LYS A 95 3.56 0.83 8.85
N ILE A 1 -9.55 13.96 10.92
CA ILE A 1 -10.75 13.73 10.14
C ILE A 1 -11.26 12.30 10.40
N SER A 2 -10.44 11.33 10.01
CA SER A 2 -10.79 9.94 10.19
C SER A 2 -11.25 9.70 11.63
N GLU A 3 -12.50 9.31 11.76
CA GLU A 3 -13.07 9.04 13.07
C GLU A 3 -12.55 7.70 13.62
N PHE A 4 -11.72 7.81 14.66
CA PHE A 4 -11.15 6.62 15.27
C PHE A 4 -10.44 5.76 14.24
N ALA A 5 -9.79 4.72 14.73
CA ALA A 5 -9.06 3.80 13.87
C ALA A 5 -7.93 4.56 13.18
N PRO A 6 -6.81 3.83 12.95
CA PRO A 6 -5.64 4.41 12.29
C PRO A 6 -5.89 4.59 10.78
N VAL A 7 -5.29 5.63 10.24
CA VAL A 7 -5.43 5.91 8.82
C VAL A 7 -5.12 4.65 8.01
N ASP A 8 -5.77 4.54 6.87
CA ASP A 8 -5.58 3.39 6.01
C ASP A 8 -4.65 3.79 4.86
N CYS A 9 -4.15 2.77 4.16
CA CYS A 9 -3.26 2.98 3.05
C CYS A 9 -3.70 2.08 1.89
N LYS A 10 -3.91 0.81 2.22
CA LYS A 10 -4.33 -0.17 1.23
C LYS A 10 -5.54 0.38 0.48
N GLY A 11 -6.57 0.72 1.24
CA GLY A 11 -7.80 1.25 0.66
C GLY A 11 -7.55 2.62 0.03
N GLN A 12 -7.02 3.51 0.83
CA GLN A 12 -6.73 4.87 0.37
C GLN A 12 -6.08 4.82 -1.02
N CYS A 13 -5.21 3.84 -1.19
CA CYS A 13 -4.51 3.69 -2.46
C CYS A 13 -5.49 3.07 -3.47
N THR A 14 -6.38 3.92 -3.97
CA THR A 14 -7.36 3.47 -4.94
C THR A 14 -7.15 4.17 -6.28
N THR A 15 -6.89 5.47 -6.21
CA THR A 15 -6.67 6.26 -7.41
C THR A 15 -5.28 5.95 -7.99
N PRO A 16 -4.27 5.91 -7.08
CA PRO A 16 -2.91 5.64 -7.49
C PRO A 16 -2.73 4.15 -7.81
N CYS A 17 -3.55 3.32 -7.19
CA CYS A 17 -3.49 1.89 -7.39
C CYS A 17 -4.74 1.47 -8.19
N GLU A 18 -5.33 2.45 -8.87
CA GLU A 18 -6.51 2.20 -9.67
C GLU A 18 -6.13 1.43 -10.94
N PRO A 19 -5.10 1.94 -11.63
CA PRO A 19 -4.63 1.31 -12.86
C PRO A 19 -3.85 0.04 -12.56
N LEU A 20 -3.66 -0.22 -11.28
CA LEU A 20 -2.94 -1.40 -10.84
C LEU A 20 -3.93 -2.54 -10.57
N THR A 21 -4.79 -2.31 -9.60
CA THR A 21 -5.79 -3.30 -9.23
C THR A 21 -6.48 -3.85 -10.49
N ALA A 22 -7.00 -2.92 -11.29
CA ALA A 22 -7.68 -3.30 -12.51
C ALA A 22 -6.79 -4.24 -13.32
N CYS A 23 -5.49 -3.99 -13.27
CA CYS A 23 -4.53 -4.81 -13.98
C CYS A 23 -4.58 -6.22 -13.40
N LYS A 24 -4.30 -6.31 -12.11
CA LYS A 24 -4.31 -7.60 -11.43
C LYS A 24 -5.66 -8.28 -11.66
N GLU A 25 -6.72 -7.51 -11.46
CA GLU A 25 -8.06 -8.03 -11.64
C GLU A 25 -8.22 -8.61 -13.04
N LYS A 26 -8.19 -7.73 -14.03
CA LYS A 26 -8.33 -8.14 -15.41
C LYS A 26 -7.55 -9.44 -15.64
N CYS A 27 -6.33 -9.45 -15.12
CA CYS A 27 -5.47 -10.61 -15.26
C CYS A 27 -6.12 -11.78 -14.50
N ALA A 28 -6.44 -11.50 -13.24
CA ALA A 28 -7.06 -12.51 -12.40
C ALA A 28 -8.16 -13.23 -13.19
N GLU A 29 -9.01 -12.43 -13.82
CA GLU A 29 -10.11 -12.98 -14.60
C GLU A 29 -9.56 -13.96 -15.65
N SER A 30 -8.67 -13.45 -16.48
CA SER A 30 -8.08 -14.27 -17.53
C SER A 30 -7.30 -15.43 -16.90
N CYS A 31 -6.94 -15.26 -15.64
CA CYS A 31 -6.21 -16.27 -14.91
C CYS A 31 -7.15 -16.94 -13.91
N GLU A 32 -8.30 -17.36 -14.41
CA GLU A 32 -9.29 -18.00 -13.56
C GLU A 32 -9.09 -19.51 -13.58
N THR A 33 -9.13 -20.08 -14.78
CA THR A 33 -8.96 -21.51 -14.93
C THR A 33 -7.48 -21.89 -14.73
N SER A 34 -6.62 -20.94 -15.00
CA SER A 34 -5.19 -21.16 -14.85
C SER A 34 -4.89 -21.79 -13.48
N ALA A 35 -4.39 -23.01 -13.54
CA ALA A 35 -4.06 -23.73 -12.31
C ALA A 35 -3.30 -22.80 -11.37
N ASP A 36 -2.09 -22.46 -11.78
CA ASP A 36 -1.24 -21.58 -10.98
C ASP A 36 -1.76 -20.14 -11.11
N LYS A 37 -2.79 -19.85 -10.34
CA LYS A 37 -3.38 -18.51 -10.36
C LYS A 37 -2.35 -17.50 -9.87
N LYS A 38 -1.89 -17.72 -8.64
CA LYS A 38 -0.91 -16.84 -8.04
C LYS A 38 0.15 -16.47 -9.08
N THR A 39 0.83 -17.50 -9.58
CA THR A 39 1.86 -17.31 -10.58
C THR A 39 1.36 -16.38 -11.68
N CYS A 40 0.16 -16.67 -12.16
CA CYS A 40 -0.44 -15.87 -13.22
C CYS A 40 -0.63 -14.44 -12.70
N ARG A 41 -1.27 -14.36 -11.54
CA ARG A 41 -1.52 -13.06 -10.92
C ARG A 41 -0.21 -12.27 -10.81
N ARG A 42 0.88 -13.01 -10.66
CA ARG A 42 2.18 -12.39 -10.54
C ARG A 42 2.70 -11.95 -11.91
N ASN A 43 2.70 -12.91 -12.83
CA ASN A 43 3.17 -12.64 -14.18
C ASN A 43 2.52 -11.35 -14.70
N CYS A 44 1.28 -11.14 -14.28
CA CYS A 44 0.54 -9.96 -14.68
C CYS A 44 1.42 -8.73 -14.42
N LYS A 45 2.04 -8.73 -13.25
CA LYS A 45 2.90 -7.63 -12.86
C LYS A 45 3.90 -7.34 -13.99
N LYS A 46 4.25 -8.40 -14.71
CA LYS A 46 5.18 -8.28 -15.82
C LYS A 46 4.40 -8.06 -17.12
N ALA A 47 3.16 -8.53 -17.12
CA ALA A 47 2.31 -8.40 -18.29
C ALA A 47 2.25 -6.93 -18.69
N ASP A 48 1.77 -6.11 -17.76
CA ASP A 48 1.65 -4.69 -18.02
C ASP A 48 1.09 -3.99 -16.76
N CYS A 49 1.76 -4.23 -15.66
CA CYS A 49 1.35 -3.64 -14.39
C CYS A 49 2.60 -3.27 -13.60
N GLU A 50 3.70 -3.15 -14.32
CA GLU A 50 4.97 -2.80 -13.70
C GLU A 50 4.94 -1.34 -13.22
N PRO A 51 4.52 -0.44 -14.15
CA PRO A 51 4.45 0.97 -13.83
C PRO A 51 3.24 1.27 -12.94
N GLN A 52 2.23 0.42 -13.06
CA GLN A 52 1.02 0.59 -12.27
C GLN A 52 1.27 0.19 -10.82
N ASP A 53 1.87 -0.98 -10.66
CA ASP A 53 2.18 -1.48 -9.32
C ASP A 53 3.14 -0.52 -8.63
N LYS A 54 4.13 -0.08 -9.39
CA LYS A 54 5.12 0.85 -8.85
C LYS A 54 4.41 2.05 -8.23
N VAL A 55 3.54 2.66 -9.04
CA VAL A 55 2.79 3.83 -8.58
C VAL A 55 2.13 3.50 -7.24
N CYS A 56 1.79 2.23 -7.07
CA CYS A 56 1.15 1.79 -5.84
C CYS A 56 2.20 1.81 -4.72
N ASP A 57 3.43 1.49 -5.09
CA ASP A 57 4.52 1.49 -4.13
C ASP A 57 4.71 2.89 -3.55
N ALA A 58 4.86 3.85 -4.45
CA ALA A 58 5.04 5.24 -4.04
C ALA A 58 3.85 5.67 -3.18
N CYS A 59 2.72 5.03 -3.43
CA CYS A 59 1.51 5.34 -2.68
C CYS A 59 1.66 4.78 -1.26
N ARG A 60 1.90 3.49 -1.20
CA ARG A 60 2.06 2.82 0.08
C ARG A 60 3.24 3.42 0.85
N MET A 61 4.17 3.99 0.08
CA MET A 61 5.35 4.61 0.67
C MET A 61 5.02 5.98 1.25
N LYS A 62 4.36 6.79 0.42
CA LYS A 62 3.99 8.13 0.85
C LYS A 62 2.96 8.04 1.98
N CYS A 63 1.89 7.32 1.71
CA CYS A 63 0.84 7.14 2.69
C CYS A 63 1.49 6.90 4.06
N HIS A 64 2.28 5.83 4.12
CA HIS A 64 2.96 5.49 5.35
C HIS A 64 3.53 6.76 6.00
N LYS A 65 4.53 7.32 5.36
CA LYS A 65 5.17 8.53 5.85
C LYS A 65 4.08 9.56 6.20
N ALA A 66 3.08 9.63 5.33
CA ALA A 66 1.99 10.57 5.51
C ALA A 66 1.31 10.27 6.85
N CYS A 67 1.08 8.99 7.09
CA CYS A 67 0.43 8.56 8.32
C CYS A 67 1.39 8.83 9.49
N ARG A 68 2.64 8.48 9.28
CA ARG A 68 3.66 8.67 10.29
C ARG A 68 3.68 10.13 10.74
N ALA A 69 3.95 11.01 9.79
CA ALA A 69 4.00 12.44 10.08
C ALA A 69 2.64 12.90 10.58
N ALA A 70 1.60 12.36 9.97
CA ALA A 70 0.24 12.71 10.35
C ALA A 70 -0.04 12.19 11.76
N ASN A 71 -0.48 10.93 11.83
CA ASN A 71 -0.78 10.32 13.11
C ASN A 71 0.32 10.67 14.11
N CYS A 72 1.49 10.11 13.87
CA CYS A 72 2.63 10.36 14.75
C CYS A 72 3.21 11.73 14.40
N ALA A 73 2.56 12.77 14.91
CA ALA A 73 3.01 14.13 14.65
C ALA A 73 3.88 14.59 15.82
N SER A 74 3.35 14.43 17.03
CA SER A 74 4.07 14.83 18.22
C SER A 74 4.77 13.61 18.84
N GLU A 75 5.20 12.72 17.96
CA GLU A 75 5.88 11.51 18.42
C GLU A 75 7.27 11.41 17.76
N CYS A 76 7.31 11.77 16.49
CA CYS A 76 8.55 11.73 15.74
C CYS A 76 9.14 13.13 15.71
N PRO A 77 10.27 13.30 16.46
CA PRO A 77 10.94 14.59 16.51
C PRO A 77 11.72 14.86 15.24
N LYS A 78 12.63 15.82 15.33
CA LYS A 78 13.45 16.18 14.18
C LYS A 78 14.87 15.67 14.39
N HIS A 79 15.59 15.56 13.28
CA HIS A 79 16.97 15.08 13.32
C HIS A 79 17.04 13.81 14.18
N GLU A 80 16.36 12.78 13.71
CA GLU A 80 16.34 11.51 14.41
C GLU A 80 16.10 10.35 13.44
N HIS A 81 16.56 9.18 13.82
CA HIS A 81 16.41 8.00 12.99
C HIS A 81 15.25 7.16 13.51
N LYS A 82 14.04 7.59 13.18
CA LYS A 82 12.84 6.90 13.60
C LYS A 82 12.98 6.52 15.08
N SER A 83 12.54 7.44 15.94
CA SER A 83 12.60 7.22 17.36
C SER A 83 11.70 6.05 17.75
N ASP A 84 11.92 5.55 18.96
CA ASP A 84 11.12 4.44 19.47
C ASP A 84 9.67 4.87 19.60
N THR A 85 9.49 6.02 20.24
CA THR A 85 8.15 6.56 20.45
C THR A 85 7.40 6.65 19.11
N CYS A 86 8.13 7.05 18.09
CA CYS A 86 7.55 7.18 16.76
C CYS A 86 7.15 5.79 16.27
N ARG A 87 8.17 4.96 16.07
CA ARG A 87 7.94 3.60 15.60
C ARG A 87 6.91 2.90 16.49
N ALA A 88 6.86 3.34 17.73
CA ALA A 88 5.92 2.76 18.69
C ALA A 88 4.52 3.33 18.42
N CYS A 89 4.47 4.64 18.20
CA CYS A 89 3.21 5.30 17.93
C CYS A 89 2.58 4.66 16.69
N MET A 90 3.30 4.76 15.59
CA MET A 90 2.83 4.20 14.33
C MET A 90 2.30 2.78 14.53
N LYS A 91 2.82 2.13 15.56
CA LYS A 91 2.41 0.76 15.87
C LYS A 91 0.88 0.69 15.87
N THR A 92 0.28 1.46 16.76
CA THR A 92 -1.17 1.48 16.88
C THR A 92 -1.75 2.68 16.12
N ASN A 93 -0.85 3.62 15.81
CA ASN A 93 -1.26 4.82 15.08
C ASN A 93 -0.87 4.68 13.61
N CYS A 94 -0.88 3.44 13.14
CA CYS A 94 -0.53 3.17 11.77
C CYS A 94 -0.56 1.65 11.56
N LYS A 95 -1.70 1.17 11.06
CA LYS A 95 -1.87 -0.25 10.81
C LYS A 95 -0.58 -0.81 10.21
N ILE A 1 -20.41 6.89 17.33
CA ILE A 1 -19.52 5.83 16.89
C ILE A 1 -18.08 6.34 16.92
N SER A 2 -17.18 5.46 17.35
CA SER A 2 -15.78 5.81 17.43
C SER A 2 -14.93 4.69 16.82
N GLU A 3 -14.38 4.98 15.65
CA GLU A 3 -13.55 4.01 14.95
C GLU A 3 -12.21 3.86 15.67
N PHE A 4 -11.45 2.86 15.22
CA PHE A 4 -10.15 2.60 15.82
C PHE A 4 -9.40 1.54 15.02
N ALA A 5 -8.39 1.98 14.28
CA ALA A 5 -7.59 1.08 13.48
C ALA A 5 -6.48 1.88 12.79
N PRO A 6 -5.35 1.17 12.51
CA PRO A 6 -4.21 1.79 11.86
C PRO A 6 -4.49 2.01 10.37
N VAL A 7 -3.62 2.79 9.74
CA VAL A 7 -3.76 3.07 8.33
C VAL A 7 -2.72 2.27 7.54
N ASP A 8 -2.99 2.10 6.26
CA ASP A 8 -2.08 1.35 5.40
C ASP A 8 -2.34 1.74 3.94
N CYS A 9 -2.66 3.00 3.74
CA CYS A 9 -2.93 3.51 2.40
C CYS A 9 -3.88 2.51 1.71
N LYS A 10 -4.85 2.03 2.47
CA LYS A 10 -5.81 1.09 1.93
C LYS A 10 -6.91 1.84 1.19
N GLY A 11 -7.45 2.85 1.86
CA GLY A 11 -8.50 3.66 1.26
C GLY A 11 -7.92 4.90 0.58
N GLN A 12 -6.60 5.01 0.64
CA GLN A 12 -5.91 6.14 0.04
C GLN A 12 -5.15 5.70 -1.21
N CYS A 13 -5.29 4.41 -1.51
CA CYS A 13 -4.62 3.85 -2.68
C CYS A 13 -5.70 3.38 -3.67
N THR A 14 -6.45 4.34 -4.18
CA THR A 14 -7.50 4.04 -5.13
C THR A 14 -7.19 4.67 -6.49
N THR A 15 -6.81 5.94 -6.45
CA THR A 15 -6.49 6.66 -7.67
C THR A 15 -5.12 6.23 -8.20
N PRO A 16 -4.13 6.17 -7.26
CA PRO A 16 -2.78 5.77 -7.62
C PRO A 16 -2.70 4.27 -7.85
N CYS A 17 -3.79 3.59 -7.52
CA CYS A 17 -3.86 2.14 -7.69
C CYS A 17 -5.12 1.81 -8.49
N GLU A 18 -5.68 2.83 -9.10
CA GLU A 18 -6.88 2.66 -9.90
C GLU A 18 -6.58 1.82 -11.13
N PRO A 19 -5.56 2.27 -11.91
CA PRO A 19 -5.16 1.57 -13.12
C PRO A 19 -4.38 0.30 -12.78
N LEU A 20 -3.64 0.37 -11.68
CA LEU A 20 -2.85 -0.76 -11.24
C LEU A 20 -3.77 -1.93 -10.88
N THR A 21 -4.66 -1.67 -9.93
CA THR A 21 -5.61 -2.69 -9.49
C THR A 21 -6.33 -3.29 -10.69
N ALA A 22 -6.88 -2.40 -11.52
CA ALA A 22 -7.61 -2.83 -12.70
C ALA A 22 -6.76 -3.84 -13.48
N CYS A 23 -5.46 -3.57 -13.50
CA CYS A 23 -4.53 -4.45 -14.19
C CYS A 23 -4.50 -5.80 -13.48
N LYS A 24 -4.27 -5.73 -12.18
CA LYS A 24 -4.20 -6.93 -11.36
C LYS A 24 -5.53 -7.69 -11.50
N GLU A 25 -6.62 -6.95 -11.39
CA GLU A 25 -7.94 -7.54 -11.49
C GLU A 25 -8.08 -8.30 -12.81
N LYS A 26 -8.07 -7.52 -13.89
CA LYS A 26 -8.20 -8.09 -15.22
C LYS A 26 -7.40 -9.40 -15.29
N CYS A 27 -6.24 -9.38 -14.64
CA CYS A 27 -5.38 -10.55 -14.62
C CYS A 27 -6.06 -11.64 -13.78
N ALA A 28 -6.31 -11.30 -12.52
CA ALA A 28 -6.96 -12.24 -11.62
C ALA A 28 -8.10 -12.95 -12.34
N GLU A 29 -8.91 -12.15 -13.03
CA GLU A 29 -10.03 -12.69 -13.76
C GLU A 29 -9.56 -13.73 -14.78
N SER A 30 -8.61 -13.31 -15.61
CA SER A 30 -8.05 -14.19 -16.62
C SER A 30 -7.31 -15.36 -15.96
N CYS A 31 -6.97 -15.15 -14.70
CA CYS A 31 -6.26 -16.17 -13.94
C CYS A 31 -7.14 -16.58 -12.75
N GLU A 32 -8.32 -17.07 -13.06
CA GLU A 32 -9.25 -17.50 -12.05
C GLU A 32 -9.15 -19.00 -11.82
N THR A 33 -9.40 -19.75 -12.88
CA THR A 33 -9.33 -21.20 -12.82
C THR A 33 -7.87 -21.66 -12.85
N SER A 34 -6.98 -20.71 -13.09
CA SER A 34 -5.56 -21.00 -13.15
C SER A 34 -5.07 -21.50 -11.79
N ALA A 35 -4.65 -22.75 -11.77
CA ALA A 35 -4.15 -23.36 -10.54
C ALA A 35 -3.27 -22.34 -9.80
N ASP A 36 -2.13 -22.06 -10.41
CA ASP A 36 -1.19 -21.11 -9.82
C ASP A 36 -1.64 -19.68 -10.15
N LYS A 37 -2.55 -19.19 -9.34
CA LYS A 37 -3.08 -17.84 -9.53
C LYS A 37 -1.98 -16.83 -9.22
N LYS A 38 -1.39 -16.98 -8.04
CA LYS A 38 -0.33 -16.09 -7.61
C LYS A 38 0.65 -15.88 -8.76
N THR A 39 1.11 -17.00 -9.32
CA THR A 39 2.04 -16.95 -10.43
C THR A 39 1.37 -16.38 -11.67
N CYS A 40 0.30 -17.05 -12.09
CA CYS A 40 -0.44 -16.62 -13.26
C CYS A 40 -0.56 -15.10 -13.23
N ARG A 41 -1.09 -14.60 -12.13
CA ARG A 41 -1.27 -13.17 -11.96
C ARG A 41 0.08 -12.46 -12.05
N ARG A 42 1.02 -12.91 -11.22
CA ARG A 42 2.35 -12.33 -11.21
C ARG A 42 2.83 -12.08 -12.63
N ASN A 43 2.90 -13.16 -13.39
CA ASN A 43 3.35 -13.08 -14.77
C ASN A 43 2.54 -12.01 -15.50
N CYS A 44 1.29 -11.87 -15.10
CA CYS A 44 0.40 -10.90 -15.71
C CYS A 44 0.77 -9.52 -15.17
N LYS A 45 1.29 -9.51 -13.95
CA LYS A 45 1.69 -8.26 -13.32
C LYS A 45 2.88 -7.68 -14.07
N LYS A 46 3.67 -8.56 -14.65
CA LYS A 46 4.84 -8.14 -15.41
C LYS A 46 4.45 -7.93 -16.87
N ALA A 47 3.28 -8.44 -17.22
CA ALA A 47 2.79 -8.32 -18.58
C ALA A 47 2.70 -6.85 -18.95
N ASP A 48 1.89 -6.11 -18.20
CA ASP A 48 1.72 -4.69 -18.45
C ASP A 48 1.19 -4.02 -17.18
N CYS A 49 1.88 -4.28 -16.08
CA CYS A 49 1.48 -3.71 -14.80
C CYS A 49 2.74 -3.54 -13.95
N GLU A 50 3.85 -3.29 -14.62
CA GLU A 50 5.12 -3.12 -13.94
C GLU A 50 5.20 -1.71 -13.33
N PRO A 51 4.87 -0.69 -14.18
CA PRO A 51 4.90 0.69 -13.73
C PRO A 51 3.71 1.00 -12.83
N GLN A 52 2.65 0.22 -13.01
CA GLN A 52 1.44 0.40 -12.23
C GLN A 52 1.64 -0.15 -10.82
N ASP A 53 2.00 -1.43 -10.76
CA ASP A 53 2.22 -2.08 -9.49
C ASP A 53 3.20 -1.27 -8.66
N LYS A 54 4.09 -0.57 -9.36
CA LYS A 54 5.08 0.25 -8.69
C LYS A 54 4.40 1.49 -8.09
N VAL A 55 3.86 2.31 -8.98
CA VAL A 55 3.17 3.52 -8.55
C VAL A 55 2.34 3.22 -7.30
N CYS A 56 1.82 2.00 -7.27
CA CYS A 56 1.01 1.57 -6.14
C CYS A 56 1.85 1.66 -4.87
N ASP A 57 3.00 1.00 -4.91
CA ASP A 57 3.90 1.00 -3.77
C ASP A 57 4.15 2.44 -3.32
N ALA A 58 4.35 3.31 -4.31
CA ALA A 58 4.59 4.71 -4.02
C ALA A 58 3.51 5.23 -3.08
N CYS A 59 2.27 4.93 -3.43
CA CYS A 59 1.13 5.36 -2.63
C CYS A 59 1.36 4.91 -1.19
N ARG A 60 1.54 3.60 -1.04
CA ARG A 60 1.77 3.03 0.27
C ARG A 60 3.02 3.63 0.92
N MET A 61 4.00 3.93 0.07
CA MET A 61 5.24 4.51 0.53
C MET A 61 5.00 5.90 1.13
N LYS A 62 4.29 6.72 0.38
CA LYS A 62 3.99 8.07 0.83
C LYS A 62 3.11 8.01 2.07
N CYS A 63 2.14 7.10 2.02
CA CYS A 63 1.22 6.93 3.13
C CYS A 63 2.04 6.54 4.37
N HIS A 64 3.17 5.92 4.12
CA HIS A 64 4.05 5.50 5.20
C HIS A 64 4.55 6.73 5.97
N LYS A 65 4.94 7.75 5.22
CA LYS A 65 5.43 8.97 5.81
C LYS A 65 4.25 9.89 6.13
N ALA A 66 3.23 9.82 5.29
CA ALA A 66 2.05 10.64 5.48
C ALA A 66 1.27 10.12 6.70
N CYS A 67 1.44 8.83 6.96
CA CYS A 67 0.76 8.21 8.09
C CYS A 67 1.61 8.44 9.34
N ARG A 68 2.86 8.80 9.10
CA ARG A 68 3.79 9.04 10.20
C ARG A 68 3.52 10.41 10.83
N ALA A 69 3.11 11.35 9.98
CA ALA A 69 2.81 12.69 10.44
C ALA A 69 1.35 12.77 10.87
N ALA A 70 0.56 11.86 10.32
CA ALA A 70 -0.86 11.81 10.63
C ALA A 70 -1.05 11.21 12.02
N ASN A 71 -1.15 9.88 12.04
CA ASN A 71 -1.34 9.17 13.30
C ASN A 71 -0.25 9.58 14.28
N CYS A 72 0.97 9.13 14.00
CA CYS A 72 2.10 9.44 14.85
C CYS A 72 2.46 10.91 14.65
N ALA A 73 3.13 11.46 15.65
CA ALA A 73 3.54 12.86 15.59
C ALA A 73 4.45 13.17 16.77
N SER A 74 3.98 12.80 17.95
CA SER A 74 4.74 13.03 19.18
C SER A 74 5.89 12.02 19.28
N GLU A 75 5.59 10.80 18.85
CA GLU A 75 6.58 9.73 18.89
C GLU A 75 7.73 10.05 17.92
N CYS A 76 7.37 10.69 16.82
CA CYS A 76 8.36 11.06 15.81
C CYS A 76 8.51 12.57 15.81
N PRO A 77 9.63 13.04 16.44
CA PRO A 77 9.91 14.45 16.52
C PRO A 77 10.39 15.00 15.16
N LYS A 78 10.82 16.26 15.19
CA LYS A 78 11.30 16.90 13.97
C LYS A 78 12.83 16.83 13.95
N HIS A 79 13.34 15.60 13.95
CA HIS A 79 14.78 15.39 13.93
C HIS A 79 15.07 13.89 13.97
N GLU A 80 14.40 13.16 13.09
CA GLU A 80 14.59 11.72 13.01
C GLU A 80 13.83 11.15 11.80
N HIS A 81 14.35 10.04 11.30
CA HIS A 81 13.75 9.39 10.14
C HIS A 81 13.00 8.15 10.60
N LYS A 82 13.72 7.26 11.26
CA LYS A 82 13.15 6.02 11.75
C LYS A 82 13.51 5.84 13.23
N SER A 83 12.94 6.72 14.04
CA SER A 83 13.18 6.68 15.48
C SER A 83 12.61 5.39 16.07
N ASP A 84 13.24 4.95 17.15
CA ASP A 84 12.80 3.73 17.81
C ASP A 84 11.34 3.88 18.22
N THR A 85 11.09 4.83 19.12
CA THR A 85 9.74 5.07 19.59
C THR A 85 8.79 5.27 18.42
N CYS A 86 9.27 5.97 17.40
CA CYS A 86 8.48 6.23 16.21
C CYS A 86 8.06 4.89 15.61
N ARG A 87 9.07 4.12 15.20
CA ARG A 87 8.82 2.82 14.61
C ARG A 87 7.78 2.05 15.43
N ALA A 88 7.94 2.14 16.75
CA ALA A 88 7.04 1.45 17.65
C ALA A 88 5.62 1.98 17.44
N CYS A 89 5.53 3.29 17.33
CA CYS A 89 4.24 3.95 17.13
C CYS A 89 3.72 3.54 15.75
N MET A 90 4.50 3.86 14.73
CA MET A 90 4.13 3.55 13.37
C MET A 90 3.91 2.05 13.19
N LYS A 91 4.45 1.29 14.13
CA LYS A 91 4.31 -0.16 14.09
C LYS A 91 2.88 -0.54 14.43
N THR A 92 2.29 0.20 15.36
CA THR A 92 0.92 -0.05 15.78
C THR A 92 -0.02 0.98 15.15
N ASN A 93 0.25 2.24 15.46
CA ASN A 93 -0.56 3.33 14.95
C ASN A 93 -0.75 3.14 13.44
N CYS A 94 0.32 2.72 12.79
CA CYS A 94 0.29 2.50 11.35
C CYS A 94 0.90 1.13 11.06
N LYS A 95 1.65 1.07 9.97
CA LYS A 95 2.29 -0.17 9.57
C LYS A 95 3.80 0.07 9.41
#